data_4IJ0
# 
_entry.id   4IJ0 
# 
_audit_conform.dict_name       mmcif_pdbx.dic 
_audit_conform.dict_version    5.388 
_audit_conform.dict_location   http://mmcif.pdb.org/dictionaries/ascii/mmcif_pdbx.dic 
# 
loop_
_database_2.database_id 
_database_2.database_code 
_database_2.pdbx_database_accession 
_database_2.pdbx_DOI 
PDB   4IJ0         pdb_00004ij0 10.2210/pdb4ij0/pdb 
NDB   NA2177       ?            ?                   
RCSB  RCSB076812   ?            ?                   
WWPDB D_1000076812 ?            ?                   
# 
loop_
_pdbx_audit_revision_history.ordinal 
_pdbx_audit_revision_history.data_content_type 
_pdbx_audit_revision_history.major_revision 
_pdbx_audit_revision_history.minor_revision 
_pdbx_audit_revision_history.revision_date 
1 'Structure model' 1 0 2013-05-08 
2 'Structure model' 1 1 2014-03-19 
3 'Structure model' 1 2 2024-03-20 
# 
_pdbx_audit_revision_details.ordinal             1 
_pdbx_audit_revision_details.revision_ordinal    1 
_pdbx_audit_revision_details.data_content_type   'Structure model' 
_pdbx_audit_revision_details.provider            repository 
_pdbx_audit_revision_details.type                'Initial release' 
_pdbx_audit_revision_details.description         ? 
_pdbx_audit_revision_details.details             ? 
# 
loop_
_pdbx_audit_revision_group.ordinal 
_pdbx_audit_revision_group.revision_ordinal 
_pdbx_audit_revision_group.data_content_type 
_pdbx_audit_revision_group.group 
1 2 'Structure model' 'Database references'  
2 3 'Structure model' 'Data collection'      
3 3 'Structure model' 'Database references'  
4 3 'Structure model' 'Derived calculations' 
# 
loop_
_pdbx_audit_revision_category.ordinal 
_pdbx_audit_revision_category.revision_ordinal 
_pdbx_audit_revision_category.data_content_type 
_pdbx_audit_revision_category.category 
1 3 'Structure model' chem_comp_atom         
2 3 'Structure model' chem_comp_bond         
3 3 'Structure model' database_2             
4 3 'Structure model' pdbx_struct_conn_angle 
5 3 'Structure model' struct_conn            
6 3 'Structure model' struct_site            
# 
loop_
_pdbx_audit_revision_item.ordinal 
_pdbx_audit_revision_item.revision_ordinal 
_pdbx_audit_revision_item.data_content_type 
_pdbx_audit_revision_item.item 
1  3 'Structure model' '_database_2.pdbx_DOI'                        
2  3 'Structure model' '_database_2.pdbx_database_accession'         
3  3 'Structure model' '_pdbx_struct_conn_angle.ptnr1_auth_asym_id'  
4  3 'Structure model' '_pdbx_struct_conn_angle.ptnr1_auth_seq_id'   
5  3 'Structure model' '_pdbx_struct_conn_angle.ptnr1_label_asym_id' 
6  3 'Structure model' '_pdbx_struct_conn_angle.ptnr2_auth_seq_id'   
7  3 'Structure model' '_pdbx_struct_conn_angle.ptnr2_label_asym_id' 
8  3 'Structure model' '_pdbx_struct_conn_angle.ptnr3_auth_asym_id'  
9  3 'Structure model' '_pdbx_struct_conn_angle.ptnr3_auth_seq_id'   
10 3 'Structure model' '_pdbx_struct_conn_angle.ptnr3_label_asym_id' 
11 3 'Structure model' '_pdbx_struct_conn_angle.value'               
12 3 'Structure model' '_struct_conn.pdbx_dist_value'                
13 3 'Structure model' '_struct_conn.pdbx_leaving_atom_flag'         
14 3 'Structure model' '_struct_conn.ptnr1_auth_seq_id'              
15 3 'Structure model' '_struct_conn.ptnr1_label_asym_id'            
16 3 'Structure model' '_struct_conn.ptnr2_auth_asym_id'             
17 3 'Structure model' '_struct_conn.ptnr2_auth_seq_id'              
18 3 'Structure model' '_struct_conn.ptnr2_label_asym_id'            
19 3 'Structure model' '_struct_site.pdbx_auth_asym_id'              
20 3 'Structure model' '_struct_site.pdbx_auth_comp_id'              
21 3 'Structure model' '_struct_site.pdbx_auth_seq_id'               
# 
_pdbx_database_status.entry_id                        4IJ0 
_pdbx_database_status.status_code                     REL 
_pdbx_database_status.methods_development_category    ? 
_pdbx_database_status.deposit_site                    RCSB 
_pdbx_database_status.process_site                    PDBJ 
_pdbx_database_status.recvd_initial_deposition_date   2012-12-20 
_pdbx_database_status.status_code_sf                  REL 
_pdbx_database_status.status_code_mr                  ? 
_pdbx_database_status.SG_entry                        ? 
_pdbx_database_status.status_code_cs                  ? 
_pdbx_database_status.pdb_format_compatible           Y 
_pdbx_database_status.status_code_nmr_data            ? 
# 
_pdbx_database_related.db_name        PDB 
_pdbx_database_related.db_id          4ITD 
_pdbx_database_related.details        . 
_pdbx_database_related.content_type   unspecified 
# 
loop_
_audit_author.name 
_audit_author.pdbx_ordinal 
'Zhang, F.'        1 
'Suzuki, K.'       2 
'Tsunoda, M.'      3 
'Wilkinson, O.'    4 
'Millington, C.L.' 5 
'Williams, D.M.'   6 
'Morishita, E.C.'  7 
'Takenaka, A.'     8 
# 
_citation.id                        primary 
_citation.title                     
;Structures of DNA duplexes containing O6-carboxymethylguanine, a lesion associated with gastrointestinal cancer, reveal a mechanism for inducing pyrimidine transition mutations
;
_citation.journal_abbrev            'Nucleic Acids Res.' 
_citation.journal_volume            41 
_citation.page_first                5524 
_citation.page_last                 5532 
_citation.year                      2013 
_citation.journal_id_ASTM           NARHAD 
_citation.country                   UK 
_citation.journal_id_ISSN           0305-1048 
_citation.journal_id_CSD            0389 
_citation.book_publisher            ? 
_citation.pdbx_database_id_PubMed   23580550 
_citation.pdbx_database_id_DOI      10.1093/nar/gkt198 
# 
loop_
_citation_author.citation_id 
_citation_author.name 
_citation_author.ordinal 
_citation_author.identifier_ORCID 
primary 'Zhang, F.'             1  ? 
primary 'Tsunoda, M.'           2  ? 
primary 'Suzuki, K.'            3  ? 
primary 'Kikuchi, Y.'           4  ? 
primary 'Wilkinson, O.'         5  ? 
primary 'Millington, C.L.'      6  ? 
primary 'Margison, G.P.'        7  ? 
primary 'Williams, D.M.'        8  ? 
primary 'Czarina Morishita, E.' 9  ? 
primary 'Takenaka, A.'          10 ? 
# 
loop_
_entity.id 
_entity.type 
_entity.src_method 
_entity.pdbx_description 
_entity.formula_weight 
_entity.pdbx_number_of_molecules 
_entity.pdbx_ec 
_entity.pdbx_mutation 
_entity.pdbx_fragment 
_entity.details 
1 polymer     syn 
;DNA (5'-D(*CP*GP*CP*(C6G)P*AP*AP*TP*TP*CP*GP*CP*G)-3')
;
3721.428 2   ? ? ? ? 
2 non-polymer syn 'STRONTIUM ION'                                                         87.620   3   ? ? ? ? 
3 non-polymer syn "2'-(4-HYDROXYPHENYL)-5-(4-METHYL-1-PIPERAZINYL)-2,5'-BI-BENZIMIDAZOLE" 424.498  1   ? ? ? ? 
4 water       nat water                                                                   18.015   135 ? ? ? ? 
# 
_entity_poly.entity_id                      1 
_entity_poly.type                           polydeoxyribonucleotide 
_entity_poly.nstd_linkage                   no 
_entity_poly.nstd_monomer                   yes 
_entity_poly.pdbx_seq_one_letter_code       '(DC)(DG)(DC)(C6G)(DA)(DA)(DT)(DT)(DC)(DG)(DC)(DG)' 
_entity_poly.pdbx_seq_one_letter_code_can   CGCXAATTCGCG 
_entity_poly.pdbx_strand_id                 A,B 
_entity_poly.pdbx_target_identifier         ? 
# 
loop_
_pdbx_entity_nonpoly.entity_id 
_pdbx_entity_nonpoly.name 
_pdbx_entity_nonpoly.comp_id 
2 'STRONTIUM ION'                                                         SR  
3 "2'-(4-HYDROXYPHENYL)-5-(4-METHYL-1-PIPERAZINYL)-2,5'-BI-BENZIMIDAZOLE" HT  
4 water                                                                   HOH 
# 
loop_
_entity_poly_seq.entity_id 
_entity_poly_seq.num 
_entity_poly_seq.mon_id 
_entity_poly_seq.hetero 
1 1  DC  n 
1 2  DG  n 
1 3  DC  n 
1 4  C6G n 
1 5  DA  n 
1 6  DA  n 
1 7  DT  n 
1 8  DT  n 
1 9  DC  n 
1 10 DG  n 
1 11 DC  n 
1 12 DG  n 
# 
loop_
_chem_comp.id 
_chem_comp.type 
_chem_comp.mon_nstd_flag 
_chem_comp.name 
_chem_comp.pdbx_synonyms 
_chem_comp.formula 
_chem_comp.formula_weight 
C6G 'DNA linking' n '6-(carboxymethoxy)-9-(2-deoxy-5-O-phosphono-beta-D-erythro-pentofuranosyl)-9H-purin-2-amine' ?               
'C12 H16 N5 O9 P' 405.257 
DA  'DNA linking' y "2'-DEOXYADENOSINE-5'-MONOPHOSPHATE"                                                          ?               
'C10 H14 N5 O6 P' 331.222 
DC  'DNA linking' y "2'-DEOXYCYTIDINE-5'-MONOPHOSPHATE"                                                           ?               
'C9 H14 N3 O7 P'  307.197 
DG  'DNA linking' y "2'-DEOXYGUANOSINE-5'-MONOPHOSPHATE"                                                          ?               
'C10 H14 N5 O7 P' 347.221 
DT  'DNA linking' y "THYMIDINE-5'-MONOPHOSPHATE"                                                                  ?               
'C10 H15 N2 O8 P' 322.208 
HOH non-polymer   . WATER                                                                                         ?               
'H2 O'            18.015  
HT  non-polymer   . "2'-(4-HYDROXYPHENYL)-5-(4-METHYL-1-PIPERAZINYL)-2,5'-BI-BENZIMIDAZOLE"                       'HOECHST 33258' 
'C25 H24 N6 O'    424.498 
SR  non-polymer   . 'STRONTIUM ION'                                                                               ?               
'Sr 2'            87.620  
# 
loop_
_pdbx_poly_seq_scheme.asym_id 
_pdbx_poly_seq_scheme.entity_id 
_pdbx_poly_seq_scheme.seq_id 
_pdbx_poly_seq_scheme.mon_id 
_pdbx_poly_seq_scheme.ndb_seq_num 
_pdbx_poly_seq_scheme.pdb_seq_num 
_pdbx_poly_seq_scheme.auth_seq_num 
_pdbx_poly_seq_scheme.pdb_mon_id 
_pdbx_poly_seq_scheme.auth_mon_id 
_pdbx_poly_seq_scheme.pdb_strand_id 
_pdbx_poly_seq_scheme.pdb_ins_code 
_pdbx_poly_seq_scheme.hetero 
A 1 1  DC  1  1  1  DC  DC  A . n 
A 1 2  DG  2  2  2  DG  DG  A . n 
A 1 3  DC  3  3  3  DC  DC  A . n 
A 1 4  C6G 4  4  4  C6G C6G A . n 
A 1 5  DA  5  5  5  DA  DA  A . n 
A 1 6  DA  6  6  6  DA  DA  A . n 
A 1 7  DT  7  7  7  DT  DT  A . n 
A 1 8  DT  8  8  8  DT  DT  A . n 
A 1 9  DC  9  9  9  DC  DC  A . n 
A 1 10 DG  10 10 10 DG  DG  A . n 
A 1 11 DC  11 11 11 DC  DC  A . n 
A 1 12 DG  12 12 12 DG  DG  A . n 
B 1 1  DC  1  13 13 DC  DC  B . n 
B 1 2  DG  2  14 14 DG  DG  B . n 
B 1 3  DC  3  15 15 DC  DC  B . n 
B 1 4  C6G 4  16 16 C6G C6G B . n 
B 1 5  DA  5  17 17 DA  DA  B . n 
B 1 6  DA  6  18 18 DA  DA  B . n 
B 1 7  DT  7  19 19 DT  DT  B . n 
B 1 8  DT  8  20 20 DT  DT  B . n 
B 1 9  DC  9  21 21 DC  DC  B . n 
B 1 10 DG  10 22 22 DG  DG  B . n 
B 1 11 DC  11 23 23 DC  DC  B . n 
B 1 12 DG  12 24 24 DG  DG  B . n 
# 
loop_
_pdbx_nonpoly_scheme.asym_id 
_pdbx_nonpoly_scheme.entity_id 
_pdbx_nonpoly_scheme.mon_id 
_pdbx_nonpoly_scheme.ndb_seq_num 
_pdbx_nonpoly_scheme.pdb_seq_num 
_pdbx_nonpoly_scheme.auth_seq_num 
_pdbx_nonpoly_scheme.pdb_mon_id 
_pdbx_nonpoly_scheme.auth_mon_id 
_pdbx_nonpoly_scheme.pdb_strand_id 
_pdbx_nonpoly_scheme.pdb_ins_code 
C 2 SR  1  101 1   SR  SR  A . 
D 2 SR  1  102 2   SR  SR  A . 
E 2 SR  1  103 3   SR  SR  A . 
F 3 HT  1  101 59  HT  HT  B . 
G 4 HOH 1  501 501 HOH HOH A . 
G 4 HOH 2  502 503 HOH HOH A . 
G 4 HOH 3  503 512 HOH HOH A . 
G 4 HOH 4  504 513 HOH HOH A . 
G 4 HOH 5  505 516 HOH HOH A . 
G 4 HOH 6  506 517 HOH HOH A . 
G 4 HOH 7  507 518 HOH HOH A . 
G 4 HOH 8  508 524 HOH HOH A . 
G 4 HOH 9  509 28  HOH HOH A . 
G 4 HOH 10 510 33  HOH HOH A . 
G 4 HOH 11 511 43  HOH HOH A . 
G 4 HOH 12 512 44  HOH HOH A . 
G 4 HOH 13 513 52  HOH HOH A . 
G 4 HOH 14 514 56  HOH HOH A . 
G 4 HOH 15 515 62  HOH HOH A . 
G 4 HOH 16 516 72  HOH HOH A . 
G 4 HOH 17 517 87  HOH HOH A . 
G 4 HOH 18 518 120 HOH HOH A . 
G 4 HOH 19 519 122 HOH HOH A . 
G 4 HOH 20 520 131 HOH HOH A . 
G 4 HOH 21 521 133 HOH HOH A . 
G 4 HOH 22 522 136 HOH HOH A . 
G 4 HOH 23 523 138 HOH HOH A . 
G 4 HOH 24 524 139 HOH HOH A . 
G 4 HOH 25 525 142 HOH HOH A . 
G 4 HOH 26 526 144 HOH HOH A . 
G 4 HOH 27 527 150 HOH HOH A . 
G 4 HOH 28 528 153 HOH HOH A . 
G 4 HOH 29 529 160 HOH HOH A . 
G 4 HOH 30 530 162 HOH HOH A . 
G 4 HOH 31 531 164 HOH HOH A . 
G 4 HOH 32 532 168 HOH HOH A . 
G 4 HOH 33 533 169 HOH HOH A . 
G 4 HOH 34 534 170 HOH HOH A . 
G 4 HOH 35 535 179 HOH HOH A . 
G 4 HOH 36 536 186 HOH HOH A . 
G 4 HOH 37 537 529 HOH HOH A . 
G 4 HOH 38 538 530 HOH HOH A . 
G 4 HOH 39 539 535 HOH HOH A . 
G 4 HOH 40 540 538 HOH HOH A . 
G 4 HOH 41 541 551 HOH HOH A . 
G 4 HOH 42 542 557 HOH HOH A . 
G 4 HOH 43 543 558 HOH HOH A . 
G 4 HOH 44 544 559 HOH HOH A . 
G 4 HOH 45 545 568 HOH HOH A . 
G 4 HOH 46 546 569 HOH HOH A . 
G 4 HOH 47 547 580 HOH HOH A . 
G 4 HOH 48 548 595 HOH HOH A . 
G 4 HOH 49 549 597 HOH HOH A . 
G 4 HOH 50 550 599 HOH HOH A . 
G 4 HOH 51 551 603 HOH HOH A . 
G 4 HOH 52 552 604 HOH HOH A . 
G 4 HOH 53 553 607 HOH HOH A . 
G 4 HOH 54 554 609 HOH HOH A . 
G 4 HOH 55 555 614 HOH HOH A . 
G 4 HOH 56 556 615 HOH HOH A . 
G 4 HOH 57 557 616 HOH HOH A . 
G 4 HOH 58 558 617 HOH HOH A . 
G 4 HOH 59 559 618 HOH HOH A . 
G 4 HOH 60 560 620 HOH HOH A . 
G 4 HOH 61 561 621 HOH HOH A . 
G 4 HOH 62 562 622 HOH HOH A . 
G 4 HOH 63 563 624 HOH HOH A . 
G 4 HOH 64 564 629 HOH HOH A . 
G 4 HOH 65 565 1   HOH HOH A . 
G 4 HOH 66 566 2   HOH HOH A . 
G 4 HOH 67 567 3   HOH HOH A . 
G 4 HOH 68 568 4   HOH HOH A . 
G 4 HOH 69 569 11  HOH HOH A . 
G 4 HOH 70 570 49  HOH HOH A . 
G 4 HOH 71 571 56  HOH HOH A . 
G 4 HOH 72 572 58  HOH HOH A . 
G 4 HOH 73 573 59  HOH HOH A . 
G 4 HOH 74 574 68  HOH HOH A . 
G 4 HOH 75 575 69  HOH HOH A . 
H 4 HOH 1  201 510 HOH HOH B . 
H 4 HOH 2  202 514 HOH HOH B . 
H 4 HOH 3  203 519 HOH HOH B . 
H 4 HOH 4  204 520 HOH HOH B . 
H 4 HOH 5  205 522 HOH HOH B . 
H 4 HOH 6  206 30  HOH HOH B . 
H 4 HOH 7  207 34  HOH HOH B . 
H 4 HOH 8  208 35  HOH HOH B . 
H 4 HOH 9  209 47  HOH HOH B . 
H 4 HOH 10 210 76  HOH HOH B . 
H 4 HOH 11 211 130 HOH HOH B . 
H 4 HOH 12 212 132 HOH HOH B . 
H 4 HOH 13 213 135 HOH HOH B . 
H 4 HOH 14 214 137 HOH HOH B . 
H 4 HOH 15 215 141 HOH HOH B . 
H 4 HOH 16 216 145 HOH HOH B . 
H 4 HOH 17 217 146 HOH HOH B . 
H 4 HOH 18 218 148 HOH HOH B . 
H 4 HOH 19 219 152 HOH HOH B . 
H 4 HOH 20 220 155 HOH HOH B . 
H 4 HOH 21 221 159 HOH HOH B . 
H 4 HOH 22 222 171 HOH HOH B . 
H 4 HOH 23 223 177 HOH HOH B . 
H 4 HOH 24 224 180 HOH HOH B . 
H 4 HOH 25 225 182 HOH HOH B . 
H 4 HOH 26 226 199 HOH HOH B . 
H 4 HOH 27 227 214 HOH HOH B . 
H 4 HOH 28 228 528 HOH HOH B . 
H 4 HOH 29 229 534 HOH HOH B . 
H 4 HOH 30 230 536 HOH HOH B . 
H 4 HOH 31 231 539 HOH HOH B . 
H 4 HOH 32 232 545 HOH HOH B . 
H 4 HOH 33 233 552 HOH HOH B . 
H 4 HOH 34 234 553 HOH HOH B . 
H 4 HOH 35 235 561 HOH HOH B . 
H 4 HOH 36 236 562 HOH HOH B . 
H 4 HOH 37 237 563 HOH HOH B . 
H 4 HOH 38 238 573 HOH HOH B . 
H 4 HOH 39 239 577 HOH HOH B . 
H 4 HOH 40 240 578 HOH HOH B . 
H 4 HOH 41 241 579 HOH HOH B . 
H 4 HOH 42 242 581 HOH HOH B . 
H 4 HOH 43 243 586 HOH HOH B . 
H 4 HOH 44 244 587 HOH HOH B . 
H 4 HOH 45 245 588 HOH HOH B . 
H 4 HOH 46 246 600 HOH HOH B . 
H 4 HOH 47 247 601 HOH HOH B . 
H 4 HOH 48 248 605 HOH HOH B . 
H 4 HOH 49 249 619 HOH HOH B . 
H 4 HOH 50 250 623 HOH HOH B . 
H 4 HOH 51 251 625 HOH HOH B . 
H 4 HOH 52 252 626 HOH HOH B . 
H 4 HOH 53 253 628 HOH HOH B . 
H 4 HOH 54 254 5   HOH HOH B . 
H 4 HOH 55 255 6   HOH HOH B . 
H 4 HOH 56 256 12  HOH HOH B . 
H 4 HOH 57 257 13  HOH HOH B . 
H 4 HOH 58 258 15  HOH HOH B . 
H 4 HOH 59 259 28  HOH HOH B . 
H 4 HOH 60 260 54  HOH HOH B . 
# 
loop_
_software.pdbx_ordinal 
_software.name 
_software.version 
_software.date 
_software.type 
_software.contact_author 
_software.contact_author_email 
_software.classification 
_software.location 
_software.language 
_software.citation_id 
1 SCALA       3.3.20 2011/05/18       other   'Phil R. Evans'      pre@mrc-lmb.cam.ac.uk    'data scaling'    
http://www.ccp4.ac.uk/dist/html/scala.html   Fortran_77 ? 
2 MOLREP      .      ?                program 'Alexei Vaguine'     alexei@ysbl.york.ac.uk   phasing           
http://www.ccp4.ac.uk/dist/html/molrep.html  Fortran_77 ? 
3 REFMAC      .      ?                program 'Garib N. Murshudov' garib@ysbl.york.ac.uk    refinement        
http://www.ccp4.ac.uk/dist/html/refmac5.html Fortran_77 ? 
4 PDB_EXTRACT 3.11   'April 22, 2011' package PDB                  deposit@deposit.rcsb.org 'data extraction' 
http://sw-tools.pdb.org/apps/PDB_EXTRACT/    C++        ? 
# 
_cell.entry_id           4IJ0 
_cell.length_a           24.600 
_cell.length_b           41.230 
_cell.length_c           63.070 
_cell.angle_alpha        90.00 
_cell.angle_beta         90.00 
_cell.angle_gamma        90.00 
_cell.Z_PDB              8 
_cell.pdbx_unique_axis   ? 
_cell.length_a_esd       ? 
_cell.length_b_esd       ? 
_cell.length_c_esd       ? 
_cell.angle_alpha_esd    ? 
_cell.angle_beta_esd     ? 
_cell.angle_gamma_esd    ? 
# 
_symmetry.entry_id                         4IJ0 
_symmetry.space_group_name_H-M             'P 21 21 21' 
_symmetry.pdbx_full_space_group_name_H-M   ? 
_symmetry.cell_setting                     ? 
_symmetry.Int_Tables_number                19 
_symmetry.space_group_name_Hall            ? 
# 
_exptl.entry_id          4IJ0 
_exptl.method            'X-RAY DIFFRACTION' 
_exptl.crystals_number   1 
# 
_exptl_crystal.id                    1 
_exptl_crystal.density_meas          ? 
_exptl_crystal.density_Matthews      2.15 
_exptl_crystal.density_percent_sol   42.76 
_exptl_crystal.description           ? 
_exptl_crystal.F_000                 ? 
_exptl_crystal.preparation           ? 
# 
_exptl_crystal_grow.crystal_id      1 
_exptl_crystal_grow.method          'VAPOR DIFFUSION, HANGING DROP' 
_exptl_crystal_grow.temp            277 
_exptl_crystal_grow.temp_details    ? 
_exptl_crystal_grow.pH              7.0 
_exptl_crystal_grow.pdbx_pH_range   ? 
_exptl_crystal_grow.pdbx_details    
;10%(v/v)MPD, 12mM spermine 4HCL, 40mM LiCL, 80mM SrCL2, 40mM Na cacodylate(pH7.0), 1mM Hoechst 33258, 1mM DNA, vapor diffusion, hanging drop, temperature 277K
;
# 
_diffrn.id                     1 
_diffrn.ambient_temp           100 
_diffrn.ambient_temp_details   ? 
_diffrn.crystal_id             1 
# 
_diffrn_detector.diffrn_id              1 
_diffrn_detector.detector               CCD 
_diffrn_detector.type                   'ADSC QUANTUM 315r' 
_diffrn_detector.pdbx_collection_date   2012-11-11 
_diffrn_detector.details                ? 
# 
_diffrn_radiation.diffrn_id                        1 
_diffrn_radiation.wavelength_id                    1 
_diffrn_radiation.pdbx_monochromatic_or_laue_m_l   M 
_diffrn_radiation.monochromator                    ? 
_diffrn_radiation.pdbx_diffrn_protocol             'SINGLE WAVELENGTH' 
_diffrn_radiation.pdbx_scattering_type             x-ray 
# 
_diffrn_radiation_wavelength.id           1 
_diffrn_radiation_wavelength.wavelength   0.98 
_diffrn_radiation_wavelength.wt           1.0 
# 
_diffrn_source.diffrn_id                   1 
_diffrn_source.source                      SYNCHROTRON 
_diffrn_source.type                        'PHOTON FACTORY BEAMLINE BL-17A' 
_diffrn_source.pdbx_synchrotron_site       'Photon Factory' 
_diffrn_source.pdbx_synchrotron_beamline   BL-17A 
_diffrn_source.pdbx_wavelength             ? 
_diffrn_source.pdbx_wavelength_list        0.98 
# 
_reflns.pdbx_diffrn_id               1 
_reflns.pdbx_ordinal                 1 
_reflns.entry_id                     4IJ0 
_reflns.observed_criterion_sigma_I   ? 
_reflns.observed_criterion_sigma_F   ? 
_reflns.d_resolution_low             24.600 
_reflns.d_resolution_high            1.540 
_reflns.number_obs                   9559 
_reflns.number_all                   9559 
_reflns.percent_possible_obs         95.800 
_reflns.pdbx_Rmerge_I_obs            ? 
_reflns.pdbx_Rsym_value              0.089 
_reflns.pdbx_netI_over_sigmaI        14.200 
_reflns.B_iso_Wilson_estimate        ? 
_reflns.pdbx_redundancy              6.500 
_reflns.R_free_details               ? 
_reflns.pdbx_chi_squared             ? 
_reflns.pdbx_scaling_rejects         ? 
# 
loop_
_reflns_shell.pdbx_diffrn_id 
_reflns_shell.pdbx_ordinal 
_reflns_shell.d_res_high 
_reflns_shell.d_res_low 
_reflns_shell.percent_possible_all 
_reflns_shell.Rmerge_I_obs 
_reflns_shell.pdbx_Rsym_value 
_reflns_shell.meanI_over_sigI_obs 
_reflns_shell.pdbx_redundancy 
_reflns_shell.percent_possible_obs 
_reflns_shell.number_unique_all 
_reflns_shell.number_measured_all 
_reflns_shell.number_measured_obs 
_reflns_shell.number_unique_obs 
_reflns_shell.pdbx_chi_squared 
1 1  1.540 1.620  100.000 0.286 0.286 2.600  6.700 ? ? ? ? ? ? 
1 2  1.620 1.720  100.000 0.186 0.186 3.900  6.800 ? ? ? ? ? ? 
1 3  1.720 1.840  99.900  0.148 0.148 4.700  6.700 ? ? ? ? ? ? 
1 4  1.840 1.990  100.000 0.117 0.117 6.100  6.700 ? ? ? ? ? ? 
1 5  1.990 2.180  100.000 0.089 0.089 7.800  6.800 ? ? ? ? ? ? 
1 6  2.180 2.430  100.000 0.074 0.074 9.000  6.700 ? ? ? ? ? ? 
1 7  2.430 2.810  99.800  0.061 0.061 10.500 6.600 ? ? ? ? ? ? 
1 8  2.810 3.440  93.200  0.056 0.056 11.900 5.800 ? ? ? ? ? ? 
1 9  3.440 4.870  65.500  0.062 0.062 10.700 4.500 ? ? ? ? ? ? 
1 10 4.870 24.600 47.700  0.072 0.072 9.400  3.800 ? ? ? ? ? ? 
# 
_refine.pdbx_refine_id                           'X-RAY DIFFRACTION' 
_refine.entry_id                                 4IJ0 
_refine.pdbx_diffrn_id                           1 
_refine.pdbx_TLS_residual_ADP_flag               ? 
_refine.ls_number_reflns_obs                     9017 
_refine.ls_number_reflns_all                     ? 
_refine.pdbx_ls_sigma_I                          ? 
_refine.pdbx_ls_sigma_F                          . 
_refine.pdbx_data_cutoff_high_absF               ? 
_refine.pdbx_data_cutoff_low_absF                ? 
_refine.pdbx_data_cutoff_high_rms_absF           ? 
_refine.ls_d_res_low                             22.92 
_refine.ls_d_res_high                            1.54 
_refine.ls_percent_reflns_obs                    95.09 
_refine.ls_R_factor_obs                          0.19663 
_refine.ls_R_factor_all                          ? 
_refine.ls_R_factor_R_work                       0.19438 
_refine.ls_R_factor_R_free                       0.23679 
_refine.ls_R_factor_R_free_error                 ? 
_refine.ls_R_factor_R_free_error_details         ? 
_refine.ls_percent_reflns_R_free                 5.1 
_refine.ls_number_reflns_R_free                  481 
_refine.ls_number_parameters                     ? 
_refine.ls_number_restraints                     ? 
_refine.occupancy_min                            1.000 
_refine.occupancy_max                            1.000 
_refine.correlation_coeff_Fo_to_Fc               0.929 
_refine.correlation_coeff_Fo_to_Fc_free          0.909 
_refine.B_iso_mean                               17.767 
_refine.aniso_B[1][1]                            -0.14 
_refine.aniso_B[2][2]                            0.14 
_refine.aniso_B[3][3]                            0.00 
_refine.aniso_B[1][2]                            0.00 
_refine.aniso_B[1][3]                            0.00 
_refine.aniso_B[2][3]                            0.00 
_refine.solvent_model_details                    MASK 
_refine.solvent_model_param_ksol                 ? 
_refine.solvent_model_param_bsol                 ? 
_refine.pdbx_solvent_vdw_probe_radii             1.40 
_refine.pdbx_solvent_ion_probe_radii             0.80 
_refine.pdbx_solvent_shrinkage_radii             0.80 
_refine.pdbx_ls_cross_valid_method               THROUGHOUT 
_refine.details                                  'HYDROGENS HAVE BEEN ADDED IN THE RIDING POSITIONS' 
_refine.pdbx_starting_model                      ? 
_refine.pdbx_method_to_determine_struct          'MOLECULAR REPLACEMENT' 
_refine.pdbx_isotropic_thermal_model             ? 
_refine.pdbx_stereochemistry_target_values       'MAXIMUM LIKELIHOOD' 
_refine.pdbx_stereochem_target_val_spec_case     ? 
_refine.pdbx_R_Free_selection_details            RANDOM 
_refine.pdbx_overall_ESU_R                       0.100 
_refine.pdbx_overall_ESU_R_Free                  0.102 
_refine.overall_SU_ML                            0.057 
_refine.pdbx_overall_phase_error                 ? 
_refine.overall_SU_B                             1.544 
_refine.overall_SU_R_Cruickshank_DPI             0.1201 
_refine.pdbx_overall_SU_R_free_Cruickshank_DPI   ? 
_refine.pdbx_overall_SU_R_Blow_DPI               ? 
_refine.pdbx_overall_SU_R_free_Blow_DPI          ? 
_refine.ls_redundancy_reflns_obs                 ? 
_refine.overall_SU_R_free                        ? 
_refine.ls_wR_factor_R_free                      ? 
_refine.ls_wR_factor_R_work                      ? 
_refine.overall_FOM_free_R_set                   ? 
_refine.overall_FOM_work_R_set                   ? 
# 
_refine_hist.pdbx_refine_id                   'X-RAY DIFFRACTION' 
_refine_hist.cycle_id                         LAST 
_refine_hist.pdbx_number_atoms_protein        0 
_refine_hist.pdbx_number_atoms_nucleic_acid   494 
_refine_hist.pdbx_number_atoms_ligand         35 
_refine_hist.number_atoms_solvent             135 
_refine_hist.number_atoms_total               664 
_refine_hist.d_res_high                       1.54 
_refine_hist.d_res_low                        22.92 
# 
loop_
_refine_ls_restr.type 
_refine_ls_restr.dev_ideal 
_refine_ls_restr.dev_ideal_target 
_refine_ls_restr.weight 
_refine_ls_restr.number 
_refine_ls_restr.pdbx_refine_id 
_refine_ls_restr.pdbx_restraint_function 
r_bond_refined_d             0.030 0.021 ? 587 'X-RAY DIFFRACTION' ? 
r_bond_other_d               ?     ?     ? ?   'X-RAY DIFFRACTION' ? 
r_angle_refined_deg          3.705 3.000 ? 884 'X-RAY DIFFRACTION' ? 
r_angle_other_deg            ?     ?     ? ?   'X-RAY DIFFRACTION' ? 
r_dihedral_angle_1_deg       ?     ?     ? ?   'X-RAY DIFFRACTION' ? 
r_dihedral_angle_2_deg       ?     ?     ? ?   'X-RAY DIFFRACTION' ? 
r_dihedral_angle_3_deg       ?     ?     ? ?   'X-RAY DIFFRACTION' ? 
r_dihedral_angle_4_deg       ?     ?     ? ?   'X-RAY DIFFRACTION' ? 
r_chiral_restr               0.331 0.200 ? 96  'X-RAY DIFFRACTION' ? 
r_gen_planes_refined         0.037 0.020 ? 288 'X-RAY DIFFRACTION' ? 
r_gen_planes_other           ?     ?     ? ?   'X-RAY DIFFRACTION' ? 
r_nbd_refined                ?     ?     ? ?   'X-RAY DIFFRACTION' ? 
r_nbd_other                  ?     ?     ? ?   'X-RAY DIFFRACTION' ? 
r_nbtor_refined              ?     ?     ? ?   'X-RAY DIFFRACTION' ? 
r_nbtor_other                ?     ?     ? ?   'X-RAY DIFFRACTION' ? 
r_xyhbond_nbd_refined        ?     ?     ? ?   'X-RAY DIFFRACTION' ? 
r_xyhbond_nbd_other          ?     ?     ? ?   'X-RAY DIFFRACTION' ? 
r_metal_ion_refined          ?     ?     ? ?   'X-RAY DIFFRACTION' ? 
r_metal_ion_other            ?     ?     ? ?   'X-RAY DIFFRACTION' ? 
r_symmetry_vdw_refined       ?     ?     ? ?   'X-RAY DIFFRACTION' ? 
r_symmetry_vdw_other         ?     ?     ? ?   'X-RAY DIFFRACTION' ? 
r_symmetry_hbond_refined     ?     ?     ? ?   'X-RAY DIFFRACTION' ? 
r_symmetry_hbond_other       ?     ?     ? ?   'X-RAY DIFFRACTION' ? 
r_symmetry_metal_ion_refined ?     ?     ? ?   'X-RAY DIFFRACTION' ? 
r_symmetry_metal_ion_other   ?     ?     ? ?   'X-RAY DIFFRACTION' ? 
r_mcbond_it                  ?     ?     ? ?   'X-RAY DIFFRACTION' ? 
r_mcbond_other               ?     ?     ? ?   'X-RAY DIFFRACTION' ? 
r_mcangle_it                 ?     ?     ? ?   'X-RAY DIFFRACTION' ? 
r_scbond_it                  2.618 3.000 ? 587 'X-RAY DIFFRACTION' ? 
r_scangle_it                 3.391 4.500 ? 884 'X-RAY DIFFRACTION' ? 
r_rigid_bond_restr           ?     ?     ? ?   'X-RAY DIFFRACTION' ? 
r_sphericity_free            ?     ?     ? ?   'X-RAY DIFFRACTION' ? 
r_sphericity_bonded          ?     ?     ? ?   'X-RAY DIFFRACTION' ? 
# 
_refine_ls_shell.pdbx_refine_id                   'X-RAY DIFFRACTION' 
_refine_ls_shell.pdbx_total_number_of_bins_used   20 
_refine_ls_shell.d_res_high                       1.540 
_refine_ls_shell.d_res_low                        1.580 
_refine_ls_shell.number_reflns_R_work             647 
_refine_ls_shell.R_factor_R_work                  0.225 
_refine_ls_shell.percent_reflns_obs               99.71 
_refine_ls_shell.R_factor_R_free                  0.294 
_refine_ls_shell.R_factor_R_free_error            ? 
_refine_ls_shell.percent_reflns_R_free            ? 
_refine_ls_shell.number_reflns_R_free             49 
_refine_ls_shell.number_reflns_all                ? 
_refine_ls_shell.R_factor_all                     ? 
_refine_ls_shell.redundancy_reflns_obs            ? 
_refine_ls_shell.number_reflns_obs                ? 
# 
_struct.entry_id                  4IJ0 
_struct.title                     
;Structures of DNA duplexes containing O6-carboxymethylguanine, a lesion associated with gastrointestinal cancer, reveal a mechanism for inducing transition mutation
;
_struct.pdbx_model_details        ? 
_struct.pdbx_CASP_flag            ? 
_struct.pdbx_model_type_details   ? 
# 
_struct_keywords.entry_id        4IJ0 
_struct_keywords.text            'damaged DNA, O6-carboxymethylguanine, mutagenesis, DNA' 
_struct_keywords.pdbx_keywords   DNA 
# 
loop_
_struct_asym.id 
_struct_asym.pdbx_blank_PDB_chainid_flag 
_struct_asym.pdbx_modified 
_struct_asym.entity_id 
_struct_asym.details 
A N N 1 ? 
B N N 1 ? 
C N N 2 ? 
D N N 2 ? 
E N N 2 ? 
F N N 3 ? 
G N N 4 ? 
H N N 4 ? 
# 
_struct_ref.id                         1 
_struct_ref.db_name                    PDB 
_struct_ref.db_code                    4IJ0 
_struct_ref.pdbx_db_accession          4IJ0 
_struct_ref.entity_id                  1 
_struct_ref.pdbx_align_begin           ? 
_struct_ref.pdbx_seq_one_letter_code   ? 
_struct_ref.pdbx_db_isoform            ? 
# 
loop_
_struct_ref_seq.align_id 
_struct_ref_seq.ref_id 
_struct_ref_seq.pdbx_PDB_id_code 
_struct_ref_seq.pdbx_strand_id 
_struct_ref_seq.seq_align_beg 
_struct_ref_seq.pdbx_seq_align_beg_ins_code 
_struct_ref_seq.seq_align_end 
_struct_ref_seq.pdbx_seq_align_end_ins_code 
_struct_ref_seq.pdbx_db_accession 
_struct_ref_seq.db_align_beg 
_struct_ref_seq.pdbx_db_align_beg_ins_code 
_struct_ref_seq.db_align_end 
_struct_ref_seq.pdbx_db_align_end_ins_code 
_struct_ref_seq.pdbx_auth_seq_align_beg 
_struct_ref_seq.pdbx_auth_seq_align_end 
1 1 4IJ0 A 1 ? 12 ? 4IJ0 1  ? 12 ? 1  12 
2 1 4IJ0 B 1 ? 12 ? 4IJ0 13 ? 24 ? 13 24 
# 
_pdbx_struct_assembly.id                   1 
_pdbx_struct_assembly.details              author_and_software_defined_assembly 
_pdbx_struct_assembly.method_details       PISA 
_pdbx_struct_assembly.oligomeric_details   dimeric 
_pdbx_struct_assembly.oligomeric_count     2 
# 
loop_
_pdbx_struct_assembly_prop.biol_id 
_pdbx_struct_assembly_prop.type 
_pdbx_struct_assembly_prop.value 
_pdbx_struct_assembly_prop.details 
1 'ABSA (A^2)' 1830 ? 
1 MORE         -78  ? 
1 'SSA (A^2)'  5270 ? 
# 
_pdbx_struct_assembly_gen.assembly_id       1 
_pdbx_struct_assembly_gen.oper_expression   1 
_pdbx_struct_assembly_gen.asym_id_list      A,B,C,D,E,F,G,H 
# 
_pdbx_struct_oper_list.id                   1 
_pdbx_struct_oper_list.type                 'identity operation' 
_pdbx_struct_oper_list.name                 1_555 
_pdbx_struct_oper_list.symmetry_operation   x,y,z 
_pdbx_struct_oper_list.matrix[1][1]         1.0000000000 
_pdbx_struct_oper_list.matrix[1][2]         0.0000000000 
_pdbx_struct_oper_list.matrix[1][3]         0.0000000000 
_pdbx_struct_oper_list.vector[1]            0.0000000000 
_pdbx_struct_oper_list.matrix[2][1]         0.0000000000 
_pdbx_struct_oper_list.matrix[2][2]         1.0000000000 
_pdbx_struct_oper_list.matrix[2][3]         0.0000000000 
_pdbx_struct_oper_list.vector[2]            0.0000000000 
_pdbx_struct_oper_list.matrix[3][1]         0.0000000000 
_pdbx_struct_oper_list.matrix[3][2]         0.0000000000 
_pdbx_struct_oper_list.matrix[3][3]         1.0000000000 
_pdbx_struct_oper_list.vector[3]            0.0000000000 
# 
_struct_biol.id        1 
_struct_biol.details   ? 
# 
loop_
_struct_conn.id 
_struct_conn.conn_type_id 
_struct_conn.pdbx_leaving_atom_flag 
_struct_conn.pdbx_PDB_id 
_struct_conn.ptnr1_label_asym_id 
_struct_conn.ptnr1_label_comp_id 
_struct_conn.ptnr1_label_seq_id 
_struct_conn.ptnr1_label_atom_id 
_struct_conn.pdbx_ptnr1_label_alt_id 
_struct_conn.pdbx_ptnr1_PDB_ins_code 
_struct_conn.pdbx_ptnr1_standard_comp_id 
_struct_conn.ptnr1_symmetry 
_struct_conn.ptnr2_label_asym_id 
_struct_conn.ptnr2_label_comp_id 
_struct_conn.ptnr2_label_seq_id 
_struct_conn.ptnr2_label_atom_id 
_struct_conn.pdbx_ptnr2_label_alt_id 
_struct_conn.pdbx_ptnr2_PDB_ins_code 
_struct_conn.ptnr1_auth_asym_id 
_struct_conn.ptnr1_auth_comp_id 
_struct_conn.ptnr1_auth_seq_id 
_struct_conn.ptnr2_auth_asym_id 
_struct_conn.ptnr2_auth_comp_id 
_struct_conn.ptnr2_auth_seq_id 
_struct_conn.ptnr2_symmetry 
_struct_conn.pdbx_ptnr3_label_atom_id 
_struct_conn.pdbx_ptnr3_label_seq_id 
_struct_conn.pdbx_ptnr3_label_comp_id 
_struct_conn.pdbx_ptnr3_label_asym_id 
_struct_conn.pdbx_ptnr3_label_alt_id 
_struct_conn.pdbx_ptnr3_PDB_ins_code 
_struct_conn.details 
_struct_conn.pdbx_dist_value 
_struct_conn.pdbx_value_order 
_struct_conn.pdbx_role 
covale1  covale both ? A DC  3  "O3'" ? ? ? 1_555 A C6G 4  P  ? ? A DC  3   A C6G 4   1_555 ? ? ? ? ? ? ?            1.623 ? ? 
covale2  covale one  ? A C6G 4  "O3'" ? ? ? 1_555 A DA  5  P  ? ? A C6G 4   A DA  5   1_555 ? ? ? ? ? ? ?            1.632 ? ? 
covale3  covale both ? B DC  3  "O3'" ? ? ? 1_555 B C6G 4  P  ? ? B DC  15  B C6G 16  1_555 ? ? ? ? ? ? ?            1.658 ? ? 
covale4  covale one  ? B C6G 4  "O3'" ? ? ? 1_555 B DA  5  P  ? ? B C6G 16  B DA  17  1_555 ? ? ? ? ? ? ?            1.592 ? ? 
metalc1  metalc ?    ? C SR  .  SR    ? ? ? 1_555 G HOH .  O  ? ? A SR  101 A HOH 505 1_555 ? ? ? ? ? ? ?            2.503 ? ? 
metalc2  metalc ?    ? C SR  .  SR    ? ? ? 1_555 G HOH .  O  ? ? A SR  101 A HOH 509 1_555 ? ? ? ? ? ? ?            2.628 ? ? 
metalc3  metalc ?    ? C SR  .  SR    ? ? ? 1_555 G HOH .  O  ? ? A SR  101 A HOH 511 1_555 ? ? ? ? ? ? ?            2.642 ? ? 
metalc4  metalc ?    ? C SR  .  SR    ? ? ? 1_555 G HOH .  O  ? ? A SR  101 A HOH 520 1_555 ? ? ? ? ? ? ?            2.589 ? ? 
metalc5  metalc ?    ? C SR  .  SR    ? ? ? 1_555 G HOH .  O  ? ? A SR  101 A HOH 570 1_555 ? ? ? ? ? ? ?            2.741 ? ? 
metalc6  metalc ?    ? C SR  .  SR    ? ? ? 1_555 H HOH .  O  ? ? A SR  101 B HOH 206 1_555 ? ? ? ? ? ? ?            2.565 ? ? 
metalc7  metalc ?    ? C SR  .  SR    ? ? ? 1_555 H HOH .  O  ? ? A SR  101 B HOH 209 1_555 ? ? ? ? ? ? ?            2.432 ? ? 
metalc8  metalc ?    ? C SR  .  SR    ? ? ? 1_555 H HOH .  O  ? ? A SR  101 B HOH 223 1_555 ? ? ? ? ? ? ?            2.813 ? ? 
metalc9  metalc ?    ? D SR  .  SR    ? ? ? 1_555 G HOH .  O  ? ? A SR  102 A HOH 502 1_555 ? ? ? ? ? ? ?            2.552 ? ? 
metalc10 metalc ?    ? D SR  .  SR    ? ? ? 1_555 G HOH .  O  ? ? A SR  102 A HOH 556 1_555 ? ? ? ? ? ? ?            2.674 ? ? 
metalc11 metalc ?    ? D SR  .  SR    ? ? ? 1_555 G HOH .  O  ? ? A SR  102 A HOH 569 1_555 ? ? ? ? ? ? ?            2.478 ? ? 
metalc12 metalc ?    ? D SR  .  SR    ? ? ? 1_555 H HOH .  O  ? ? A SR  102 B HOH 251 1_555 ? ? ? ? ? ? ?            2.428 ? ? 
metalc13 metalc ?    ? D SR  .  SR    ? ? ? 1_555 H HOH .  O  ? ? A SR  102 B HOH 255 1_555 ? ? ? ? ? ? ?            2.456 ? ? 
metalc14 metalc ?    ? D SR  .  SR    ? ? ? 1_555 H HOH .  O  ? ? A SR  102 B HOH 257 1_555 ? ? ? ? ? ? ?            2.410 ? ? 
metalc15 metalc ?    ? E SR  .  SR    ? ? ? 1_555 G HOH .  O  ? ? A SR  103 A HOH 514 1_555 ? ? ? ? ? ? ?            2.336 ? ? 
hydrog1  hydrog ?    ? A DC  1  N3    ? ? ? 1_555 B DG  12 N1 ? ? A DC  1   B DG  24  1_555 ? ? ? ? ? ? WATSON-CRICK ?     ? ? 
hydrog2  hydrog ?    ? A DC  1  N4    ? ? ? 1_555 B DG  12 O6 ? ? A DC  1   B DG  24  1_555 ? ? ? ? ? ? WATSON-CRICK ?     ? ? 
hydrog3  hydrog ?    ? A DC  1  O2    ? ? ? 1_555 B DG  12 N2 ? ? A DC  1   B DG  24  1_555 ? ? ? ? ? ? WATSON-CRICK ?     ? ? 
hydrog4  hydrog ?    ? A DG  2  N1    ? ? ? 1_555 B DC  11 N3 ? ? A DG  2   B DC  23  1_555 ? ? ? ? ? ? WATSON-CRICK ?     ? ? 
hydrog5  hydrog ?    ? A DG  2  N2    ? ? ? 1_555 B DC  11 O2 ? ? A DG  2   B DC  23  1_555 ? ? ? ? ? ? WATSON-CRICK ?     ? ? 
hydrog6  hydrog ?    ? A DG  2  O6    ? ? ? 1_555 B DC  11 N4 ? ? A DG  2   B DC  23  1_555 ? ? ? ? ? ? WATSON-CRICK ?     ? ? 
hydrog7  hydrog ?    ? A DC  3  N3    ? ? ? 1_555 B DG  10 N1 ? ? A DC  3   B DG  22  1_555 ? ? ? ? ? ? WATSON-CRICK ?     ? ? 
hydrog8  hydrog ?    ? A DC  3  N4    ? ? ? 1_555 B DG  10 O6 ? ? A DC  3   B DG  22  1_555 ? ? ? ? ? ? WATSON-CRICK ?     ? ? 
hydrog9  hydrog ?    ? A DC  3  O2    ? ? ? 1_555 B DG  10 N2 ? ? A DC  3   B DG  22  1_555 ? ? ? ? ? ? WATSON-CRICK ?     ? ? 
hydrog10 hydrog ?    ? A DA  5  N1    ? ? ? 1_555 B DT  8  N3 ? ? A DA  5   B DT  20  1_555 ? ? ? ? ? ? WATSON-CRICK ?     ? ? 
hydrog11 hydrog ?    ? A DA  5  N6    ? ? ? 1_555 B DT  8  O4 ? ? A DA  5   B DT  20  1_555 ? ? ? ? ? ? WATSON-CRICK ?     ? ? 
hydrog12 hydrog ?    ? A DA  6  N1    ? ? ? 1_555 B DT  7  N3 ? ? A DA  6   B DT  19  1_555 ? ? ? ? ? ? WATSON-CRICK ?     ? ? 
hydrog13 hydrog ?    ? A DA  6  N6    ? ? ? 1_555 B DT  7  O4 ? ? A DA  6   B DT  19  1_555 ? ? ? ? ? ? WATSON-CRICK ?     ? ? 
hydrog14 hydrog ?    ? A DT  7  N3    ? ? ? 1_555 B DA  6  N1 ? ? A DT  7   B DA  18  1_555 ? ? ? ? ? ? WATSON-CRICK ?     ? ? 
hydrog15 hydrog ?    ? A DT  7  O4    ? ? ? 1_555 B DA  6  N6 ? ? A DT  7   B DA  18  1_555 ? ? ? ? ? ? WATSON-CRICK ?     ? ? 
hydrog16 hydrog ?    ? A DT  8  N3    ? ? ? 1_555 B DA  5  N1 ? ? A DT  8   B DA  17  1_555 ? ? ? ? ? ? WATSON-CRICK ?     ? ? 
hydrog17 hydrog ?    ? A DT  8  O4    ? ? ? 1_555 B DA  5  N6 ? ? A DT  8   B DA  17  1_555 ? ? ? ? ? ? WATSON-CRICK ?     ? ? 
hydrog18 hydrog ?    ? A DG  10 N1    ? ? ? 1_555 B DC  3  N3 ? ? A DG  10  B DC  15  1_555 ? ? ? ? ? ? WATSON-CRICK ?     ? ? 
hydrog19 hydrog ?    ? A DG  10 N2    ? ? ? 1_555 B DC  3  O2 ? ? A DG  10  B DC  15  1_555 ? ? ? ? ? ? WATSON-CRICK ?     ? ? 
hydrog20 hydrog ?    ? A DG  10 O6    ? ? ? 1_555 B DC  3  N4 ? ? A DG  10  B DC  15  1_555 ? ? ? ? ? ? WATSON-CRICK ?     ? ? 
hydrog21 hydrog ?    ? A DC  11 N3    ? ? ? 1_555 B DG  2  N1 ? ? A DC  11  B DG  14  1_555 ? ? ? ? ? ? WATSON-CRICK ?     ? ? 
hydrog22 hydrog ?    ? A DC  11 N4    ? ? ? 1_555 B DG  2  O6 ? ? A DC  11  B DG  14  1_555 ? ? ? ? ? ? WATSON-CRICK ?     ? ? 
hydrog23 hydrog ?    ? A DC  11 O2    ? ? ? 1_555 B DG  2  N2 ? ? A DC  11  B DG  14  1_555 ? ? ? ? ? ? WATSON-CRICK ?     ? ? 
hydrog24 hydrog ?    ? A DG  12 N1    ? ? ? 1_555 B DC  1  N3 ? ? A DG  12  B DC  13  1_555 ? ? ? ? ? ? WATSON-CRICK ?     ? ? 
hydrog25 hydrog ?    ? A DG  12 N2    ? ? ? 1_555 B DC  1  O2 ? ? A DG  12  B DC  13  1_555 ? ? ? ? ? ? WATSON-CRICK ?     ? ? 
hydrog26 hydrog ?    ? A DG  12 O6    ? ? ? 1_555 B DC  1  N4 ? ? A DG  12  B DC  13  1_555 ? ? ? ? ? ? WATSON-CRICK ?     ? ? 
# 
loop_
_struct_conn_type.id 
_struct_conn_type.criteria 
_struct_conn_type.reference 
covale ? ? 
metalc ? ? 
hydrog ? ? 
# 
loop_
_pdbx_struct_conn_angle.id 
_pdbx_struct_conn_angle.ptnr1_label_atom_id 
_pdbx_struct_conn_angle.ptnr1_label_alt_id 
_pdbx_struct_conn_angle.ptnr1_label_asym_id 
_pdbx_struct_conn_angle.ptnr1_label_comp_id 
_pdbx_struct_conn_angle.ptnr1_label_seq_id 
_pdbx_struct_conn_angle.ptnr1_auth_atom_id 
_pdbx_struct_conn_angle.ptnr1_auth_asym_id 
_pdbx_struct_conn_angle.ptnr1_auth_comp_id 
_pdbx_struct_conn_angle.ptnr1_auth_seq_id 
_pdbx_struct_conn_angle.ptnr1_PDB_ins_code 
_pdbx_struct_conn_angle.ptnr1_symmetry 
_pdbx_struct_conn_angle.ptnr2_label_atom_id 
_pdbx_struct_conn_angle.ptnr2_label_alt_id 
_pdbx_struct_conn_angle.ptnr2_label_asym_id 
_pdbx_struct_conn_angle.ptnr2_label_comp_id 
_pdbx_struct_conn_angle.ptnr2_label_seq_id 
_pdbx_struct_conn_angle.ptnr2_auth_atom_id 
_pdbx_struct_conn_angle.ptnr2_auth_asym_id 
_pdbx_struct_conn_angle.ptnr2_auth_comp_id 
_pdbx_struct_conn_angle.ptnr2_auth_seq_id 
_pdbx_struct_conn_angle.ptnr2_PDB_ins_code 
_pdbx_struct_conn_angle.ptnr2_symmetry 
_pdbx_struct_conn_angle.ptnr3_label_atom_id 
_pdbx_struct_conn_angle.ptnr3_label_alt_id 
_pdbx_struct_conn_angle.ptnr3_label_asym_id 
_pdbx_struct_conn_angle.ptnr3_label_comp_id 
_pdbx_struct_conn_angle.ptnr3_label_seq_id 
_pdbx_struct_conn_angle.ptnr3_auth_atom_id 
_pdbx_struct_conn_angle.ptnr3_auth_asym_id 
_pdbx_struct_conn_angle.ptnr3_auth_comp_id 
_pdbx_struct_conn_angle.ptnr3_auth_seq_id 
_pdbx_struct_conn_angle.ptnr3_PDB_ins_code 
_pdbx_struct_conn_angle.ptnr3_symmetry 
_pdbx_struct_conn_angle.value 
_pdbx_struct_conn_angle.value_esd 
1  O ? G HOH . ? A HOH 505 ? 1_555 SR ? C SR . ? A SR 101 ? 1_555 O ? G HOH . ? A HOH 509 ? 1_555 78.7  ? 
2  O ? G HOH . ? A HOH 505 ? 1_555 SR ? C SR . ? A SR 101 ? 1_555 O ? G HOH . ? A HOH 511 ? 1_555 148.0 ? 
3  O ? G HOH . ? A HOH 509 ? 1_555 SR ? C SR . ? A SR 101 ? 1_555 O ? G HOH . ? A HOH 511 ? 1_555 76.9  ? 
4  O ? G HOH . ? A HOH 505 ? 1_555 SR ? C SR . ? A SR 101 ? 1_555 O ? G HOH . ? A HOH 520 ? 1_555 72.7  ? 
5  O ? G HOH . ? A HOH 509 ? 1_555 SR ? C SR . ? A SR 101 ? 1_555 O ? G HOH . ? A HOH 520 ? 1_555 73.4  ? 
6  O ? G HOH . ? A HOH 511 ? 1_555 SR ? C SR . ? A SR 101 ? 1_555 O ? G HOH . ? A HOH 520 ? 1_555 80.8  ? 
7  O ? G HOH . ? A HOH 505 ? 1_555 SR ? C SR . ? A SR 101 ? 1_555 O ? G HOH . ? A HOH 570 ? 1_555 102.9 ? 
8  O ? G HOH . ? A HOH 509 ? 1_555 SR ? C SR . ? A SR 101 ? 1_555 O ? G HOH . ? A HOH 570 ? 1_555 138.2 ? 
9  O ? G HOH . ? A HOH 511 ? 1_555 SR ? C SR . ? A SR 101 ? 1_555 O ? G HOH . ? A HOH 570 ? 1_555 82.6  ? 
10 O ? G HOH . ? A HOH 520 ? 1_555 SR ? C SR . ? A SR 101 ? 1_555 O ? G HOH . ? A HOH 570 ? 1_555 67.6  ? 
11 O ? G HOH . ? A HOH 505 ? 1_555 SR ? C SR . ? A SR 101 ? 1_555 O ? H HOH . ? B HOH 206 ? 1_555 75.3  ? 
12 O ? G HOH . ? A HOH 509 ? 1_555 SR ? C SR . ? A SR 101 ? 1_555 O ? H HOH . ? B HOH 206 ? 1_555 140.4 ? 
13 O ? G HOH . ? A HOH 511 ? 1_555 SR ? C SR . ? A SR 101 ? 1_555 O ? H HOH . ? B HOH 206 ? 1_555 136.0 ? 
14 O ? G HOH . ? A HOH 520 ? 1_555 SR ? C SR . ? A SR 101 ? 1_555 O ? H HOH . ? B HOH 206 ? 1_555 124.5 ? 
15 O ? G HOH . ? A HOH 570 ? 1_555 SR ? C SR . ? A SR 101 ? 1_555 O ? H HOH . ? B HOH 206 ? 1_555 77.2  ? 
16 O ? G HOH . ? A HOH 505 ? 1_555 SR ? C SR . ? A SR 101 ? 1_555 O ? H HOH . ? B HOH 209 ? 1_555 139.4 ? 
17 O ? G HOH . ? A HOH 509 ? 1_555 SR ? C SR . ? A SR 101 ? 1_555 O ? H HOH . ? B HOH 209 ? 1_555 106.3 ? 
18 O ? G HOH . ? A HOH 511 ? 1_555 SR ? C SR . ? A SR 101 ? 1_555 O ? H HOH . ? B HOH 209 ? 1_555 68.3  ? 
19 O ? G HOH . ? A HOH 520 ? 1_555 SR ? C SR . ? A SR 101 ? 1_555 O ? H HOH . ? B HOH 209 ? 1_555 147.9 ? 
20 O ? G HOH . ? A HOH 570 ? 1_555 SR ? C SR . ? A SR 101 ? 1_555 O ? H HOH . ? B HOH 209 ? 1_555 99.0  ? 
21 O ? H HOH . ? B HOH 206 ? 1_555 SR ? C SR . ? A SR 101 ? 1_555 O ? H HOH . ? B HOH 209 ? 1_555 76.9  ? 
22 O ? G HOH . ? A HOH 505 ? 1_555 SR ? C SR . ? A SR 101 ? 1_555 O ? H HOH . ? B HOH 223 ? 1_555 68.7  ? 
23 O ? G HOH . ? A HOH 509 ? 1_555 SR ? C SR . ? A SR 101 ? 1_555 O ? H HOH . ? B HOH 223 ? 1_555 72.9  ? 
24 O ? G HOH . ? A HOH 511 ? 1_555 SR ? C SR . ? A SR 101 ? 1_555 O ? H HOH . ? B HOH 223 ? 1_555 121.9 ? 
25 O ? G HOH . ? A HOH 520 ? 1_555 SR ? C SR . ? A SR 101 ? 1_555 O ? H HOH . ? B HOH 223 ? 1_555 132.5 ? 
26 O ? G HOH . ? A HOH 570 ? 1_555 SR ? C SR . ? A SR 101 ? 1_555 O ? H HOH . ? B HOH 223 ? 1_555 147.3 ? 
27 O ? H HOH . ? B HOH 206 ? 1_555 SR ? C SR . ? A SR 101 ? 1_555 O ? H HOH . ? B HOH 223 ? 1_555 70.1  ? 
28 O ? H HOH . ? B HOH 209 ? 1_555 SR ? C SR . ? A SR 101 ? 1_555 O ? H HOH . ? B HOH 223 ? 1_555 74.3  ? 
29 O ? G HOH . ? A HOH 502 ? 1_555 SR ? D SR . ? A SR 102 ? 1_555 O ? G HOH . ? A HOH 556 ? 1_555 68.7  ? 
30 O ? G HOH . ? A HOH 502 ? 1_555 SR ? D SR . ? A SR 102 ? 1_555 O ? G HOH . ? A HOH 569 ? 1_555 69.4  ? 
31 O ? G HOH . ? A HOH 556 ? 1_555 SR ? D SR . ? A SR 102 ? 1_555 O ? G HOH . ? A HOH 569 ? 1_555 112.8 ? 
32 O ? G HOH . ? A HOH 502 ? 1_555 SR ? D SR . ? A SR 102 ? 1_555 O ? H HOH . ? B HOH 251 ? 1_555 140.5 ? 
33 O ? G HOH . ? A HOH 556 ? 1_555 SR ? D SR . ? A SR 102 ? 1_555 O ? H HOH . ? B HOH 251 ? 1_555 149.5 ? 
34 O ? G HOH . ? A HOH 569 ? 1_555 SR ? D SR . ? A SR 102 ? 1_555 O ? H HOH . ? B HOH 251 ? 1_555 80.4  ? 
35 O ? G HOH . ? A HOH 502 ? 1_555 SR ? D SR . ? A SR 102 ? 1_555 O ? H HOH . ? B HOH 255 ? 1_555 138.1 ? 
36 O ? G HOH . ? A HOH 556 ? 1_555 SR ? D SR . ? A SR 102 ? 1_555 O ? H HOH . ? B HOH 255 ? 1_555 77.4  ? 
37 O ? G HOH . ? A HOH 569 ? 1_555 SR ? D SR . ? A SR 102 ? 1_555 O ? H HOH . ? B HOH 255 ? 1_555 149.7 ? 
38 O ? H HOH . ? B HOH 251 ? 1_555 SR ? D SR . ? A SR 102 ? 1_555 O ? H HOH . ? B HOH 255 ? 1_555 78.7  ? 
39 O ? G HOH . ? A HOH 502 ? 1_555 SR ? D SR . ? A SR 102 ? 1_555 O ? H HOH . ? B HOH 257 ? 1_555 121.4 ? 
40 O ? G HOH . ? A HOH 556 ? 1_555 SR ? D SR . ? A SR 102 ? 1_555 O ? H HOH . ? B HOH 257 ? 1_555 79.6  ? 
41 O ? G HOH . ? A HOH 569 ? 1_555 SR ? D SR . ? A SR 102 ? 1_555 O ? H HOH . ? B HOH 257 ? 1_555 80.4  ? 
42 O ? H HOH . ? B HOH 251 ? 1_555 SR ? D SR . ? A SR 102 ? 1_555 O ? H HOH . ? B HOH 257 ? 1_555 75.6  ? 
43 O ? H HOH . ? B HOH 255 ? 1_555 SR ? D SR . ? A SR 102 ? 1_555 O ? H HOH . ? B HOH 257 ? 1_555 73.4  ? 
# 
loop_
_struct_site.id 
_struct_site.pdbx_evidence_code 
_struct_site.pdbx_auth_asym_id 
_struct_site.pdbx_auth_comp_id 
_struct_site.pdbx_auth_seq_id 
_struct_site.pdbx_auth_ins_code 
_struct_site.pdbx_num_residues 
_struct_site.details 
AC1 Software A SR 101 ? 8  'BINDING SITE FOR RESIDUE SR A 101' 
AC2 Software A SR 102 ? 8  'BINDING SITE FOR RESIDUE SR A 102' 
AC3 Software A SR 103 ? 6  'BINDING SITE FOR RESIDUE SR A 103' 
AC4 Software B HT 101 ? 15 'BINDING SITE FOR RESIDUE HT B 101' 
1   ?        ? ?  ?   ? ?  ?                                   
# 
loop_
_struct_site_gen.id 
_struct_site_gen.site_id 
_struct_site_gen.pdbx_num_res 
_struct_site_gen.label_comp_id 
_struct_site_gen.label_asym_id 
_struct_site_gen.label_seq_id 
_struct_site_gen.pdbx_auth_ins_code 
_struct_site_gen.auth_comp_id 
_struct_site_gen.auth_asym_id 
_struct_site_gen.auth_seq_id 
_struct_site_gen.label_atom_id 
_struct_site_gen.label_alt_id 
_struct_site_gen.symmetry 
_struct_site_gen.details 
1  AC1 8  HOH G .  ? HOH A 505 . ? 1_555 ? 
2  AC1 8  HOH G .  ? HOH A 509 . ? 1_555 ? 
3  AC1 8  HOH G .  ? HOH A 511 . ? 1_555 ? 
4  AC1 8  HOH G .  ? HOH A 520 . ? 1_555 ? 
5  AC1 8  HOH G .  ? HOH A 570 . ? 1_555 ? 
6  AC1 8  HOH H .  ? HOH B 206 . ? 1_555 ? 
7  AC1 8  HOH H .  ? HOH B 209 . ? 1_555 ? 
8  AC1 8  HOH H .  ? HOH B 223 . ? 1_555 ? 
9  AC2 8  HOH G .  ? HOH A 502 . ? 1_555 ? 
10 AC2 8  HOH G .  ? HOH A 512 . ? 3_545 ? 
11 AC2 8  HOH G .  ? HOH A 523 . ? 3_545 ? 
12 AC2 8  HOH G .  ? HOH A 556 . ? 1_555 ? 
13 AC2 8  HOH G .  ? HOH A 569 . ? 1_555 ? 
14 AC2 8  HOH H .  ? HOH B 251 . ? 1_555 ? 
15 AC2 8  HOH H .  ? HOH B 255 . ? 1_555 ? 
16 AC2 8  HOH H .  ? HOH B 257 . ? 1_555 ? 
17 AC3 6  HOH G .  ? HOH A 514 . ? 1_555 ? 
18 AC3 6  HOH G .  ? HOH A 524 . ? 2_455 ? 
19 AC3 6  HOH H .  ? HOH B 211 . ? 1_455 ? 
20 AC3 6  HOH H .  ? HOH B 213 . ? 1_455 ? 
21 AC3 6  HOH H .  ? HOH B 221 . ? 1_455 ? 
22 AC3 6  HOH H .  ? HOH B 230 . ? 1_455 ? 
23 AC4 15 DA  A 5  ? DA  A 5   . ? 1_555 ? 
24 AC4 15 DA  A 6  ? DA  A 6   . ? 1_555 ? 
25 AC4 15 DT  A 7  ? DT  A 7   . ? 1_555 ? 
26 AC4 15 DT  A 8  ? DT  A 8   . ? 1_555 ? 
27 AC4 15 DC  A 9  ? DC  A 9   . ? 1_555 ? 
28 AC4 15 DG  A 12 ? DG  A 12  . ? 2_455 ? 
29 AC4 15 DT  B 7  ? DT  B 19  . ? 1_555 ? 
30 AC4 15 DT  B 8  ? DT  B 20  . ? 1_555 ? 
31 AC4 15 DC  B 9  ? DC  B 21  . ? 1_555 ? 
32 AC4 15 DG  B 10 ? DG  B 22  . ? 1_555 ? 
33 AC4 15 DC  B 11 ? DC  B 23  . ? 1_555 ? 
34 AC4 15 HOH H .  ? HOH B 202 . ? 1_555 ? 
35 AC4 15 HOH H .  ? HOH B 208 . ? 1_555 ? 
36 AC4 15 HOH H .  ? HOH B 219 . ? 1_555 ? 
37 AC4 15 HOH H .  ? HOH B 238 . ? 1_555 ? 
# 
loop_
_pdbx_validate_rmsd_bond.id 
_pdbx_validate_rmsd_bond.PDB_model_num 
_pdbx_validate_rmsd_bond.auth_atom_id_1 
_pdbx_validate_rmsd_bond.auth_asym_id_1 
_pdbx_validate_rmsd_bond.auth_comp_id_1 
_pdbx_validate_rmsd_bond.auth_seq_id_1 
_pdbx_validate_rmsd_bond.PDB_ins_code_1 
_pdbx_validate_rmsd_bond.label_alt_id_1 
_pdbx_validate_rmsd_bond.auth_atom_id_2 
_pdbx_validate_rmsd_bond.auth_asym_id_2 
_pdbx_validate_rmsd_bond.auth_comp_id_2 
_pdbx_validate_rmsd_bond.auth_seq_id_2 
_pdbx_validate_rmsd_bond.PDB_ins_code_2 
_pdbx_validate_rmsd_bond.label_alt_id_2 
_pdbx_validate_rmsd_bond.bond_value 
_pdbx_validate_rmsd_bond.bond_target_value 
_pdbx_validate_rmsd_bond.bond_deviation 
_pdbx_validate_rmsd_bond.bond_standard_deviation 
_pdbx_validate_rmsd_bond.linker_flag 
1  1 N1    A DC 1  ? ? C2    A DC 1  ? ? 1.463 1.397 0.066  0.010 N 
2  1 N1    A DG 2  ? ? C2    A DG 2  ? ? 1.444 1.373 0.071  0.008 N 
3  1 C6    A DG 2  ? ? O6    A DG 2  ? ? 1.292 1.237 0.055  0.009 N 
4  1 C5    A DC 3  ? ? C6    A DC 3  ? ? 1.390 1.339 0.051  0.008 N 
5  1 N3    A DA 5  ? ? C4    A DA 5  ? ? 1.383 1.344 0.039  0.006 N 
6  1 C6    A DA 5  ? ? N6    A DA 5  ? ? 1.396 1.335 0.061  0.008 N 
7  1 N3    A DA 6  ? ? C4    A DA 6  ? ? 1.303 1.344 -0.041 0.006 N 
8  1 C8    A DA 6  ? ? N9    A DA 6  ? ? 1.324 1.373 -0.049 0.008 N 
9  1 N9    A DA 6  ? ? C4    A DA 6  ? ? 1.414 1.374 0.040  0.006 N 
10 1 C5    A DT 7  ? ? C7    A DT 7  ? ? 1.455 1.496 -0.041 0.006 N 
11 1 "O4'" A DT 8  ? ? "C4'" A DT 8  ? ? 1.363 1.446 -0.083 0.010 N 
12 1 C4    A DT 8  ? ? O4    A DT 8  ? ? 1.166 1.228 -0.062 0.009 N 
13 1 C2    A DC 9  ? ? O2    A DC 9  ? ? 1.172 1.240 -0.068 0.009 N 
14 1 P     A DG 10 ? ? "O5'" A DG 10 ? ? 1.668 1.593 0.075  0.010 N 
15 1 "O3'" A DG 12 ? ? "C3'" A DG 12 ? ? 1.376 1.419 -0.043 0.006 N 
16 1 C2    A DG 12 ? ? N3    A DG 12 ? ? 1.259 1.323 -0.064 0.008 N 
17 1 N7    A DG 12 ? ? C8    A DG 12 ? ? 1.258 1.305 -0.047 0.006 N 
18 1 "C5'" B DC 13 ? ? "C4'" B DC 13 ? ? 1.554 1.512 0.042  0.007 N 
19 1 "C2'" B DG 14 ? ? "C1'" B DG 14 ? ? 1.454 1.518 -0.064 0.010 N 
20 1 C5    B DA 17 ? ? N7    B DA 17 ? ? 1.337 1.388 -0.051 0.006 N 
21 1 N9    B DA 17 ? ? C4    B DA 17 ? ? 1.425 1.374 0.051  0.006 N 
22 1 C5    B DT 19 ? ? C7    B DT 19 ? ? 1.534 1.496 0.038  0.006 N 
23 1 P     B DT 20 ? ? "O5'" B DT 20 ? ? 1.659 1.593 0.066  0.010 N 
24 1 C5    B DT 20 ? ? C7    B DT 20 ? ? 1.449 1.496 -0.047 0.006 N 
25 1 "C3'" B DG 22 ? ? "C2'" B DG 22 ? ? 1.464 1.516 -0.052 0.008 N 
26 1 C2    B DG 22 ? ? N3    B DG 22 ? ? 1.380 1.323 0.057  0.008 N 
27 1 C6    B DG 22 ? ? N1    B DG 22 ? ? 1.439 1.391 0.048  0.007 N 
28 1 C5    B DG 22 ? ? N7    B DG 22 ? ? 1.436 1.388 0.048  0.006 N 
29 1 N7    B DG 22 ? ? C8    B DG 22 ? ? 1.266 1.305 -0.039 0.006 N 
30 1 P     B DC 23 ? ? "O5'" B DC 23 ? ? 1.653 1.593 0.060  0.010 N 
31 1 C2    B DC 23 ? ? O2    B DC 23 ? ? 1.310 1.240 0.070  0.009 N 
32 1 C2    B DG 24 ? ? N2    B DG 24 ? ? 1.255 1.341 -0.086 0.010 N 
# 
loop_
_pdbx_validate_rmsd_angle.id 
_pdbx_validate_rmsd_angle.PDB_model_num 
_pdbx_validate_rmsd_angle.auth_atom_id_1 
_pdbx_validate_rmsd_angle.auth_asym_id_1 
_pdbx_validate_rmsd_angle.auth_comp_id_1 
_pdbx_validate_rmsd_angle.auth_seq_id_1 
_pdbx_validate_rmsd_angle.PDB_ins_code_1 
_pdbx_validate_rmsd_angle.label_alt_id_1 
_pdbx_validate_rmsd_angle.auth_atom_id_2 
_pdbx_validate_rmsd_angle.auth_asym_id_2 
_pdbx_validate_rmsd_angle.auth_comp_id_2 
_pdbx_validate_rmsd_angle.auth_seq_id_2 
_pdbx_validate_rmsd_angle.PDB_ins_code_2 
_pdbx_validate_rmsd_angle.label_alt_id_2 
_pdbx_validate_rmsd_angle.auth_atom_id_3 
_pdbx_validate_rmsd_angle.auth_asym_id_3 
_pdbx_validate_rmsd_angle.auth_comp_id_3 
_pdbx_validate_rmsd_angle.auth_seq_id_3 
_pdbx_validate_rmsd_angle.PDB_ins_code_3 
_pdbx_validate_rmsd_angle.label_alt_id_3 
_pdbx_validate_rmsd_angle.angle_value 
_pdbx_validate_rmsd_angle.angle_target_value 
_pdbx_validate_rmsd_angle.angle_deviation 
_pdbx_validate_rmsd_angle.angle_standard_deviation 
_pdbx_validate_rmsd_angle.linker_flag 
1   1 "C4'" A DC  1  ? ? "C3'" A DC  1  ? ? "C2'" A DC 1  ? ? 95.36  102.20 -6.84  0.70 N 
2   1 "O4'" A DC  1  ? ? "C1'" A DC  1  ? ? "C2'" A DC 1  ? ? 97.58  105.90 -8.32  0.80 N 
3   1 "O4'" A DC  1  ? ? "C1'" A DC  1  ? ? N1    A DC 1  ? ? 99.87  108.00 -8.13  0.70 N 
4   1 C6    A DC  1  ? ? N1    A DC  1  ? ? C2    A DC 1  ? ? 110.51 120.30 -9.79  0.40 N 
5   1 N1    A DC  1  ? ? C2    A DC  1  ? ? N3    A DC 1  ? ? 127.22 119.20 8.02   0.70 N 
6   1 N3    A DC  1  ? ? C4    A DC  1  ? ? C5    A DC 1  ? ? 116.83 121.90 -5.07  0.40 N 
7   1 C4    A DC  1  ? ? C5    A DC  1  ? ? C6    A DC 1  ? ? 121.02 117.40 3.62   0.50 N 
8   1 C5    A DC  1  ? ? C6    A DC  1  ? ? N1    A DC 1  ? ? 124.17 121.00 3.17   0.50 N 
9   1 N1    A DC  1  ? ? C2    A DC  1  ? ? O2    A DC 1  ? ? 108.59 118.90 -10.31 0.60 N 
10  1 "O4'" A DG  2  ? ? "C1'" A DG  2  ? ? N9    A DG 2  ? ? 99.50  108.00 -8.50  0.70 N 
11  1 N1    A DG  2  ? ? C2    A DG  2  ? ? N3    A DG 2  ? ? 118.08 123.90 -5.82  0.60 N 
12  1 C2    A DG  2  ? ? N3    A DG  2  ? ? C4    A DG 2  ? ? 120.07 111.90 8.17   0.50 N 
13  1 C5    A DG  2  ? ? C6    A DG  2  ? ? N1    A DG 2  ? ? 118.11 111.50 6.61   0.50 N 
14  1 C5    A DG  2  ? ? N7    A DG  2  ? ? C8    A DG 2  ? ? 107.45 104.30 3.15   0.50 N 
15  1 N7    A DG  2  ? ? C8    A DG  2  ? ? N9    A DG 2  ? ? 108.65 113.10 -4.45  0.50 N 
16  1 C8    A DG  2  ? ? N9    A DG  2  ? ? C4    A DG 2  ? ? 108.93 106.40 2.53   0.40 N 
17  1 C6    A DG  2  ? ? C5    A DG  2  ? ? N7    A DG 2  ? ? 134.93 130.40 4.53   0.60 N 
18  1 N3    A DG  2  ? ? C2    A DG  2  ? ? N2    A DG 2  ? ? 127.39 119.90 7.49   0.70 N 
19  1 N1    A DG  2  ? ? C6    A DG  2  ? ? O6    A DG 2  ? ? 113.83 119.90 -6.07  0.60 N 
20  1 "O4'" A DC  3  ? ? "C1'" A DC  3  ? ? N1    A DC 3  ? ? 102.51 108.00 -5.49  0.70 N 
21  1 C6    A DC  3  ? ? N1    A DC  3  ? ? C2    A DC 3  ? ? 124.87 120.30 4.57   0.40 N 
22  1 N3    A DC  3  ? ? C4    A DC  3  ? ? C5    A DC 3  ? ? 127.43 121.90 5.53   0.40 N 
23  1 C4    A DC  3  ? ? C5    A DC  3  ? ? C6    A DC 3  ? ? 114.28 117.40 -3.12  0.50 N 
24  1 C5    A DC  3  ? ? C4    A DC  3  ? ? N4    A DC 3  ? ? 115.92 120.20 -4.28  0.70 N 
25  1 "C3'" A C6G 4  ? ? "O3'" A C6G 4  ? ? P     A DA 5  ? ? 131.31 119.70 11.61  1.20 Y 
26  1 "O5'" A DA  6  ? ? P     A DA  6  ? ? OP2   A DA 6  ? ? 97.62  105.70 -8.08  0.90 N 
27  1 N1    A DA  6  ? ? C2    A DA  6  ? ? N3    A DA 6  ? ? 122.65 129.30 -6.65  0.50 N 
28  1 C2    A DA  6  ? ? N3    A DA  6  ? ? C4    A DA 6  ? ? 115.73 110.60 5.13   0.50 N 
29  1 C5    A DA  6  ? ? N7    A DA  6  ? ? C8    A DA 6  ? ? 98.90  103.90 -5.00  0.50 N 
30  1 N7    A DA  6  ? ? C8    A DA  6  ? ? N9    A DA 6  ? ? 120.47 113.80 6.67   0.50 N 
31  1 C8    A DA  6  ? ? N9    A DA  6  ? ? C4    A DA 6  ? ? 102.25 105.80 -3.55  0.40 N 
32  1 "C1'" A DT  7  ? ? "O4'" A DT  7  ? ? "C4'" A DT 7  ? ? 103.19 110.10 -6.91  1.00 N 
33  1 "O4'" A DT  7  ? ? "C1'" A DT  7  ? ? "C2'" A DT 7  ? ? 100.05 105.90 -5.85  0.80 N 
34  1 C2    A DT  7  ? ? N3    A DT  7  ? ? C4    A DT 7  ? ? 131.84 127.20 4.64   0.60 N 
35  1 C6    A DT  7  ? ? C5    A DT  7  ? ? C7    A DT 7  ? ? 126.84 122.90 3.94   0.60 N 
36  1 C6    A DT  8  ? ? N1    A DT  8  ? ? C2    A DT 8  ? ? 118.15 121.30 -3.15  0.50 N 
37  1 C4    A DT  8  ? ? C5    A DT  8  ? ? C6    A DT 8  ? ? 112.24 118.00 -5.76  0.60 N 
38  1 C5    A DT  8  ? ? C6    A DT  8  ? ? N1    A DT 8  ? ? 128.56 123.70 4.86   0.60 N 
39  1 "C4'" A DC  9  ? ? "C3'" A DC  9  ? ? "C2'" A DC 9  ? ? 108.70 103.10 5.60   0.90 N 
40  1 "O4'" A DC  9  ? ? "C1'" A DC  9  ? ? N1    A DC 9  ? ? 102.45 108.00 -5.55  0.70 N 
41  1 OP1   A DG  10 ? ? P     A DG  10 ? ? OP2   A DG 10 ? ? 132.33 119.60 12.73  1.50 N 
42  1 "O5'" A DG  10 ? ? P     A DG  10 ? ? OP2   A DG 10 ? ? 98.82  105.70 -6.88  0.90 N 
43  1 "C3'" A DG  10 ? ? "C2'" A DG  10 ? ? "C1'" A DG 10 ? ? 96.36  102.40 -6.04  0.80 N 
44  1 "O4'" A DG  10 ? ? "C1'" A DG  10 ? ? N9    A DG 10 ? ? 110.52 108.30 2.22   0.30 N 
45  1 C5    A DG  10 ? ? N7    A DG  10 ? ? C8    A DG 10 ? ? 100.44 104.30 -3.86  0.50 N 
46  1 "O4'" A DC  11 ? ? "C1'" A DC  11 ? ? "C2'" A DC 11 ? ? 100.72 105.90 -5.18  0.80 N 
47  1 "O4'" A DC  11 ? ? "C1'" A DC  11 ? ? N1    A DC 11 ? ? 99.85  108.00 -8.15  0.70 N 
48  1 "O4'" A DG  12 ? ? "C4'" A DG  12 ? ? "C3'" A DG 12 ? ? 100.46 104.50 -4.04  0.40 N 
49  1 "C4'" A DG  12 ? ? "C3'" A DG  12 ? ? "C2'" A DG 12 ? ? 111.51 103.10 8.41   0.90 N 
50  1 "O4'" B DG  14 ? ? "C4'" B DG  14 ? ? "C3'" B DG 14 ? ? 101.78 104.50 -2.72  0.40 N 
51  1 "O4'" B DG  14 ? ? "C1'" B DG  14 ? ? "C2'" B DG 14 ? ? 111.23 106.80 4.43   0.50 N 
52  1 N1    B DG  14 ? ? C2    B DG  14 ? ? N3    B DG 14 ? ? 120.21 123.90 -3.69  0.60 N 
53  1 N3    B DG  14 ? ? C4    B DG  14 ? ? C5    B DG 14 ? ? 133.34 128.60 4.74   0.50 N 
54  1 C4    B DG  14 ? ? C5    B DG  14 ? ? C6    B DG 14 ? ? 114.51 118.80 -4.29  0.60 N 
55  1 C4    B DG  14 ? ? C5    B DG  14 ? ? N7    B DG 14 ? ? 113.47 110.80 2.67   0.40 N 
56  1 C5    B DG  14 ? ? C6    B DG  14 ? ? O6    B DG 14 ? ? 124.00 128.60 -4.60  0.60 N 
57  1 "O4'" B DC  15 ? ? "C1'" B DC  15 ? ? N1    B DC 15 ? ? 103.55 108.00 -4.45  0.70 N 
58  1 C6    B DC  15 ? ? N1    B DC  15 ? ? C2    B DC 15 ? ? 117.67 120.30 -2.63  0.40 N 
59  1 C5    B DC  15 ? ? C6    B DC  15 ? ? N1    B DC 15 ? ? 124.21 121.00 3.21   0.50 N 
60  1 N1    B DC  15 ? ? C2    B DC  15 ? ? O2    B DC 15 ? ? 114.28 118.90 -4.62  0.60 N 
61  1 N3    B DC  15 ? ? C2    B DC  15 ? ? O2    B DC 15 ? ? 126.77 121.90 4.87   0.70 N 
62  1 C6    B DA  17 ? ? N1    B DA  17 ? ? C2    B DA 17 ? ? 129.35 118.60 10.75  0.60 N 
63  1 N1    B DA  17 ? ? C2    B DA  17 ? ? N3    B DA 17 ? ? 117.70 129.30 -11.60 0.50 N 
64  1 C2    B DA  17 ? ? N3    B DA  17 ? ? C4    B DA 17 ? ? 114.99 110.60 4.39   0.50 N 
65  1 C4    B DA  17 ? ? C5    B DA  17 ? ? C6    B DA 17 ? ? 113.88 117.00 -3.12  0.50 N 
66  1 C5    B DA  17 ? ? C6    B DA  17 ? ? N1    B DA 17 ? ? 114.37 117.70 -3.33  0.50 N 
67  1 N1    B DA  17 ? ? C6    B DA  17 ? ? N6    B DA 17 ? ? 122.58 118.60 3.98   0.60 N 
68  1 C6    B DA  18 ? ? N1    B DA  18 ? ? C2    B DA 18 ? ? 126.93 118.60 8.33   0.60 N 
69  1 N1    B DA  18 ? ? C2    B DA  18 ? ? N3    B DA 18 ? ? 122.91 129.30 -6.39  0.50 N 
70  1 C5    B DA  18 ? ? C6    B DA  18 ? ? N1    B DA 18 ? ? 114.66 117.70 -3.04  0.50 N 
71  1 C5    B DA  18 ? ? N7    B DA  18 ? ? C8    B DA 18 ? ? 99.11  103.90 -4.79  0.50 N 
72  1 N7    B DA  18 ? ? C8    B DA  18 ? ? N9    B DA 18 ? ? 119.39 113.80 5.59   0.50 N 
73  1 N1    B DA  18 ? ? C6    B DA  18 ? ? N6    B DA 18 ? ? 122.75 118.60 4.15   0.60 N 
74  1 OP1   B DT  19 ? ? P     B DT  19 ? ? OP2   B DT 19 ? ? 131.19 119.60 11.59  1.50 N 
75  1 "O5'" B DT  19 ? ? P     B DT  19 ? ? OP2   B DT 19 ? ? 99.65  105.70 -6.05  0.90 N 
76  1 C6    B DT  19 ? ? N1    B DT  19 ? ? C2    B DT 19 ? ? 117.41 121.30 -3.89  0.50 N 
77  1 N1    B DT  19 ? ? C2    B DT  19 ? ? N3    B DT 19 ? ? 118.22 114.60 3.62   0.60 N 
78  1 N3    B DT  19 ? ? C4    B DT  19 ? ? O4    B DT 19 ? ? 123.98 119.90 4.08   0.60 N 
79  1 C6    B DT  20 ? ? N1    B DT  20 ? ? C2    B DT 20 ? ? 117.86 121.30 -3.44  0.50 N 
80  1 N3    B DT  20 ? ? C4    B DT  20 ? ? C5    B DT 20 ? ? 110.85 115.20 -4.35  0.60 N 
81  1 "O5'" B DC  21 ? ? P     B DC  21 ? ? OP2   B DC 21 ? ? 96.33  105.70 -9.37  0.90 N 
82  1 "O4'" B DC  21 ? ? "C4'" B DC  21 ? ? "C3'" B DC 21 ? ? 102.03 104.50 -2.47  0.40 N 
83  1 "C4'" B DC  21 ? ? "C3'" B DC  21 ? ? "C2'" B DC 21 ? ? 108.90 103.10 5.80   0.90 N 
84  1 "O4'" B DG  22 ? ? "C1'" B DG  22 ? ? "C2'" B DG 22 ? ? 97.79  105.90 -8.11  0.80 N 
85  1 "O4'" B DG  22 ? ? "C1'" B DG  22 ? ? N9    B DG 22 ? ? 113.28 108.30 4.98   0.30 N 
86  1 C2    B DG  22 ? ? N3    B DG  22 ? ? C4    B DG 22 ? ? 106.55 111.90 -5.35  0.50 N 
87  1 N3    B DG  22 ? ? C4    B DG  22 ? ? C5    B DG 22 ? ? 132.40 128.60 3.80   0.50 N 
88  1 C5    B DG  22 ? ? N7    B DG  22 ? ? C8    B DG 22 ? ? 99.62  104.30 -4.68  0.50 N 
89  1 N7    B DG  22 ? ? C8    B DG  22 ? ? N9    B DG 22 ? ? 118.98 113.10 5.88   0.50 N 
90  1 C8    B DG  22 ? ? N9    B DG  22 ? ? C4    B DG 22 ? ? 103.14 106.40 -3.26  0.40 N 
91  1 N3    B DG  22 ? ? C4    B DG  22 ? ? N9    B DG 22 ? ? 121.38 126.00 -4.62  0.60 N 
92  1 C6    B DG  22 ? ? C5    B DG  22 ? ? N7    B DG 22 ? ? 126.56 130.40 -3.84  0.60 N 
93  1 N1    B DG  22 ? ? C6    B DG  22 ? ? O6    B DG 22 ? ? 113.81 119.90 -6.09  0.60 N 
94  1 C5    B DG  22 ? ? C6    B DG  22 ? ? O6    B DG 22 ? ? 137.15 128.60 8.55   0.60 N 
95  1 "O4'" B DC  23 ? ? "C1'" B DC  23 ? ? "C2'" B DC 23 ? ? 111.33 106.80 4.53   0.50 N 
96  1 "O4'" B DC  23 ? ? "C1'" B DC  23 ? ? N1    B DC 23 ? ? 103.50 108.00 -4.50  0.70 N 
97  1 C6    B DC  23 ? ? N1    B DC  23 ? ? C2    B DC 23 ? ? 117.59 120.30 -2.71  0.40 N 
98  1 N1    B DC  23 ? ? C2    B DC  23 ? ? N3    B DC 23 ? ? 127.21 119.20 8.01   0.70 N 
99  1 C2    B DC  23 ? ? N3    B DC  23 ? ? C4    B DC 23 ? ? 114.22 119.90 -5.68  0.50 N 
100 1 C4    B DC  23 ? ? C5    B DC  23 ? ? C6    B DC 23 ? ? 125.21 117.40 7.81   0.50 N 
101 1 C5    B DC  23 ? ? C6    B DC  23 ? ? N1    B DC 23 ? ? 114.97 121.00 -6.03  0.50 N 
102 1 N1    B DC  23 ? ? C2    B DC  23 ? ? O2    B DC 23 ? ? 113.32 118.90 -5.58  0.60 N 
103 1 "O5'" B DG  24 ? ? P     B DG  24 ? ? OP2   B DG 24 ? ? 100.02 105.70 -5.68  0.90 N 
104 1 C5    B DG  24 ? ? C6    B DG  24 ? ? N1    B DG 24 ? ? 115.24 111.50 3.74   0.50 N 
105 1 C4    B DG  24 ? ? C5    B DG  24 ? ? N7    B DG 24 ? ? 108.30 110.80 -2.50  0.40 N 
106 1 C5    B DG  24 ? ? N7    B DG  24 ? ? C8    B DG 24 ? ? 109.79 104.30 5.49   0.50 N 
107 1 N7    B DG  24 ? ? C8    B DG  24 ? ? N9    B DG 24 ? ? 108.04 113.10 -5.06  0.50 N 
108 1 C8    B DG  24 ? ? N9    B DG  24 ? ? C4    B DG 24 ? ? 108.94 106.40 2.54   0.40 N 
109 1 N1    B DG  24 ? ? C6    B DG  24 ? ? O6    B DG 24 ? ? 116.22 119.90 -3.68  0.60 N 
# 
_pdbx_validate_planes.id              1 
_pdbx_validate_planes.PDB_model_num   1 
_pdbx_validate_planes.auth_comp_id    DG 
_pdbx_validate_planes.auth_asym_id    B 
_pdbx_validate_planes.auth_seq_id     14 
_pdbx_validate_planes.PDB_ins_code    ? 
_pdbx_validate_planes.label_alt_id    ? 
_pdbx_validate_planes.rmsd            0.081 
_pdbx_validate_planes.type            'SIDE CHAIN' 
# 
loop_
_pdbx_struct_mod_residue.id 
_pdbx_struct_mod_residue.label_asym_id 
_pdbx_struct_mod_residue.label_comp_id 
_pdbx_struct_mod_residue.label_seq_id 
_pdbx_struct_mod_residue.auth_asym_id 
_pdbx_struct_mod_residue.auth_comp_id 
_pdbx_struct_mod_residue.auth_seq_id 
_pdbx_struct_mod_residue.PDB_ins_code 
_pdbx_struct_mod_residue.parent_comp_id 
_pdbx_struct_mod_residue.details 
1 A C6G 4 A C6G 4  ? DG ? 
2 B C6G 4 B C6G 16 ? DG ? 
# 
_struct_site_keywords.site_id   1 
_struct_site_keywords.text      'MAJOR GROOVE BINDER' 
# 
_phasing.method   MR 
# 
loop_
_chem_comp_atom.comp_id 
_chem_comp_atom.atom_id 
_chem_comp_atom.type_symbol 
_chem_comp_atom.pdbx_aromatic_flag 
_chem_comp_atom.pdbx_stereo_config 
_chem_comp_atom.pdbx_ordinal 
C6G P      P  N N 1   
C6G OP1    O  N N 2   
C6G OP2    O  N N 3   
C6G "O5'"  O  N N 4   
C6G "C5'"  C  N N 5   
C6G "C4'"  C  N R 6   
C6G "O4'"  O  N N 7   
C6G "C1'"  C  N R 8   
C6G N9     N  Y N 9   
C6G C8     C  Y N 10  
C6G N7     N  Y N 11  
C6G C5     C  Y N 12  
C6G C4     C  Y N 13  
C6G N3     N  Y N 14  
C6G C2     C  Y N 15  
C6G N2     N  N N 16  
C6G N1     N  Y N 17  
C6G C6     C  Y N 18  
C6G O6     O  N N 19  
C6G "C2'"  C  N N 20  
C6G "C3'"  C  N S 21  
C6G "O3'"  O  N N 22  
C6G C      C  N N 23  
C6G O      O  N N 24  
C6G O7     O  N N 25  
C6G CH3    C  N N 26  
C6G HOP2   H  N N 27  
C6G "H5'"  H  N N 28  
C6G "H5''" H  N N 29  
C6G "H4'"  H  N N 30  
C6G "H1'"  H  N N 31  
C6G H8     H  N N 32  
C6G H21    H  N N 33  
C6G H22    H  N N 34  
C6G "H2'"  H  N N 35  
C6G "H2''" H  N N 36  
C6G "H3'"  H  N N 37  
C6G "HO3'" H  N N 38  
C6G HO7    H  N N 39  
C6G H31    H  N N 40  
C6G H32    H  N N 41  
C6G OP3    O  N N 42  
C6G HOP3   H  N N 43  
DA  OP3    O  N N 44  
DA  P      P  N N 45  
DA  OP1    O  N N 46  
DA  OP2    O  N N 47  
DA  "O5'"  O  N N 48  
DA  "C5'"  C  N N 49  
DA  "C4'"  C  N R 50  
DA  "O4'"  O  N N 51  
DA  "C3'"  C  N S 52  
DA  "O3'"  O  N N 53  
DA  "C2'"  C  N N 54  
DA  "C1'"  C  N R 55  
DA  N9     N  Y N 56  
DA  C8     C  Y N 57  
DA  N7     N  Y N 58  
DA  C5     C  Y N 59  
DA  C6     C  Y N 60  
DA  N6     N  N N 61  
DA  N1     N  Y N 62  
DA  C2     C  Y N 63  
DA  N3     N  Y N 64  
DA  C4     C  Y N 65  
DA  HOP3   H  N N 66  
DA  HOP2   H  N N 67  
DA  "H5'"  H  N N 68  
DA  "H5''" H  N N 69  
DA  "H4'"  H  N N 70  
DA  "H3'"  H  N N 71  
DA  "HO3'" H  N N 72  
DA  "H2'"  H  N N 73  
DA  "H2''" H  N N 74  
DA  "H1'"  H  N N 75  
DA  H8     H  N N 76  
DA  H61    H  N N 77  
DA  H62    H  N N 78  
DA  H2     H  N N 79  
DC  OP3    O  N N 80  
DC  P      P  N N 81  
DC  OP1    O  N N 82  
DC  OP2    O  N N 83  
DC  "O5'"  O  N N 84  
DC  "C5'"  C  N N 85  
DC  "C4'"  C  N R 86  
DC  "O4'"  O  N N 87  
DC  "C3'"  C  N S 88  
DC  "O3'"  O  N N 89  
DC  "C2'"  C  N N 90  
DC  "C1'"  C  N R 91  
DC  N1     N  N N 92  
DC  C2     C  N N 93  
DC  O2     O  N N 94  
DC  N3     N  N N 95  
DC  C4     C  N N 96  
DC  N4     N  N N 97  
DC  C5     C  N N 98  
DC  C6     C  N N 99  
DC  HOP3   H  N N 100 
DC  HOP2   H  N N 101 
DC  "H5'"  H  N N 102 
DC  "H5''" H  N N 103 
DC  "H4'"  H  N N 104 
DC  "H3'"  H  N N 105 
DC  "HO3'" H  N N 106 
DC  "H2'"  H  N N 107 
DC  "H2''" H  N N 108 
DC  "H1'"  H  N N 109 
DC  H41    H  N N 110 
DC  H42    H  N N 111 
DC  H5     H  N N 112 
DC  H6     H  N N 113 
DG  OP3    O  N N 114 
DG  P      P  N N 115 
DG  OP1    O  N N 116 
DG  OP2    O  N N 117 
DG  "O5'"  O  N N 118 
DG  "C5'"  C  N N 119 
DG  "C4'"  C  N R 120 
DG  "O4'"  O  N N 121 
DG  "C3'"  C  N S 122 
DG  "O3'"  O  N N 123 
DG  "C2'"  C  N N 124 
DG  "C1'"  C  N R 125 
DG  N9     N  Y N 126 
DG  C8     C  Y N 127 
DG  N7     N  Y N 128 
DG  C5     C  Y N 129 
DG  C6     C  N N 130 
DG  O6     O  N N 131 
DG  N1     N  N N 132 
DG  C2     C  N N 133 
DG  N2     N  N N 134 
DG  N3     N  N N 135 
DG  C4     C  Y N 136 
DG  HOP3   H  N N 137 
DG  HOP2   H  N N 138 
DG  "H5'"  H  N N 139 
DG  "H5''" H  N N 140 
DG  "H4'"  H  N N 141 
DG  "H3'"  H  N N 142 
DG  "HO3'" H  N N 143 
DG  "H2'"  H  N N 144 
DG  "H2''" H  N N 145 
DG  "H1'"  H  N N 146 
DG  H8     H  N N 147 
DG  H1     H  N N 148 
DG  H21    H  N N 149 
DG  H22    H  N N 150 
DT  OP3    O  N N 151 
DT  P      P  N N 152 
DT  OP1    O  N N 153 
DT  OP2    O  N N 154 
DT  "O5'"  O  N N 155 
DT  "C5'"  C  N N 156 
DT  "C4'"  C  N R 157 
DT  "O4'"  O  N N 158 
DT  "C3'"  C  N S 159 
DT  "O3'"  O  N N 160 
DT  "C2'"  C  N N 161 
DT  "C1'"  C  N R 162 
DT  N1     N  N N 163 
DT  C2     C  N N 164 
DT  O2     O  N N 165 
DT  N3     N  N N 166 
DT  C4     C  N N 167 
DT  O4     O  N N 168 
DT  C5     C  N N 169 
DT  C7     C  N N 170 
DT  C6     C  N N 171 
DT  HOP3   H  N N 172 
DT  HOP2   H  N N 173 
DT  "H5'"  H  N N 174 
DT  "H5''" H  N N 175 
DT  "H4'"  H  N N 176 
DT  "H3'"  H  N N 177 
DT  "HO3'" H  N N 178 
DT  "H2'"  H  N N 179 
DT  "H2''" H  N N 180 
DT  "H1'"  H  N N 181 
DT  H3     H  N N 182 
DT  H71    H  N N 183 
DT  H72    H  N N 184 
DT  H73    H  N N 185 
DT  H6     H  N N 186 
HOH O      O  N N 187 
HOH H1     H  N N 188 
HOH H2     H  N N 189 
HT  O1     O  N N 190 
HT  C1     C  Y N 191 
HT  C4     C  Y N 192 
HT  C2     C  Y N 193 
HT  C3     C  Y N 194 
HT  C6     C  Y N 195 
HT  C5     C  Y N 196 
HT  C7     C  Y N 197 
HT  N1     N  Y N 198 
HT  C8     C  Y N 199 
HT  C9     C  Y N 200 
HT  N2     N  Y N 201 
HT  C10    C  Y N 202 
HT  C11    C  Y N 203 
HT  C12    C  Y N 204 
HT  C13    C  Y N 205 
HT  C14    C  Y N 206 
HT  N3     N  Y N 207 
HT  C15    C  Y N 208 
HT  C16    C  Y N 209 
HT  N4     N  Y N 210 
HT  C17    C  Y N 211 
HT  C18    C  Y N 212 
HT  C19    C  Y N 213 
HT  C20    C  Y N 214 
HT  N5     N  N N 215 
HT  C21    C  N N 216 
HT  C22    C  N N 217 
HT  N6     N  N N 218 
HT  C23    C  N N 219 
HT  C24    C  N N 220 
HT  C25    C  N N 221 
HT  HO1    H  N N 222 
HT  H2     H  N N 223 
HT  H3     H  N N 224 
HT  H5     H  N N 225 
HT  H6     H  N N 226 
HT  HN1    H  N N 227 
HT  H10    H  N N 228 
HT  H11    H  N N 229 
HT  H13    H  N N 230 
HT  HN3    H  N N 231 
HT  H17    H  N N 232 
HT  H18    H  N N 233 
HT  H20    H  N N 234 
HT  H211   H  N N 235 
HT  H212   H  N N 236 
HT  H221   H  N N 237 
HT  H222   H  N N 238 
HT  H231   H  N N 239 
HT  H232   H  N N 240 
HT  H241   H  N N 241 
HT  H242   H  N N 242 
HT  H253   H  N N 243 
HT  H252   H  N N 244 
HT  H251   H  N N 245 
SR  SR     SR N N 246 
# 
loop_
_chem_comp_bond.comp_id 
_chem_comp_bond.atom_id_1 
_chem_comp_bond.atom_id_2 
_chem_comp_bond.value_order 
_chem_comp_bond.pdbx_aromatic_flag 
_chem_comp_bond.pdbx_stereo_config 
_chem_comp_bond.pdbx_ordinal 
C6G OP1   P      doub N N 1   
C6G P     OP2    sing N N 2   
C6G P     "O5'"  sing N N 3   
C6G O     C      doub N N 4   
C6G C     O7     sing N N 5   
C6G C     CH3    sing N N 6   
C6G "O5'" "C5'"  sing N N 7   
C6G "C5'" "C4'"  sing N N 8   
C6G N7    C8     doub Y N 9   
C6G N7    C5     sing Y N 10  
C6G C8    N9     sing Y N 11  
C6G O6    CH3    sing N N 12  
C6G O6    C6     sing N N 13  
C6G "C2'" "C3'"  sing N N 14  
C6G "C2'" "C1'"  sing N N 15  
C6G C5    C6     doub Y N 16  
C6G C5    C4     sing Y N 17  
C6G C6    N1     sing Y N 18  
C6G N9    C4     sing Y N 19  
C6G N9    "C1'"  sing N N 20  
C6G "C3'" "C4'"  sing N N 21  
C6G "C3'" "O3'"  sing N N 22  
C6G C4    N3     doub Y N 23  
C6G "C4'" "O4'"  sing N N 24  
C6G N1    C2     doub Y N 25  
C6G "C1'" "O4'"  sing N N 26  
C6G N3    C2     sing Y N 27  
C6G C2    N2     sing N N 28  
C6G OP2   HOP2   sing N N 29  
C6G "C5'" "H5'"  sing N N 30  
C6G "C5'" "H5''" sing N N 31  
C6G "C4'" "H4'"  sing N N 32  
C6G "C1'" "H1'"  sing N N 33  
C6G C8    H8     sing N N 34  
C6G N2    H21    sing N N 35  
C6G N2    H22    sing N N 36  
C6G "C2'" "H2'"  sing N N 37  
C6G "C2'" "H2''" sing N N 38  
C6G "C3'" "H3'"  sing N N 39  
C6G "O3'" "HO3'" sing N N 40  
C6G O7    HO7    sing N N 41  
C6G CH3   H31    sing N N 42  
C6G CH3   H32    sing N N 43  
C6G P     OP3    sing N N 44  
C6G OP3   HOP3   sing N N 45  
DA  OP3   P      sing N N 46  
DA  OP3   HOP3   sing N N 47  
DA  P     OP1    doub N N 48  
DA  P     OP2    sing N N 49  
DA  P     "O5'"  sing N N 50  
DA  OP2   HOP2   sing N N 51  
DA  "O5'" "C5'"  sing N N 52  
DA  "C5'" "C4'"  sing N N 53  
DA  "C5'" "H5'"  sing N N 54  
DA  "C5'" "H5''" sing N N 55  
DA  "C4'" "O4'"  sing N N 56  
DA  "C4'" "C3'"  sing N N 57  
DA  "C4'" "H4'"  sing N N 58  
DA  "O4'" "C1'"  sing N N 59  
DA  "C3'" "O3'"  sing N N 60  
DA  "C3'" "C2'"  sing N N 61  
DA  "C3'" "H3'"  sing N N 62  
DA  "O3'" "HO3'" sing N N 63  
DA  "C2'" "C1'"  sing N N 64  
DA  "C2'" "H2'"  sing N N 65  
DA  "C2'" "H2''" sing N N 66  
DA  "C1'" N9     sing N N 67  
DA  "C1'" "H1'"  sing N N 68  
DA  N9    C8     sing Y N 69  
DA  N9    C4     sing Y N 70  
DA  C8    N7     doub Y N 71  
DA  C8    H8     sing N N 72  
DA  N7    C5     sing Y N 73  
DA  C5    C6     sing Y N 74  
DA  C5    C4     doub Y N 75  
DA  C6    N6     sing N N 76  
DA  C6    N1     doub Y N 77  
DA  N6    H61    sing N N 78  
DA  N6    H62    sing N N 79  
DA  N1    C2     sing Y N 80  
DA  C2    N3     doub Y N 81  
DA  C2    H2     sing N N 82  
DA  N3    C4     sing Y N 83  
DC  OP3   P      sing N N 84  
DC  OP3   HOP3   sing N N 85  
DC  P     OP1    doub N N 86  
DC  P     OP2    sing N N 87  
DC  P     "O5'"  sing N N 88  
DC  OP2   HOP2   sing N N 89  
DC  "O5'" "C5'"  sing N N 90  
DC  "C5'" "C4'"  sing N N 91  
DC  "C5'" "H5'"  sing N N 92  
DC  "C5'" "H5''" sing N N 93  
DC  "C4'" "O4'"  sing N N 94  
DC  "C4'" "C3'"  sing N N 95  
DC  "C4'" "H4'"  sing N N 96  
DC  "O4'" "C1'"  sing N N 97  
DC  "C3'" "O3'"  sing N N 98  
DC  "C3'" "C2'"  sing N N 99  
DC  "C3'" "H3'"  sing N N 100 
DC  "O3'" "HO3'" sing N N 101 
DC  "C2'" "C1'"  sing N N 102 
DC  "C2'" "H2'"  sing N N 103 
DC  "C2'" "H2''" sing N N 104 
DC  "C1'" N1     sing N N 105 
DC  "C1'" "H1'"  sing N N 106 
DC  N1    C2     sing N N 107 
DC  N1    C6     sing N N 108 
DC  C2    O2     doub N N 109 
DC  C2    N3     sing N N 110 
DC  N3    C4     doub N N 111 
DC  C4    N4     sing N N 112 
DC  C4    C5     sing N N 113 
DC  N4    H41    sing N N 114 
DC  N4    H42    sing N N 115 
DC  C5    C6     doub N N 116 
DC  C5    H5     sing N N 117 
DC  C6    H6     sing N N 118 
DG  OP3   P      sing N N 119 
DG  OP3   HOP3   sing N N 120 
DG  P     OP1    doub N N 121 
DG  P     OP2    sing N N 122 
DG  P     "O5'"  sing N N 123 
DG  OP2   HOP2   sing N N 124 
DG  "O5'" "C5'"  sing N N 125 
DG  "C5'" "C4'"  sing N N 126 
DG  "C5'" "H5'"  sing N N 127 
DG  "C5'" "H5''" sing N N 128 
DG  "C4'" "O4'"  sing N N 129 
DG  "C4'" "C3'"  sing N N 130 
DG  "C4'" "H4'"  sing N N 131 
DG  "O4'" "C1'"  sing N N 132 
DG  "C3'" "O3'"  sing N N 133 
DG  "C3'" "C2'"  sing N N 134 
DG  "C3'" "H3'"  sing N N 135 
DG  "O3'" "HO3'" sing N N 136 
DG  "C2'" "C1'"  sing N N 137 
DG  "C2'" "H2'"  sing N N 138 
DG  "C2'" "H2''" sing N N 139 
DG  "C1'" N9     sing N N 140 
DG  "C1'" "H1'"  sing N N 141 
DG  N9    C8     sing Y N 142 
DG  N9    C4     sing Y N 143 
DG  C8    N7     doub Y N 144 
DG  C8    H8     sing N N 145 
DG  N7    C5     sing Y N 146 
DG  C5    C6     sing N N 147 
DG  C5    C4     doub Y N 148 
DG  C6    O6     doub N N 149 
DG  C6    N1     sing N N 150 
DG  N1    C2     sing N N 151 
DG  N1    H1     sing N N 152 
DG  C2    N2     sing N N 153 
DG  C2    N3     doub N N 154 
DG  N2    H21    sing N N 155 
DG  N2    H22    sing N N 156 
DG  N3    C4     sing N N 157 
DT  OP3   P      sing N N 158 
DT  OP3   HOP3   sing N N 159 
DT  P     OP1    doub N N 160 
DT  P     OP2    sing N N 161 
DT  P     "O5'"  sing N N 162 
DT  OP2   HOP2   sing N N 163 
DT  "O5'" "C5'"  sing N N 164 
DT  "C5'" "C4'"  sing N N 165 
DT  "C5'" "H5'"  sing N N 166 
DT  "C5'" "H5''" sing N N 167 
DT  "C4'" "O4'"  sing N N 168 
DT  "C4'" "C3'"  sing N N 169 
DT  "C4'" "H4'"  sing N N 170 
DT  "O4'" "C1'"  sing N N 171 
DT  "C3'" "O3'"  sing N N 172 
DT  "C3'" "C2'"  sing N N 173 
DT  "C3'" "H3'"  sing N N 174 
DT  "O3'" "HO3'" sing N N 175 
DT  "C2'" "C1'"  sing N N 176 
DT  "C2'" "H2'"  sing N N 177 
DT  "C2'" "H2''" sing N N 178 
DT  "C1'" N1     sing N N 179 
DT  "C1'" "H1'"  sing N N 180 
DT  N1    C2     sing N N 181 
DT  N1    C6     sing N N 182 
DT  C2    O2     doub N N 183 
DT  C2    N3     sing N N 184 
DT  N3    C4     sing N N 185 
DT  N3    H3     sing N N 186 
DT  C4    O4     doub N N 187 
DT  C4    C5     sing N N 188 
DT  C5    C7     sing N N 189 
DT  C5    C6     doub N N 190 
DT  C7    H71    sing N N 191 
DT  C7    H72    sing N N 192 
DT  C7    H73    sing N N 193 
DT  C6    H6     sing N N 194 
HOH O     H1     sing N N 195 
HOH O     H2     sing N N 196 
HT  O1    C1     sing N N 197 
HT  O1    HO1    sing N N 198 
HT  C1    C2     doub Y N 199 
HT  C1    C6     sing Y N 200 
HT  C2    C3     sing Y N 201 
HT  C2    H2     sing N N 202 
HT  C3    C4     doub Y N 203 
HT  C3    H3     sing N N 204 
HT  C4    C5     sing Y N 205 
HT  C4    C7     sing Y N 206 
HT  C5    C6     doub Y N 207 
HT  C5    H5     sing N N 208 
HT  C6    H6     sing N N 209 
HT  C7    N1     sing Y N 210 
HT  C7    N2     doub Y N 211 
HT  N1    C8     sing Y N 212 
HT  N1    HN1    sing N N 213 
HT  C8    C9     doub Y N 214 
HT  C8    C13    sing Y N 215 
HT  C9    N2     sing Y N 216 
HT  C9    C10    sing Y N 217 
HT  C10   C11    doub Y N 218 
HT  C10   H10    sing N N 219 
HT  C11   C12    sing Y N 220 
HT  C11   H11    sing N N 221 
HT  C12   C13    doub Y N 222 
HT  C12   C14    sing Y N 223 
HT  C13   H13    sing N N 224 
HT  C14   N3     sing Y N 225 
HT  C14   N4     doub Y N 226 
HT  N3    C15    sing Y N 227 
HT  N3    HN3    sing N N 228 
HT  C15   C16    doub Y N 229 
HT  C15   C20    sing Y N 230 
HT  C16   N4     sing Y N 231 
HT  C16   C17    sing Y N 232 
HT  C17   C18    doub Y N 233 
HT  C17   H17    sing N N 234 
HT  C18   C19    sing Y N 235 
HT  C18   H18    sing N N 236 
HT  C19   C20    doub Y N 237 
HT  C19   N5     sing N N 238 
HT  C20   H20    sing N N 239 
HT  N5    C21    sing N N 240 
HT  N5    C24    sing N N 241 
HT  C21   C22    sing N N 242 
HT  C21   H211   sing N N 243 
HT  C21   H212   sing N N 244 
HT  C22   N6     sing N N 245 
HT  C22   H221   sing N N 246 
HT  C22   H222   sing N N 247 
HT  N6    C23    sing N N 248 
HT  N6    C25    sing N N 249 
HT  C23   C24    sing N N 250 
HT  C23   H231   sing N N 251 
HT  C23   H232   sing N N 252 
HT  C24   H241   sing N N 253 
HT  C24   H242   sing N N 254 
HT  C25   H253   sing N N 255 
HT  C25   H252   sing N N 256 
HT  C25   H251   sing N N 257 
# 
loop_
_ndb_struct_conf_na.entry_id 
_ndb_struct_conf_na.feature 
4IJ0 'double helix'         
4IJ0 'b-form double helix'  
4IJ0 'mismatched base pair' 
# 
loop_
_ndb_struct_na_base_pair.model_number 
_ndb_struct_na_base_pair.i_label_asym_id 
_ndb_struct_na_base_pair.i_label_comp_id 
_ndb_struct_na_base_pair.i_label_seq_id 
_ndb_struct_na_base_pair.i_symmetry 
_ndb_struct_na_base_pair.j_label_asym_id 
_ndb_struct_na_base_pair.j_label_comp_id 
_ndb_struct_na_base_pair.j_label_seq_id 
_ndb_struct_na_base_pair.j_symmetry 
_ndb_struct_na_base_pair.shear 
_ndb_struct_na_base_pair.stretch 
_ndb_struct_na_base_pair.stagger 
_ndb_struct_na_base_pair.buckle 
_ndb_struct_na_base_pair.propeller 
_ndb_struct_na_base_pair.opening 
_ndb_struct_na_base_pair.pair_number 
_ndb_struct_na_base_pair.pair_name 
_ndb_struct_na_base_pair.i_auth_asym_id 
_ndb_struct_na_base_pair.i_auth_seq_id 
_ndb_struct_na_base_pair.i_PDB_ins_code 
_ndb_struct_na_base_pair.j_auth_asym_id 
_ndb_struct_na_base_pair.j_auth_seq_id 
_ndb_struct_na_base_pair.j_PDB_ins_code 
_ndb_struct_na_base_pair.hbond_type_28 
_ndb_struct_na_base_pair.hbond_type_12 
1 A DC 1  1_555 B DG 12 1_555 0.150  -0.110 0.320  -11.510 -12.487 -1.159 1  A_DC1:DG24_B  A 1  ? B 24 ? 19 1 
1 A DG 2  1_555 B DC 11 1_555 -0.037 -0.223 0.445  -0.150  -8.231  -3.266 2  A_DG2:DC23_B  A 2  ? B 23 ? 19 1 
1 A DC 3  1_555 B DG 10 1_555 0.218  -0.037 -0.217 -0.446  3.453   0.228  3  A_DC3:DG22_B  A 3  ? B 22 ? 19 1 
1 A DA 5  1_555 B DT 8  1_555 0.251  -0.039 0.144  13.784  -23.893 4.066  4  A_DA5:DT20_B  A 5  ? B 20 ? 20 1 
1 A DA 6  1_555 B DT 7  1_555 0.064  -0.121 -0.004 -0.798  -28.887 3.218  5  A_DA6:DT19_B  A 6  ? B 19 ? 20 1 
1 A DT 7  1_555 B DA 6  1_555 0.107  -0.172 -0.009 -7.456  -27.097 9.020  6  A_DT7:DA18_B  A 7  ? B 18 ? 20 1 
1 A DT 8  1_555 B DA 5  1_555 -0.424 0.101  -0.161 -17.137 -26.477 1.135  7  A_DT8:DA17_B  A 8  ? B 17 ? 20 1 
1 A DG 10 1_555 B DC 3  1_555 -0.170 -0.213 -0.329 2.183   -2.665  -2.645 8  A_DG10:DC15_B A 10 ? B 15 ? 19 1 
1 A DC 11 1_555 B DG 2  1_555 0.556  -0.217 0.440  16.938  -25.787 -6.026 9  A_DC11:DG14_B A 11 ? B 14 ? 19 1 
1 A DG 12 1_555 B DC 1  1_555 -0.029 -0.172 0.032  3.919   7.130   -4.227 10 A_DG12:DC13_B A 12 ? B 13 ? 19 1 
# 
loop_
_ndb_struct_na_base_pair_step.model_number 
_ndb_struct_na_base_pair_step.i_label_asym_id_1 
_ndb_struct_na_base_pair_step.i_label_comp_id_1 
_ndb_struct_na_base_pair_step.i_label_seq_id_1 
_ndb_struct_na_base_pair_step.i_symmetry_1 
_ndb_struct_na_base_pair_step.j_label_asym_id_1 
_ndb_struct_na_base_pair_step.j_label_comp_id_1 
_ndb_struct_na_base_pair_step.j_label_seq_id_1 
_ndb_struct_na_base_pair_step.j_symmetry_1 
_ndb_struct_na_base_pair_step.i_label_asym_id_2 
_ndb_struct_na_base_pair_step.i_label_comp_id_2 
_ndb_struct_na_base_pair_step.i_label_seq_id_2 
_ndb_struct_na_base_pair_step.i_symmetry_2 
_ndb_struct_na_base_pair_step.j_label_asym_id_2 
_ndb_struct_na_base_pair_step.j_label_comp_id_2 
_ndb_struct_na_base_pair_step.j_label_seq_id_2 
_ndb_struct_na_base_pair_step.j_symmetry_2 
_ndb_struct_na_base_pair_step.shift 
_ndb_struct_na_base_pair_step.slide 
_ndb_struct_na_base_pair_step.rise 
_ndb_struct_na_base_pair_step.tilt 
_ndb_struct_na_base_pair_step.roll 
_ndb_struct_na_base_pair_step.twist 
_ndb_struct_na_base_pair_step.x_displacement 
_ndb_struct_na_base_pair_step.y_displacement 
_ndb_struct_na_base_pair_step.helical_rise 
_ndb_struct_na_base_pair_step.inclination 
_ndb_struct_na_base_pair_step.tip 
_ndb_struct_na_base_pair_step.helical_twist 
_ndb_struct_na_base_pair_step.step_number 
_ndb_struct_na_base_pair_step.step_name 
_ndb_struct_na_base_pair_step.i_auth_asym_id_1 
_ndb_struct_na_base_pair_step.i_auth_seq_id_1 
_ndb_struct_na_base_pair_step.i_PDB_ins_code_1 
_ndb_struct_na_base_pair_step.j_auth_asym_id_1 
_ndb_struct_na_base_pair_step.j_auth_seq_id_1 
_ndb_struct_na_base_pair_step.j_PDB_ins_code_1 
_ndb_struct_na_base_pair_step.i_auth_asym_id_2 
_ndb_struct_na_base_pair_step.i_auth_seq_id_2 
_ndb_struct_na_base_pair_step.i_PDB_ins_code_2 
_ndb_struct_na_base_pair_step.j_auth_asym_id_2 
_ndb_struct_na_base_pair_step.j_auth_seq_id_2 
_ndb_struct_na_base_pair_step.j_PDB_ins_code_2 
1 A DC 1  1_555 B DG 12 1_555 A DG 2  1_555 B DC 11 1_555 -0.871 0.487  3.143 -5.490 2.819  35.556 0.393  0.639  3.265 4.574   
8.908   36.070 1 AA_DC1DG2:DC23DG24_BB   A 1  ? B 24 ? A 2  ? B 23 ? 
1 A DG 2  1_555 B DC 11 1_555 A DC 3  1_555 B DG 10 1_555 1.191  0.221  3.271 8.144  -6.411 38.370 1.097  -0.773 3.366 -9.544  
-12.124 39.694 2 AA_DG2DC3:DG22DC23_BB   A 2  ? B 23 ? A 3  ? B 22 ? 
1 A DC 3  1_555 B DG 10 1_555 A DA 5  1_555 B DT 8  1_555 -0.384 0.866  6.489 1.688  3.674  66.723 0.499  0.480  6.513 3.337   
-1.534  66.831 3 AA_DC3DA5:DT20DG22_BB   A 3  ? B 22 ? A 5  ? B 20 ? 
1 A DA 5  1_555 B DT 8  1_555 A DA 6  1_555 B DT 7  1_555 -0.108 -0.115 3.492 -2.060 3.712  37.088 -0.703 -0.122 3.466 5.812   
3.226   37.322 4 AA_DA5DA6:DT19DT20_BB   A 5  ? B 20 ? A 6  ? B 19 ? 
1 A DA 6  1_555 B DT 7  1_555 A DT 7  1_555 B DA 6  1_555 0.008  -0.585 3.280 1.333  6.762  33.600 -2.040 0.193  3.105 11.547  
-2.277  34.279 5 AA_DA6DT7:DA18DT19_BB   A 6  ? B 19 ? A 7  ? B 18 ? 
1 A DT 7  1_555 B DA 6  1_555 A DT 8  1_555 B DA 5  1_555 -0.252 -0.184 3.436 1.311  4.102  34.774 -0.951 0.624  3.381 6.831   
-2.183  35.032 6 AA_DT7DT8:DA17DA18_BB   A 7  ? B 18 ? A 8  ? B 17 ? 
1 A DT 8  1_555 B DA 5  1_555 A DG 10 1_555 B DC 3  1_555 -0.366 2.476  6.425 -4.966 3.858  65.481 1.968  -0.065 6.556 3.558   
4.580   65.749 7 AA_DT8DG10:DC15DA17_BB  A 8  ? B 17 ? A 10 ? B 15 ? 
1 A DG 10 1_555 B DC 3  1_555 A DC 11 1_555 B DG 2  1_555 -0.891 1.183  3.012 -8.246 -8.018 44.916 2.129  0.491  2.883 -10.296 
10.588  46.291 8 AA_DG10DC11:DG14DC15_BB A 10 ? B 15 ? A 11 ? B 14 ? 
1 A DC 11 1_555 B DG 2  1_555 A DG 12 1_555 B DC 1  1_555 1.014  0.606  3.687 5.814  -6.275 37.224 1.828  -0.715 3.653 -9.674  
-8.963  38.160 9 AA_DC11DG12:DC13DG14_BB A 11 ? B 14 ? A 12 ? B 13 ? 
# 
_atom_sites.entry_id                    4IJ0 
_atom_sites.fract_transf_matrix[1][1]   0.03538105 
_atom_sites.fract_transf_matrix[1][2]   0.01909301 
_atom_sites.fract_transf_matrix[1][3]   -0.00600510 
_atom_sites.fract_transf_matrix[2][1]   0.00897427 
_atom_sites.fract_transf_matrix[2][2]   -0.01993408 
_atom_sites.fract_transf_matrix[2][3]   -0.01050483 
_atom_sites.fract_transf_matrix[3][1]   -0.00515045 
_atom_sites.fract_transf_matrix[3][2]   0.00511034 
_atom_sites.fract_transf_matrix[3][3]   -0.01409746 
_atom_sites.fract_transf_vector[1]      -0.065626 
_atom_sites.fract_transf_vector[2]      -0.029652 
_atom_sites.fract_transf_vector[3]      0.116971 
# 
loop_
_atom_type.symbol 
C  
N  
O  
P  
SR 
# 
loop_
_atom_site.group_PDB 
_atom_site.id 
_atom_site.type_symbol 
_atom_site.label_atom_id 
_atom_site.label_alt_id 
_atom_site.label_comp_id 
_atom_site.label_asym_id 
_atom_site.label_entity_id 
_atom_site.label_seq_id 
_atom_site.pdbx_PDB_ins_code 
_atom_site.Cartn_x 
_atom_site.Cartn_y 
_atom_site.Cartn_z 
_atom_site.occupancy 
_atom_site.B_iso_or_equiv 
_atom_site.pdbx_formal_charge 
_atom_site.auth_seq_id 
_atom_site.auth_comp_id 
_atom_site.auth_asym_id 
_atom_site.auth_atom_id 
_atom_site.pdbx_PDB_model_num 
ATOM   1   O  "O5'" . DC  A 1 1  ? -15.506 13.911  -6.945  1.00 21.87 ? 1   DC  A "O5'" 1 
ATOM   2   C  "C5'" . DC  A 1 1  ? -14.519 13.401  -7.767  1.00 18.83 ? 1   DC  A "C5'" 1 
ATOM   3   C  "C4'" . DC  A 1 1  ? -14.798 11.890  -7.849  1.00 12.98 ? 1   DC  A "C4'" 1 
ATOM   4   O  "O4'" . DC  A 1 1  ? -13.830 11.363  -8.798  1.00 14.15 ? 1   DC  A "O4'" 1 
ATOM   5   C  "C3'" . DC  A 1 1  ? -14.590 11.208  -6.498  1.00 14.87 ? 1   DC  A "C3'" 1 
ATOM   6   O  "O3'" . DC  A 1 1  ? -15.466 10.129  -6.492  1.00 21.02 ? 1   DC  A "O3'" 1 
ATOM   7   C  "C2'" . DC  A 1 1  ? -13.149 10.782  -6.774  1.00 12.41 ? 1   DC  A "C2'" 1 
ATOM   8   C  "C1'" . DC  A 1 1  ? -13.125 10.269  -8.186  1.00 12.08 ? 1   DC  A "C1'" 1 
ATOM   9   N  N1    . DC  A 1 1  ? -11.888 10.345  -8.899  1.00 11.89 ? 1   DC  A N1    1 
ATOM   10  C  C2    . DC  A 1 1  ? -11.525 9.373   -9.930  1.00 9.26  ? 1   DC  A C2    1 
ATOM   11  O  O2    . DC  A 1 1  ? -12.442 8.543   -10.032 1.00 11.10 ? 1   DC  A O2    1 
ATOM   12  N  N3    . DC  A 1 1  ? -10.422 9.366   -10.679 1.00 11.80 ? 1   DC  A N3    1 
ATOM   13  C  C4    . DC  A 1 1  ? -9.491  10.319  -10.517 1.00 12.97 ? 1   DC  A C4    1 
ATOM   14  N  N4    . DC  A 1 1  ? -8.439  10.364  -11.259 1.00 14.88 ? 1   DC  A N4    1 
ATOM   15  C  C5    . DC  A 1 1  ? -9.763  11.344  -9.513  1.00 15.22 ? 1   DC  A C5    1 
ATOM   16  C  C6    . DC  A 1 1  ? -10.891 11.300  -8.757  1.00 12.88 ? 1   DC  A C6    1 
ATOM   17  P  P     . DG  A 1 2  ? -15.714 9.323   -5.090  1.00 19.74 ? 2   DG  A P     1 
ATOM   18  O  OP1   . DG  A 1 2  ? -17.173 9.446   -4.847  1.00 23.73 ? 2   DG  A OP1   1 
ATOM   19  O  OP2   . DG  A 1 2  ? -14.642 9.644   -4.105  1.00 21.24 ? 2   DG  A OP2   1 
ATOM   20  O  "O5'" . DG  A 1 2  ? -15.427 7.786   -5.509  1.00 19.10 ? 2   DG  A "O5'" 1 
ATOM   21  C  "C5'" . DG  A 1 2  ? -16.149 7.190   -6.592  1.00 14.35 ? 2   DG  A "C5'" 1 
ATOM   22  C  "C4'" . DG  A 1 2  ? -15.623 5.745   -6.667  1.00 11.20 ? 2   DG  A "C4'" 1 
ATOM   23  O  "O4'" . DG  A 1 2  ? -14.382 5.859   -7.329  1.00 10.91 ? 2   DG  A "O4'" 1 
ATOM   24  C  "C3'" . DG  A 1 2  ? -15.326 5.072   -5.343  1.00 13.11 ? 2   DG  A "C3'" 1 
ATOM   25  O  "O3'" . DG  A 1 2  ? -15.836 3.719   -5.504  1.00 12.98 ? 2   DG  A "O3'" 1 
ATOM   26  C  "C2'" . DG  A 1 2  ? -13.827 5.112   -5.167  1.00 12.31 ? 2   DG  A "C2'" 1 
ATOM   27  C  "C1'" . DG  A 1 2  ? -13.383 5.121   -6.616  1.00 10.91 ? 2   DG  A "C1'" 1 
ATOM   28  N  N9    . DG  A 1 2  ? -12.232 5.988   -6.848  1.00 11.22 ? 2   DG  A N9    1 
ATOM   29  C  C8    . DG  A 1 2  ? -11.932 7.219   -6.267  1.00 8.99  ? 2   DG  A C8    1 
ATOM   30  N  N7    . DG  A 1 2  ? -10.776 7.637   -6.741  1.00 10.42 ? 2   DG  A N7    1 
ATOM   31  C  C5    . DG  A 1 2  ? -10.398 6.770   -7.717  1.00 7.73  ? 2   DG  A C5    1 
ATOM   32  C  C6    . DG  A 1 2  ? -9.322  6.704   -8.633  1.00 9.57  ? 2   DG  A C6    1 
ATOM   33  O  O6    . DG  A 1 2  ? -8.340  7.534   -8.766  1.00 10.27 ? 2   DG  A O6    1 
ATOM   34  N  N1    . DG  A 1 2  ? -9.222  5.555   -9.470  1.00 7.32  ? 2   DG  A N1    1 
ATOM   35  C  C2    . DG  A 1 2  ? -10.230 4.521   -9.465  1.00 8.12  ? 2   DG  A C2    1 
ATOM   36  N  N2    . DG  A 1 2  ? -10.012 3.519   -10.350 1.00 8.33  ? 2   DG  A N2    1 
ATOM   37  N  N3    . DG  A 1 2  ? -11.241 4.641   -8.621  1.00 8.84  ? 2   DG  A N3    1 
ATOM   38  C  C4    . DG  A 1 2  ? -11.308 5.710   -7.787  1.00 10.00 ? 2   DG  A C4    1 
ATOM   39  P  P     . DC  A 1 3  ? -15.789 2.660   -4.288  1.00 15.22 ? 3   DC  A P     1 
ATOM   40  O  OP1   . DC  A 1 3  ? -16.932 1.788   -4.628  1.00 17.88 ? 3   DC  A OP1   1 
ATOM   41  O  OP2   . DC  A 1 3  ? -15.581 3.336   -3.024  1.00 15.78 ? 3   DC  A OP2   1 
ATOM   42  O  "O5'" . DC  A 1 3  ? -14.410 1.833   -4.515  1.00 11.44 ? 3   DC  A "O5'" 1 
ATOM   43  C  "C5'" . DC  A 1 3  ? -14.404 1.082   -5.750  1.00 11.86 ? 3   DC  A "C5'" 1 
ATOM   44  C  "C4'" . DC  A 1 3  ? -12.934 0.695   -6.047  1.00 11.09 ? 3   DC  A "C4'" 1 
ATOM   45  O  "O4'" . DC  A 1 3  ? -12.187 1.922   -6.231  1.00 10.50 ? 3   DC  A "O4'" 1 
ATOM   46  C  "C3'" . DC  A 1 3  ? -12.184 -0.015  -4.958  1.00 13.01 ? 3   DC  A "C3'" 1 
ATOM   47  O  "O3'" . DC  A 1 3  ? -12.394 -1.400  -5.282  1.00 15.31 ? 3   DC  A "O3'" 1 
ATOM   48  C  "C2'" . DC  A 1 3  ? -10.708 0.440   -5.133  1.00 12.16 ? 3   DC  A "C2'" 1 
ATOM   49  C  "C1'" . DC  A 1 3  ? -10.771 1.551   -6.186  1.00 14.21 ? 3   DC  A "C1'" 1 
ATOM   50  N  N1    . DC  A 1 3  ? -10.122 2.812   -5.770  1.00 10.01 ? 3   DC  A N1    1 
ATOM   51  C  C2    . DC  A 1 3  ? -8.972  3.205   -6.517  1.00 7.59  ? 3   DC  A C2    1 
ATOM   52  O  O2    . DC  A 1 3  ? -8.629  2.530   -7.450  1.00 10.16 ? 3   DC  A O2    1 
ATOM   53  N  N3    . DC  A 1 3  ? -8.392  4.377   -6.176  1.00 9.81  ? 3   DC  A N3    1 
ATOM   54  C  C4    . DC  A 1 3  ? -8.901  5.042   -5.140  1.00 13.26 ? 3   DC  A C4    1 
ATOM   55  N  N4    . DC  A 1 3  ? -8.314  6.226   -4.832  1.00 18.14 ? 3   DC  A N4    1 
ATOM   56  C  C5    . DC  A 1 3  ? -10.042 4.698   -4.372  1.00 14.29 ? 3   DC  A C5    1 
ATOM   57  C  C6    . DC  A 1 3  ? -10.654 3.511   -4.757  1.00 12.23 ? 3   DC  A C6    1 
HETATM 58  P  P     . C6G A 1 4  ? -11.852 -2.499  -4.218  1.00 15.75 ? 4   C6G A P     1 
HETATM 59  O  OP1   . C6G A 1 4  ? -12.627 -3.710  -4.590  1.00 19.32 ? 4   C6G A OP1   1 
HETATM 60  O  OP2   . C6G A 1 4  ? -11.725 -1.914  -2.869  1.00 14.68 ? 4   C6G A OP2   1 
HETATM 61  O  "O5'" . C6G A 1 4  ? -10.405 -2.896  -4.811  1.00 14.92 ? 4   C6G A "O5'" 1 
HETATM 62  C  "C5'" . C6G A 1 4  ? -10.230 -3.205  -6.148  1.00 12.05 ? 4   C6G A "C5'" 1 
HETATM 63  C  "C4'" . C6G A 1 4  ? -8.719  -3.082  -6.478  1.00 14.92 ? 4   C6G A "C4'" 1 
HETATM 64  O  "O4'" . C6G A 1 4  ? -8.339  -1.826  -6.128  1.00 15.60 ? 4   C6G A "O4'" 1 
HETATM 65  C  "C1'" . C6G A 1 4  ? -7.269  -1.798  -5.156  1.00 10.57 ? 4   C6G A "C1'" 1 
HETATM 66  N  N9    . C6G A 1 4  ? -7.422  -0.668  -4.325  1.00 14.34 ? 4   C6G A N9    1 
HETATM 67  C  C8    . C6G A 1 4  ? -8.224  -0.651  -3.261  1.00 12.00 ? 4   C6G A C8    1 
HETATM 68  N  N7    . C6G A 1 4  ? -8.143  0.537   -2.652  1.00 11.08 ? 4   C6G A N7    1 
HETATM 69  C  C5    . C6G A 1 4  ? -7.319  1.302   -3.462  1.00 12.10 ? 4   C6G A C5    1 
HETATM 70  C  C4    . C6G A 1 4  ? -6.878  0.485   -4.494  1.00 10.83 ? 4   C6G A C4    1 
HETATM 71  N  N3    . C6G A 1 4  ? -5.959  0.802   -5.480  1.00 10.31 ? 4   C6G A N3    1 
HETATM 72  C  C2    . C6G A 1 4  ? -5.487  2.028   -5.373  1.00 10.43 ? 4   C6G A C2    1 
HETATM 73  N  N2    . C6G A 1 4  ? -4.598  2.383   -6.339  1.00 11.55 ? 4   C6G A N2    1 
HETATM 74  N  N1    . C6G A 1 4  ? -5.867  2.862   -4.339  1.00 12.46 ? 4   C6G A N1    1 
HETATM 75  C  C6    . C6G A 1 4  ? -6.799  2.592   -3.345  1.00 10.03 ? 4   C6G A C6    1 
HETATM 76  O  O6    . C6G A 1 4  ? -7.060  3.595   -2.461  1.00 14.81 ? 4   C6G A O6    1 
HETATM 77  C  "C2'" . C6G A 1 4  ? -7.395  -3.148  -4.386  1.00 14.66 ? 4   C6G A "C2'" 1 
HETATM 78  C  "C3'" . C6G A 1 4  ? -7.813  -3.961  -5.546  1.00 15.06 ? 4   C6G A "C3'" 1 
HETATM 79  O  "O3'" . C6G A 1 4  ? -6.617  -4.318  -6.302  1.00 22.10 ? 4   C6G A "O3'" 1 
HETATM 80  C  C     . C6G A 1 4  ? -7.191  5.653   -1.439  1.00 26.57 ? 4   C6G A C     1 
HETATM 81  O  O     . C6G A 1 4  ? -6.834  6.847   -1.204  1.00 30.03 ? 4   C6G A O     1 
HETATM 82  O  O7    . C6G A 1 4  ? -8.176  5.112   -0.896  1.00 31.85 ? 4   C6G A O7    1 
HETATM 83  C  CH3   . C6G A 1 4  ? -6.474  4.833   -2.484  1.00 18.60 ? 4   C6G A CH3   1 
ATOM   84  P  P     . DA  A 1 5  ? -6.149  -5.729  -6.976  1.00 18.69 ? 5   DA  A P     1 
ATOM   85  O  OP1   . DA  A 1 5  ? -7.076  -6.204  -7.997  1.00 22.21 ? 5   DA  A OP1   1 
ATOM   86  O  OP2   . DA  A 1 5  ? -5.843  -6.435  -5.730  1.00 23.15 ? 5   DA  A OP2   1 
ATOM   87  O  "O5'" . DA  A 1 5  ? -4.804  -5.097  -7.552  1.00 17.25 ? 5   DA  A "O5'" 1 
ATOM   88  C  "C5'" . DA  A 1 5  ? -4.718  -4.402  -8.825  1.00 16.94 ? 5   DA  A "C5'" 1 
ATOM   89  C  "C4'" . DA  A 1 5  ? -3.335  -3.767  -8.929  1.00 18.40 ? 5   DA  A "C4'" 1 
ATOM   90  O  "O4'" . DA  A 1 5  ? -3.337  -2.651  -8.022  1.00 13.88 ? 5   DA  A "O4'" 1 
ATOM   91  C  "C3'" . DA  A 1 5  ? -2.151  -4.627  -8.441  1.00 16.18 ? 5   DA  A "C3'" 1 
ATOM   92  O  "O3'" . DA  A 1 5  ? -1.092  -4.288  -9.342  1.00 16.24 ? 5   DA  A "O3'" 1 
ATOM   93  C  "C2'" . DA  A 1 5  ? -1.989  -4.263  -7.003  1.00 15.09 ? 5   DA  A "C2'" 1 
ATOM   94  C  "C1'" . DA  A 1 5  ? -2.226  -2.782  -7.046  1.00 15.98 ? 5   DA  A "C1'" 1 
ATOM   95  N  N9    . DA  A 1 5  ? -2.728  -2.272  -5.820  1.00 12.16 ? 5   DA  A N9    1 
ATOM   96  C  C8    . DA  A 1 5  ? -3.662  -2.825  -4.979  1.00 10.73 ? 5   DA  A C8    1 
ATOM   97  N  N7    . DA  A 1 5  ? -4.016  -2.112  -3.956  1.00 9.26  ? 5   DA  A N7    1 
ATOM   98  C  C5    . DA  A 1 5  ? -3.344  -0.928  -4.218  1.00 9.13  ? 5   DA  A C5    1 
ATOM   99  C  C6    . DA  A 1 5  ? -3.311  0.253   -3.492  1.00 7.83  ? 5   DA  A C6    1 
ATOM   100 N  N6    . DA  A 1 5  ? -4.020  0.527   -2.321  1.00 12.73 ? 5   DA  A N6    1 
ATOM   101 N  N1    . DA  A 1 5  ? -2.490  1.222   -3.991  1.00 9.43  ? 5   DA  A N1    1 
ATOM   102 C  C2    . DA  A 1 5  ? -1.755  0.994   -5.106  1.00 10.54 ? 5   DA  A C2    1 
ATOM   103 N  N3    . DA  A 1 5  ? -1.726  -0.071  -5.890  1.00 8.63  ? 5   DA  A N3    1 
ATOM   104 C  C4    . DA  A 1 5  ? -2.567  -1.024  -5.345  1.00 8.76  ? 5   DA  A C4    1 
ATOM   105 P  P     . DA  A 1 6  ? 0.369   -5.053  -9.246  1.00 18.04 ? 6   DA  A P     1 
ATOM   106 O  OP1   . DA  A 1 6  ? 0.794   -5.109  -10.674 1.00 21.05 ? 6   DA  A OP1   1 
ATOM   107 O  OP2   . DA  A 1 6  ? 0.331   -6.191  -8.337  1.00 19.23 ? 6   DA  A OP2   1 
ATOM   108 O  "O5'" . DA  A 1 6  ? 1.240   -4.073  -8.324  1.00 14.32 ? 6   DA  A "O5'" 1 
ATOM   109 C  "C5'" . DA  A 1 6  ? 1.725   -3.002  -8.989  1.00 15.85 ? 6   DA  A "C5'" 1 
ATOM   110 C  "C4'" . DA  A 1 6  ? 2.354   -1.980  -8.054  1.00 12.20 ? 6   DA  A "C4'" 1 
ATOM   111 O  "O4'" . DA  A 1 6  ? 1.426   -1.544  -6.982  1.00 12.92 ? 6   DA  A "O4'" 1 
ATOM   112 C  "C3'" . DA  A 1 6  ? 3.653   -2.448  -7.346  1.00 12.13 ? 6   DA  A "C3'" 1 
ATOM   113 O  "O3'" . DA  A 1 6  ? 4.684   -1.536  -7.598  1.00 12.52 ? 6   DA  A "O3'" 1 
ATOM   114 C  "C2'" . DA  A 1 6  ? 3.259   -2.635  -5.919  1.00 9.75  ? 6   DA  A "C2'" 1 
ATOM   115 C  "C1'" . DA  A 1 6  ? 2.177   -1.574  -5.778  1.00 12.77 ? 6   DA  A "C1'" 1 
ATOM   116 N  N9    . DA  A 1 6  ? 1.193   -1.872  -4.746  1.00 7.94  ? 6   DA  A N9    1 
ATOM   117 C  C8    . DA  A 1 6  ? 0.438   -2.946  -4.577  1.00 7.87  ? 6   DA  A C8    1 
ATOM   118 N  N7    . DA  A 1 6  ? -0.417  -3.015  -3.567  1.00 9.98  ? 6   DA  A N7    1 
ATOM   119 C  C5    . DA  A 1 6  ? -0.190  -1.756  -3.007  1.00 6.73  ? 6   DA  A C5    1 
ATOM   120 C  C6    . DA  A 1 6  ? -0.728  -1.119  -1.879  1.00 8.16  ? 6   DA  A C6    1 
ATOM   121 N  N6    . DA  A 1 6  ? -1.665  -1.720  -1.153  1.00 11.71 ? 6   DA  A N6    1 
ATOM   122 N  N1    . DA  A 1 6  ? -0.304  0.138   -1.553  1.00 8.20  ? 6   DA  A N1    1 
ATOM   123 C  C2    . DA  A 1 6  ? 0.660   0.728   -2.274  1.00 9.37  ? 6   DA  A C2    1 
ATOM   124 N  N3    . DA  A 1 6  ? 1.192   0.161   -3.400  1.00 9.72  ? 6   DA  A N3    1 
ATOM   125 C  C4    . DA  A 1 6  ? 0.794   -1.052  -3.665  1.00 6.81  ? 6   DA  A C4    1 
ATOM   126 P  P     . DT  A 1 7  ? 6.227   -1.769  -7.214  1.00 13.42 ? 7   DT  A P     1 
ATOM   127 O  OP1   . DT  A 1 7  ? 7.017   -0.866  -8.098  1.00 15.90 ? 7   DT  A OP1   1 
ATOM   128 O  OP2   . DT  A 1 7  ? 6.466   -3.164  -6.986  1.00 13.88 ? 7   DT  A OP2   1 
ATOM   129 O  "O5'" . DT  A 1 7  ? 6.280   -1.132  -5.783  1.00 11.43 ? 7   DT  A "O5'" 1 
ATOM   130 C  "C5'" . DT  A 1 7  ? 6.019   0.248   -5.494  1.00 11.14 ? 7   DT  A "C5'" 1 
ATOM   131 C  "C4'" . DT  A 1 7  ? 5.967   0.467   -4.014  1.00 10.01 ? 7   DT  A "C4'" 1 
ATOM   132 O  "O4'" . DT  A 1 7  ? 4.778   -0.131  -3.473  1.00 9.90  ? 7   DT  A "O4'" 1 
ATOM   133 C  "C3'" . DT  A 1 7  ? 7.142   -0.047  -3.219  1.00 13.75 ? 7   DT  A "C3'" 1 
ATOM   134 O  "O3'" . DT  A 1 7  ? 7.804   1.154   -2.735  1.00 16.40 ? 7   DT  A "O3'" 1 
ATOM   135 C  "C2'" . DT  A 1 7  ? 6.421   -0.845  -2.117  1.00 11.88 ? 7   DT  A "C2'" 1 
ATOM   136 C  "C1'" . DT  A 1 7  ? 5.054   -0.198  -2.084  1.00 9.92  ? 7   DT  A "C1'" 1 
ATOM   137 N  N1    . DT  A 1 7  ? 4.066   -1.145  -1.561  1.00 9.45  ? 7   DT  A N1    1 
ATOM   138 C  C2    . DT  A 1 7  ? 3.267   -0.732  -0.481  1.00 9.41  ? 7   DT  A C2    1 
ATOM   139 O  O2    . DT  A 1 7  ? 3.411   0.305   0.134   1.00 14.38 ? 7   DT  A O2    1 
ATOM   140 N  N3    . DT  A 1 7  ? 2.332   -1.704  -0.129  1.00 11.26 ? 7   DT  A N3    1 
ATOM   141 C  C4    . DT  A 1 7  ? 2.013   -2.887  -0.687  1.00 8.79  ? 7   DT  A C4    1 
ATOM   142 O  O4    . DT  A 1 7  ? 1.085   -3.641  -0.224  1.00 9.90  ? 7   DT  A O4    1 
ATOM   143 C  C5    . DT  A 1 7  ? 2.886   -3.293  -1.813  1.00 8.20  ? 7   DT  A C5    1 
ATOM   144 C  C7    . DT  A 1 7  ? 2.682   -4.617  -2.380  1.00 12.92 ? 7   DT  A C7    1 
ATOM   145 C  C6    . DT  A 1 7  ? 3.842   -2.399  -2.161  1.00 8.69  ? 7   DT  A C6    1 
ATOM   146 P  P     . DT  A 1 8  ? 9.227   1.074   -2.021  1.00 16.69 ? 8   DT  A P     1 
ATOM   147 O  OP1   . DT  A 1 8  ? 9.860   2.423   -2.217  1.00 19.04 ? 8   DT  A OP1   1 
ATOM   148 O  OP2   . DT  A 1 8  ? 9.871   -0.225  -2.225  1.00 17.45 ? 8   DT  A OP2   1 
ATOM   149 O  "O5'" . DT  A 1 8  ? 8.699   0.968   -0.498  1.00 17.62 ? 8   DT  A "O5'" 1 
ATOM   150 C  "C5'" . DT  A 1 8  ? 7.943   2.073   -0.068  1.00 18.72 ? 8   DT  A "C5'" 1 
ATOM   151 C  "C4'" . DT  A 1 8  ? 7.459   1.924   1.388   1.00 15.33 ? 8   DT  A "C4'" 1 
ATOM   152 O  "O4'" . DT  A 1 8  ? 6.547   0.910   1.382   1.00 19.07 ? 8   DT  A "O4'" 1 
ATOM   153 C  "C3'" . DT  A 1 8  ? 8.582   1.468   2.335   1.00 17.69 ? 8   DT  A "C3'" 1 
ATOM   154 O  "O3'" . DT  A 1 8  ? 8.961   2.636   3.070   1.00 21.93 ? 8   DT  A "O3'" 1 
ATOM   155 C  "C2'" . DT  A 1 8  ? 7.991   0.319   3.125   1.00 14.65 ? 8   DT  A "C2'" 1 
ATOM   156 C  "C1'" . DT  A 1 8  ? 6.477   0.363   2.711   1.00 14.93 ? 8   DT  A "C1'" 1 
ATOM   157 N  N1    . DT  A 1 8  ? 5.831   -0.935  2.527   1.00 16.92 ? 8   DT  A N1    1 
ATOM   158 C  C2    . DT  A 1 8  ? 4.748   -1.243  3.343   1.00 13.83 ? 8   DT  A C2    1 
ATOM   159 O  O2    . DT  A 1 8  ? 4.425   -0.506  4.254   1.00 17.79 ? 8   DT  A O2    1 
ATOM   160 N  N3    . DT  A 1 8  ? 4.205   -2.430  3.080   1.00 13.33 ? 8   DT  A N3    1 
ATOM   161 C  C4    . DT  A 1 8  ? 4.521   -3.362  2.125   1.00 12.20 ? 8   DT  A C4    1 
ATOM   162 O  O4    . DT  A 1 8  ? 3.906   -4.346  2.013   1.00 12.34 ? 8   DT  A O4    1 
ATOM   163 C  C5    . DT  A 1 8  ? 5.675   -3.070  1.271   1.00 14.70 ? 8   DT  A C5    1 
ATOM   164 C  C7    . DT  A 1 8  ? 6.122   -4.030  0.207   1.00 14.87 ? 8   DT  A C7    1 
ATOM   165 C  C6    . DT  A 1 8  ? 6.240   -1.895  1.568   1.00 14.72 ? 8   DT  A C6    1 
ATOM   166 P  P     . DC  A 1 9  ? 10.066  2.634   4.318   1.00 22.65 ? 9   DC  A P     1 
ATOM   167 O  OP1   . DC  A 1 9  ? 10.376  4.079   4.376   1.00 25.79 ? 9   DC  A OP1   1 
ATOM   168 O  OP2   . DC  A 1 9  ? 11.045  1.602   4.130   1.00 25.45 ? 9   DC  A OP2   1 
ATOM   169 O  "O5'" . DC  A 1 9  ? 9.174   2.156   5.575   1.00 19.93 ? 9   DC  A "O5'" 1 
ATOM   170 C  "C5'" . DC  A 1 9  ? 8.194   3.035   5.926   1.00 20.30 ? 9   DC  A "C5'" 1 
ATOM   171 C  "C4'" . DC  A 1 9  ? 7.416   2.499   7.114   1.00 16.64 ? 9   DC  A "C4'" 1 
ATOM   172 O  "O4'" . DC  A 1 9  ? 6.828   1.260   6.622   1.00 19.15 ? 9   DC  A "O4'" 1 
ATOM   173 C  "C3'" . DC  A 1 9  ? 8.270   2.078   8.310   1.00 18.58 ? 9   DC  A "C3'" 1 
ATOM   174 O  "O3'" . DC  A 1 9  ? 7.877   2.976   9.367   1.00 22.24 ? 9   DC  A "O3'" 1 
ATOM   175 C  "C2'" . DC  A 1 9  ? 7.956   0.601   8.648   1.00 18.38 ? 9   DC  A "C2'" 1 
ATOM   176 C  "C1'" . DC  A 1 9  ? 6.759   0.367   7.729   1.00 19.11 ? 9   DC  A "C1'" 1 
ATOM   177 N  N1    . DC  A 1 9  ? 6.700   -0.955  7.069   1.00 17.15 ? 9   DC  A N1    1 
ATOM   178 C  C2    . DC  A 1 9  ? 5.634   -1.814  7.295   1.00 18.54 ? 9   DC  A C2    1 
ATOM   179 O  O2    . DC  A 1 9  ? 4.812   -1.513  8.075   1.00 17.81 ? 9   DC  A O2    1 
ATOM   180 N  N3    . DC  A 1 9  ? 5.615   -3.017  6.664   1.00 15.08 ? 9   DC  A N3    1 
ATOM   181 C  C4    . DC  A 1 9  ? 6.544   -3.369  5.827   1.00 14.96 ? 9   DC  A C4    1 
ATOM   182 N  N4    . DC  A 1 9  ? 6.452   -4.545  5.235   1.00 18.79 ? 9   DC  A N4    1 
ATOM   183 C  C5    . DC  A 1 9  ? 7.658   -2.506  5.537   1.00 20.70 ? 9   DC  A C5    1 
ATOM   184 C  C6    . DC  A 1 9  ? 7.666   -1.328  6.163   1.00 18.20 ? 9   DC  A C6    1 
ATOM   185 P  P     . DG  A 1 10 ? 8.754   3.139   10.701  1.00 24.55 ? 10  DG  A P     1 
ATOM   186 O  OP1   . DG  A 1 10 ? 8.075   4.343   11.223  1.00 27.73 ? 10  DG  A OP1   1 
ATOM   187 O  OP2   . DG  A 1 10 ? 10.113  2.824   10.514  1.00 20.66 ? 10  DG  A OP2   1 
ATOM   188 O  "O5'" . DG  A 1 10 ? 8.334   1.875   11.704  1.00 19.94 ? 10  DG  A "O5'" 1 
ATOM   189 C  "C5'" . DG  A 1 10 ? 7.114   1.812   12.236  1.00 21.60 ? 10  DG  A "C5'" 1 
ATOM   190 C  "C4'" . DG  A 1 10 ? 6.962   0.428   12.862  1.00 18.52 ? 10  DG  A "C4'" 1 
ATOM   191 O  "O4'" . DG  A 1 10 ? 6.876   -0.531  11.708  1.00 18.57 ? 10  DG  A "O4'" 1 
ATOM   192 C  "C3'" . DG  A 1 10 ? 8.092   -0.076  13.734  1.00 19.56 ? 10  DG  A "C3'" 1 
ATOM   193 O  "O3'" . DG  A 1 10 ? 7.375   -0.809  14.802  1.00 20.55 ? 10  DG  A "O3'" 1 
ATOM   194 C  "C2'" . DG  A 1 10 ? 8.894   -1.022  12.875  1.00 14.59 ? 10  DG  A "C2'" 1 
ATOM   195 C  "C1'" . DG  A 1 10 ? 7.683   -1.621  12.100  1.00 17.42 ? 10  DG  A "C1'" 1 
ATOM   196 N  N9    . DG  A 1 10 ? 8.140   -2.372  10.926  1.00 15.73 ? 10  DG  A N9    1 
ATOM   197 C  C8    . DG  A 1 10 ? 9.294   -2.154  10.219  1.00 15.63 ? 10  DG  A C8    1 
ATOM   198 N  N7    . DG  A 1 10 ? 9.511   -2.991  9.204   1.00 15.03 ? 10  DG  A N7    1 
ATOM   199 C  C5    . DG  A 1 10 ? 8.332   -3.779  9.265   1.00 11.69 ? 10  DG  A C5    1 
ATOM   200 C  C6    . DG  A 1 10 ? 7.965   -4.898  8.474   1.00 11.55 ? 10  DG  A C6    1 
ATOM   201 O  O6    . DG  A 1 10 ? 8.563   -5.424  7.522   1.00 11.09 ? 10  DG  A O6    1 
ATOM   202 N  N1    . DG  A 1 10 ? 6.736   -5.392  8.913   1.00 9.01  ? 10  DG  A N1    1 
ATOM   203 C  C2    . DG  A 1 10 ? 5.986   -4.970  9.988   1.00 10.00 ? 10  DG  A C2    1 
ATOM   204 N  N2    . DG  A 1 10 ? 4.809   -5.607  10.308  1.00 10.36 ? 10  DG  A N2    1 
ATOM   205 N  N3    . DG  A 1 10 ? 6.339   -3.944  10.709  1.00 11.74 ? 10  DG  A N3    1 
ATOM   206 C  C4    . DG  A 1 10 ? 7.509   -3.419  10.285  1.00 13.60 ? 10  DG  A C4    1 
ATOM   207 P  P     . DC  A 1 11 ? 7.015   -0.138  16.225  1.00 20.76 ? 11  DC  A P     1 
ATOM   208 O  OP1   . DC  A 1 11 ? 6.504   1.248   15.992  1.00 22.08 ? 11  DC  A OP1   1 
ATOM   209 O  OP2   . DC  A 1 11 ? 8.097   -0.416  17.176  1.00 22.29 ? 11  DC  A OP2   1 
ATOM   210 O  "O5'" . DC  A 1 11 ? 5.780   -0.980  16.699  1.00 18.60 ? 11  DC  A "O5'" 1 
ATOM   211 C  "C5'" . DC  A 1 11 ? 4.493   -0.875  15.966  1.00 17.42 ? 11  DC  A "C5'" 1 
ATOM   212 C  "C4'" . DC  A 1 11 ? 3.797   -2.230  15.929  1.00 15.86 ? 11  DC  A "C4'" 1 
ATOM   213 O  "O4'" . DC  A 1 11 ? 4.661   -3.023  15.009  1.00 17.08 ? 11  DC  A "O4'" 1 
ATOM   214 C  "C3'" . DC  A 1 11 ? 3.825   -2.995  17.240  1.00 15.29 ? 11  DC  A "C3'" 1 
ATOM   215 O  "O3'" . DC  A 1 11 ? 2.544   -3.598  17.274  1.00 19.21 ? 11  DC  A "O3'" 1 
ATOM   216 C  "C2'" . DC  A 1 11 ? 5.008   -3.946  17.079  1.00 11.66 ? 11  DC  A "C2'" 1 
ATOM   217 C  "C1'" . DC  A 1 11 ? 4.971   -4.307  15.588  1.00 16.33 ? 11  DC  A "C1'" 1 
ATOM   218 N  N1    . DC  A 1 11 ? 6.243   -4.591  14.904  1.00 15.46 ? 11  DC  A N1    1 
ATOM   219 C  C2    . DC  A 1 11 ? 6.308   -5.572  13.883  1.00 15.27 ? 11  DC  A C2    1 
ATOM   220 O  O2    . DC  A 1 11 ? 5.265   -6.174  13.618  1.00 12.29 ? 11  DC  A O2    1 
ATOM   221 N  N3    . DC  A 1 11 ? 7.439   -5.768  13.231  1.00 9.62  ? 11  DC  A N3    1 
ATOM   222 C  C4    . DC  A 1 11 ? 8.520   -5.059  13.521  1.00 9.84  ? 11  DC  A C4    1 
ATOM   223 N  N4    . DC  A 1 11 ? 9.606   -5.262  12.808  1.00 11.07 ? 11  DC  A N4    1 
ATOM   224 C  C5    . DC  A 1 11 ? 8.524   -4.104  14.621  1.00 10.46 ? 11  DC  A C5    1 
ATOM   225 C  C6    . DC  A 1 11 ? 7.344   -3.877  15.234  1.00 13.87 ? 11  DC  A C6    1 
ATOM   226 P  P     . DG  A 1 12 ? 2.039   -4.409  18.503  1.00 21.70 ? 12  DG  A P     1 
ATOM   227 O  OP1   . DG  A 1 12 ? 0.602   -4.240  18.277  1.00 26.71 ? 12  DG  A OP1   1 
ATOM   228 O  OP2   . DG  A 1 12 ? 2.688   -4.080  19.780  1.00 22.92 ? 12  DG  A OP2   1 
ATOM   229 O  "O5'" . DG  A 1 12 ? 2.493   -5.969  18.262  1.00 17.71 ? 12  DG  A "O5'" 1 
ATOM   230 C  "C5'" . DG  A 1 12 ? 1.857   -6.653  17.180  1.00 13.41 ? 12  DG  A "C5'" 1 
ATOM   231 C  "C4'" . DG  A 1 12 ? 2.438   -8.048  17.189  1.00 10.39 ? 12  DG  A "C4'" 1 
ATOM   232 O  "O4'" . DG  A 1 12 ? 3.791   -7.879  16.641  1.00 11.44 ? 12  DG  A "O4'" 1 
ATOM   233 C  "C3'" . DG  A 1 12 ? 2.767   -8.694  18.558  1.00 13.68 ? 12  DG  A "C3'" 1 
ATOM   234 O  "O3'" . DG  A 1 12 ? 2.074   -9.881  18.625  1.00 14.86 ? 12  DG  A "O3'" 1 
ATOM   235 C  "C2'" . DG  A 1 12 ? 4.262   -8.942  18.713  1.00 12.79 ? 12  DG  A "C2'" 1 
ATOM   236 C  "C1'" . DG  A 1 12 ? 4.733   -8.760  17.246  1.00 13.36 ? 12  DG  A "C1'" 1 
ATOM   237 N  N9    . DG  A 1 12 ? 6.025   -8.114  17.077  1.00 9.51  ? 12  DG  A N9    1 
ATOM   238 C  C8    . DG  A 1 12 ? 6.577   -7.072  17.834  1.00 9.52  ? 12  DG  A C8    1 
ATOM   239 N  N7    . DG  A 1 12 ? 7.703   -6.705  17.410  1.00 11.64 ? 12  DG  A N7    1 
ATOM   240 C  C5    . DG  A 1 12 ? 8.012   -7.582  16.347  1.00 7.51  ? 12  DG  A C5    1 
ATOM   241 C  C6    . DG  A 1 12 ? 9.120   -7.601  15.456  1.00 8.41  ? 12  DG  A C6    1 
ATOM   242 O  O6    . DG  A 1 12 ? 10.158  -6.920  15.485  1.00 12.27 ? 12  DG  A O6    1 
ATOM   243 N  N1    . DG  A 1 12 ? 8.944   -8.602  14.504  1.00 6.88  ? 12  DG  A N1    1 
ATOM   244 C  C2    . DG  A 1 12 ? 7.862   -9.471  14.415  1.00 8.58  ? 12  DG  A C2    1 
ATOM   245 N  N2    . DG  A 1 12 ? 7.971   -10.426 13.467  1.00 9.45  ? 12  DG  A N2    1 
ATOM   246 N  N3    . DG  A 1 12 ? 6.896   -9.430  15.222  1.00 10.06 ? 12  DG  A N3    1 
ATOM   247 C  C4    . DG  A 1 12 ? 6.950   -8.433  16.113  1.00 10.31 ? 12  DG  A C4    1 
ATOM   248 O  "O5'" . DC  B 1 1  ? 15.722  -11.528 9.066   1.00 25.15 ? 13  DC  B "O5'" 1 
ATOM   249 C  "C5'" . DC  B 1 1  ? 15.213  -12.833 9.221   1.00 16.33 ? 13  DC  B "C5'" 1 
ATOM   250 C  "C4'" . DC  B 1 1  ? 13.666  -12.947 9.131   1.00 15.35 ? 13  DC  B "C4'" 1 
ATOM   251 O  "O4'" . DC  B 1 1  ? 13.113  -12.321 10.360  1.00 14.61 ? 13  DC  B "O4'" 1 
ATOM   252 C  "C3'" . DC  B 1 1  ? 13.078  -12.184 7.972   1.00 16.83 ? 13  DC  B "C3'" 1 
ATOM   253 O  "O3'" . DC  B 1 1  ? 11.844  -12.703 7.587   1.00 18.57 ? 13  DC  B "O3'" 1 
ATOM   254 C  "C2'" . DC  B 1 1  ? 12.830  -10.842 8.603   1.00 15.69 ? 13  DC  B "C2'" 1 
ATOM   255 C  "C1'" . DC  B 1 1  ? 12.281  -11.250 9.978   1.00 11.59 ? 13  DC  B "C1'" 1 
ATOM   256 N  N1    . DC  B 1 1  ? 12.333  -10.219 11.030  1.00 10.32 ? 13  DC  B N1    1 
ATOM   257 C  C2    . DC  B 1 1  ? 11.168  -9.932  11.841  1.00 10.43 ? 13  DC  B C2    1 
ATOM   258 O  O2    . DC  B 1 1  ? 10.146  -10.650 11.672  1.00 9.34  ? 13  DC  B O2    1 
ATOM   259 N  N3    . DC  B 1 1  ? 11.293  -9.007  12.830  1.00 9.42  ? 13  DC  B N3    1 
ATOM   260 C  C4    . DC  B 1 1  ? 12.426  -8.327  13.029  1.00 11.63 ? 13  DC  B C4    1 
ATOM   261 N  N4    . DC  B 1 1  ? 12.424  -7.347  13.971  1.00 10.97 ? 13  DC  B N4    1 
ATOM   262 C  C5    . DC  B 1 1  ? 13.586  -8.592  12.200  1.00 13.33 ? 13  DC  B C5    1 
ATOM   263 C  C6    . DC  B 1 1  ? 13.496  -9.530  11.218  1.00 10.95 ? 13  DC  B C6    1 
ATOM   264 P  P     . DG  B 1 2  ? 11.594  -13.206 6.070   1.00 21.18 ? 14  DG  B P     1 
ATOM   265 O  OP1   . DG  B 1 2  ? 12.394  -14.430 5.989   1.00 25.84 ? 14  DG  B OP1   1 
ATOM   266 O  OP2   . DG  B 1 2  ? 11.745  -12.060 5.182   1.00 24.25 ? 14  DG  B OP2   1 
ATOM   267 O  "O5'" . DG  B 1 2  ? 10.015  -13.451 6.293   1.00 19.47 ? 14  DG  B "O5'" 1 
ATOM   268 C  "C5'" . DG  B 1 2  ? 9.442   -14.648 6.850   1.00 14.40 ? 14  DG  B "C5'" 1 
ATOM   269 C  "C4'" . DG  B 1 2  ? 8.254   -14.207 7.729   1.00 14.38 ? 14  DG  B "C4'" 1 
ATOM   270 O  "O4'" . DG  B 1 2  ? 8.663   -13.239 8.773   1.00 13.38 ? 14  DG  B "O4'" 1 
ATOM   271 C  "C3'" . DG  B 1 2  ? 7.165   -13.436 6.998   1.00 14.10 ? 14  DG  B "C3'" 1 
ATOM   272 O  "O3'" . DG  B 1 2  ? 6.336   -14.470 6.477   1.00 13.08 ? 14  DG  B "O3'" 1 
ATOM   273 C  "C2'" . DG  B 1 2  ? 6.450   -12.700 8.095   1.00 15.60 ? 14  DG  B "C2'" 1 
ATOM   274 C  "C1'" . DG  B 1 2  ? 7.556   -12.364 8.976   1.00 16.53 ? 14  DG  B "C1'" 1 
ATOM   275 N  N9    . DG  B 1 2  ? 8.101   -11.000 8.974   1.00 10.76 ? 14  DG  B N9    1 
ATOM   276 C  C8    . DG  B 1 2  ? 9.273   -10.618 8.382   1.00 11.04 ? 14  DG  B C8    1 
ATOM   277 N  N7    . DG  B 1 2  ? 9.554   -9.360  8.674   1.00 10.22 ? 14  DG  B N7    1 
ATOM   278 C  C5    . DG  B 1 2  ? 8.592   -8.991  9.568   1.00 9.22  ? 14  DG  B C5    1 
ATOM   279 C  C6    . DG  B 1 2  ? 8.398   -7.792  10.322  1.00 10.59 ? 14  DG  B C6    1 
ATOM   280 O  O6    . DG  B 1 2  ? 9.254   -6.859  10.406  1.00 11.67 ? 14  DG  B O6    1 
ATOM   281 N  N1    . DG  B 1 2  ? 7.301   -7.848  11.175  1.00 9.47  ? 14  DG  B N1    1 
ATOM   282 C  C2    . DG  B 1 2  ? 6.383   -8.884  11.246  1.00 8.28  ? 14  DG  B C2    1 
ATOM   283 N  N2    . DG  B 1 2  ? 5.310   -8.704  12.041  1.00 10.42 ? 14  DG  B N2    1 
ATOM   284 N  N3    . DG  B 1 2  ? 6.552   -9.980  10.511  1.00 7.41  ? 14  DG  B N3    1 
ATOM   285 C  C4    . DG  B 1 2  ? 7.660   -9.933  9.771   1.00 8.83  ? 14  DG  B C4    1 
ATOM   286 P  P     . DC  B 1 3  ? 5.244   -14.170 5.299   1.00 14.83 ? 15  DC  B P     1 
ATOM   287 O  OP1   . DC  B 1 3  ? 4.657   -15.530 4.988   1.00 15.55 ? 15  DC  B OP1   1 
ATOM   288 O  OP2   . DC  B 1 3  ? 5.869   -13.364 4.229   1.00 17.74 ? 15  DC  B OP2   1 
ATOM   289 O  "O5'" . DC  B 1 3  ? 4.128   -13.264 5.908   1.00 10.96 ? 15  DC  B "O5'" 1 
ATOM   290 C  "C5'" . DC  B 1 3  ? 3.305   -13.686 7.047   1.00 9.94  ? 15  DC  B "C5'" 1 
ATOM   291 C  "C4'" . DC  B 1 3  ? 2.536   -12.548 7.629   1.00 13.29 ? 15  DC  B "C4'" 1 
ATOM   292 O  "O4'" . DC  B 1 3  ? 3.563   -11.622 8.030   1.00 13.66 ? 15  DC  B "O4'" 1 
ATOM   293 C  "C3'" . DC  B 1 3  ? 1.752   -11.811 6.569   1.00 11.54 ? 15  DC  B "C3'" 1 
ATOM   294 O  "O3'" . DC  B 1 3  ? 0.435   -12.267 6.837   1.00 18.54 ? 15  DC  B "O3'" 1 
ATOM   295 C  "C2'" . DC  B 1 3  ? 1.912   -10.319 6.886   1.00 11.15 ? 15  DC  B "C2'" 1 
ATOM   296 C  "C1'" . DC  B 1 3  ? 3.090   -10.283 7.866   1.00 13.82 ? 15  DC  B "C1'" 1 
ATOM   297 N  N1    . DC  B 1 3  ? 4.264   -9.564  7.308   1.00 9.64  ? 15  DC  B N1    1 
ATOM   298 C  C2    . DC  B 1 3  ? 4.807   -8.387  7.968   1.00 7.36  ? 15  DC  B C2    1 
ATOM   299 O  O2    . DC  B 1 3  ? 4.122   -7.965  8.881   1.00 10.23 ? 15  DC  B O2    1 
ATOM   300 N  N3    . DC  B 1 3  ? 5.936   -7.838  7.489   1.00 9.36  ? 15  DC  B N3    1 
ATOM   301 C  C4    . DC  B 1 3  ? 6.589   -8.340  6.453   1.00 10.68 ? 15  DC  B C4    1 
ATOM   302 N  N4    . DC  B 1 3  ? 7.676   -7.723  6.101   1.00 12.64 ? 15  DC  B N4    1 
ATOM   303 C  C5    . DC  B 1 3  ? 6.085   -9.536  5.782   1.00 11.63 ? 15  DC  B C5    1 
ATOM   304 C  C6    . DC  B 1 3  ? 4.934   -10.051 6.251   1.00 12.95 ? 15  DC  B C6    1 
HETATM 305 P  P     . C6G B 1 4  ? -0.881  -12.125 5.840   1.00 18.06 ? 16  C6G B P     1 
HETATM 306 O  OP1   . C6G B 1 4  ? -1.533  -13.377 6.399   1.00 23.81 ? 16  C6G B OP1   1 
HETATM 307 O  OP2   . C6G B 1 4  ? -0.327  -12.073 4.524   1.00 17.87 ? 16  C6G B OP2   1 
HETATM 308 O  "O5'" . C6G B 1 4  ? -1.507  -10.767 6.319   1.00 17.00 ? 16  C6G B "O5'" 1 
HETATM 309 C  "C5'" . C6G B 1 4  ? -2.070  -10.484 7.649   1.00 14.85 ? 16  C6G B "C5'" 1 
HETATM 310 C  "C4'" . C6G B 1 4  ? -2.130  -8.964  7.784   1.00 16.85 ? 16  C6G B "C4'" 1 
HETATM 311 O  "O4'" . C6G B 1 4  ? -0.908  -8.417  7.324   1.00 18.96 ? 16  C6G B "O4'" 1 
HETATM 312 C  "C1'" . C6G B 1 4  ? -0.982  -7.494  6.232   1.00 19.46 ? 16  C6G B "C1'" 1 
HETATM 313 N  N9    . C6G B 1 4  ? 0.179   -7.703  5.340   1.00 17.83 ? 16  C6G B N9    1 
HETATM 314 C  C8    . C6G B 1 4  ? 0.262   -8.559  4.275   1.00 13.16 ? 16  C6G B C8    1 
HETATM 315 N  N7    . C6G B 1 4  ? 1.453   -8.476  3.696   1.00 18.36 ? 16  C6G B N7    1 
HETATM 316 C  C5    . C6G B 1 4  ? 2.148   -7.563  4.475   1.00 13.71 ? 16  C6G B C5    1 
HETATM 317 C  C4    . C6G B 1 4  ? 1.318   -7.082  5.452   1.00 13.09 ? 16  C6G B C4    1 
HETATM 318 N  N3    . C6G B 1 4  ? 1.675   -6.185  6.401   1.00 14.62 ? 16  C6G B N3    1 
HETATM 319 C  C2    . C6G B 1 4  ? 2.928   -5.736  6.289   1.00 10.18 ? 16  C6G B C2    1 
HETATM 320 N  N2    . C6G B 1 4  ? 3.322   -4.771  7.202   1.00 13.65 ? 16  C6G B N2    1 
HETATM 321 N  N1    . C6G B 1 4  ? 3.780   -6.130  5.283   1.00 15.44 ? 16  C6G B N1    1 
HETATM 322 C  C6    . C6G B 1 4  ? 3.443   -7.028  4.342   1.00 14.21 ? 16  C6G B C6    1 
HETATM 323 O  O6    . C6G B 1 4  ? 4.327   -7.476  3.387   1.00 19.94 ? 16  C6G B O6    1 
HETATM 324 C  "C2'" . C6G B 1 4  ? -2.297  -7.834  5.544   1.00 17.47 ? 16  C6G B "C2'" 1 
HETATM 325 C  "C3'" . C6G B 1 4  ? -3.088  -8.373  6.722   1.00 16.10 ? 16  C6G B "C3'" 1 
HETATM 326 O  "O3'" . C6G B 1 4  ? -3.582  -7.206  7.302   1.00 20.39 ? 16  C6G B "O3'" 1 
HETATM 327 C  C     . C6G B 1 4  ? 6.327   -7.817  2.310   1.00 25.84 ? 16  C6G B C     1 
HETATM 328 O  O     . C6G B 1 4  ? 5.830   -8.863  1.793   1.00 24.82 ? 16  C6G B O     1 
HETATM 329 O  O7    . C6G B 1 4  ? 7.477   -7.484  2.043   1.00 27.37 ? 16  C6G B O7    1 
HETATM 330 C  CH3   . C6G B 1 4  ? 5.575   -6.923  3.300   1.00 19.97 ? 16  C6G B CH3   1 
ATOM   331 P  P     . DA  B 1 5  ? -5.030  -6.586  7.073   1.00 23.05 ? 17  DA  B P     1 
ATOM   332 O  OP1   . DA  B 1 5  ? -5.901  -7.382  7.936   1.00 23.79 ? 17  DA  B OP1   1 
ATOM   333 O  OP2   . DA  B 1 5  ? -5.280  -6.362  5.590   1.00 23.64 ? 17  DA  B OP2   1 
ATOM   334 O  "O5'" . DA  B 1 5  ? -4.736  -5.224  7.734   1.00 21.06 ? 17  DA  B "O5'" 1 
ATOM   335 C  "C5'" . DA  B 1 5  ? -4.399  -4.995  9.099   1.00 19.17 ? 17  DA  B "C5'" 1 
ATOM   336 C  "C4'" . DA  B 1 5  ? -3.734  -3.666  9.374   1.00 19.80 ? 17  DA  B "C4'" 1 
ATOM   337 O  "O4'" . DA  B 1 5  ? -2.442  -3.676  8.652   1.00 22.41 ? 17  DA  B "O4'" 1 
ATOM   338 C  "C3'" . DA  B 1 5  ? -4.449  -2.392  8.934   1.00 20.97 ? 17  DA  B "C3'" 1 
ATOM   339 O  "O3'" . DA  B 1 5  ? -3.987  -1.316  9.804   1.00 25.35 ? 17  DA  B "O3'" 1 
ATOM   340 C  "C2'" . DA  B 1 5  ? -3.920  -2.211  7.484   1.00 20.34 ? 17  DA  B "C2'" 1 
ATOM   341 C  "C1'" . DA  B 1 5  ? -2.449  -2.674  7.622   1.00 20.15 ? 17  DA  B "C1'" 1 
ATOM   342 N  N9    . DA  B 1 5  ? -1.802  -3.258  6.378   1.00 13.76 ? 17  DA  B N9    1 
ATOM   343 C  C8    . DA  B 1 5  ? -2.343  -4.157  5.487   1.00 16.32 ? 17  DA  B C8    1 
ATOM   344 N  N7    . DA  B 1 5  ? -1.498  -4.561  4.523   1.00 21.74 ? 17  DA  B N7    1 
ATOM   345 C  C5    . DA  B 1 5  ? -0.376  -3.887  4.792   1.00 14.48 ? 17  DA  B C5    1 
ATOM   346 C  C6    . DA  B 1 5  ? 0.913   -3.829  4.132   1.00 13.33 ? 17  DA  B C6    1 
ATOM   347 N  N6    . DA  B 1 5  ? 1.214   -4.571  3.043   1.00 15.17 ? 17  DA  B N6    1 
ATOM   348 N  N1    . DA  B 1 5  ? 1.808   -3.044  4.738   1.00 12.72 ? 17  DA  B N1    1 
ATOM   349 C  C2    . DA  B 1 5  ? 1.674   -2.293  5.860   1.00 13.35 ? 17  DA  B C2    1 
ATOM   350 N  N3    . DA  B 1 5  ? 0.462   -2.280  6.469   1.00 17.04 ? 17  DA  B N3    1 
ATOM   351 C  C4    . DA  B 1 5  ? -0.468  -3.082  5.906   1.00 15.87 ? 17  DA  B C4    1 
ATOM   352 P  P     . DA  B 1 6  ? -4.543  0.166   9.525   1.00 28.59 ? 18  DA  B P     1 
ATOM   353 O  OP1   . DA  B 1 6  ? -4.614  0.892   10.822  1.00 34.06 ? 18  DA  B OP1   1 
ATOM   354 O  OP2   . DA  B 1 6  ? -5.698  0.012   8.594   1.00 33.16 ? 18  DA  B OP2   1 
ATOM   355 O  "O5'" . DA  B 1 6  ? -3.362  0.813   8.661   1.00 26.84 ? 18  DA  B "O5'" 1 
ATOM   356 C  "C5'" . DA  B 1 6  ? -2.219  1.276   9.404   1.00 20.09 ? 18  DA  B "C5'" 1 
ATOM   357 C  "C4'" . DA  B 1 6  ? -1.265  1.956   8.449   1.00 22.32 ? 18  DA  B "C4'" 1 
ATOM   358 O  "O4'" . DA  B 1 6  ? -0.983  0.955   7.423   1.00 19.96 ? 18  DA  B "O4'" 1 
ATOM   359 C  "C3'" . DA  B 1 6  ? -1.865  3.153   7.730   1.00 21.44 ? 18  DA  B "C3'" 1 
ATOM   360 O  "O3'" . DA  B 1 6  ? -0.881  4.100   7.977   1.00 22.16 ? 18  DA  B "O3'" 1 
ATOM   361 C  "C2'" . DA  B 1 6  ? -2.017  2.797   6.238   1.00 22.29 ? 18  DA  B "C2'" 1 
ATOM   362 C  "C1'" . DA  B 1 6  ? -0.987  1.683   6.162   1.00 17.30 ? 18  DA  B "C1'" 1 
ATOM   363 N  N9    . DA  B 1 6  ? -1.246  0.696   5.131   1.00 14.94 ? 18  DA  B N9    1 
ATOM   364 C  C8    . DA  B 1 6  ? -2.382  0.041   4.939   1.00 10.61 ? 18  DA  B C8    1 
ATOM   365 N  N7    . DA  B 1 6  ? -2.445  -0.906  3.989   1.00 12.95 ? 18  DA  B N7    1 
ATOM   366 C  C5    . DA  B 1 6  ? -1.141  -0.770  3.450   1.00 10.99 ? 18  DA  B C5    1 
ATOM   367 C  C6    . DA  B 1 6  ? -0.446  -1.406  2.364   1.00 9.49  ? 18  DA  B C6    1 
ATOM   368 N  N6    . DA  B 1 6  ? -0.973  -2.345  1.659   1.00 10.43 ? 18  DA  B N6    1 
ATOM   369 N  N1    . DA  B 1 6  ? 0.803   -0.977  2.176   1.00 9.72  ? 18  DA  B N1    1 
ATOM   370 C  C2    . DA  B 1 6  ? 1.443   -0.053  2.880   1.00 10.91 ? 18  DA  B C2    1 
ATOM   371 N  N3    . DA  B 1 6  ? 0.872   0.620   3.883   1.00 11.87 ? 18  DA  B N3    1 
ATOM   372 C  C4    . DA  B 1 6  ? -0.400  0.208   4.143   1.00 11.97 ? 18  DA  B C4    1 
ATOM   373 P  P     . DT  B 1 7  ? -1.013  5.634   7.592   1.00 28.68 ? 19  DT  B P     1 
ATOM   374 O  OP1   . DT  B 1 7  ? -0.038  6.377   8.438   1.00 31.82 ? 19  DT  B OP1   1 
ATOM   375 O  OP2   . DT  B 1 7  ? -2.425  5.856   7.340   1.00 25.39 ? 19  DT  B OP2   1 
ATOM   376 O  "O5'" . DT  B 1 7  ? -0.468  5.626   6.080   1.00 23.68 ? 19  DT  B "O5'" 1 
ATOM   377 C  "C5'" . DT  B 1 7  ? 0.903   5.492   5.968   1.00 22.30 ? 19  DT  B "C5'" 1 
ATOM   378 C  "C4'" . DT  B 1 7  ? 1.199   5.460   4.485   1.00 19.26 ? 19  DT  B "C4'" 1 
ATOM   379 O  "O4'" . DT  B 1 7  ? 0.714   4.232   3.952   1.00 16.49 ? 19  DT  B "O4'" 1 
ATOM   380 C  "C3'" . DT  B 1 7  ? 0.663   6.605   3.596   1.00 19.30 ? 19  DT  B "C3'" 1 
ATOM   381 O  "O3'" . DT  B 1 7  ? 1.823   7.286   3.203   1.00 21.80 ? 19  DT  B "O3'" 1 
ATOM   382 C  "C2'" . DT  B 1 7  ? -0.077  5.900   2.429   1.00 17.20 ? 19  DT  B "C2'" 1 
ATOM   383 C  "C1'" . DT  B 1 7  ? 0.516   4.498   2.555   1.00 15.25 ? 19  DT  B "C1'" 1 
ATOM   384 N  N1    . DT  B 1 7  ? -0.423  3.477   2.071   1.00 14.95 ? 19  DT  B N1    1 
ATOM   385 C  C2    . DT  B 1 7  ? -0.062  2.588   1.023   1.00 12.16 ? 19  DT  B C2    1 
ATOM   386 O  O2    . DT  B 1 7  ? 1.047   2.661   0.432   1.00 12.26 ? 19  DT  B O2    1 
ATOM   387 N  N3    . DT  B 1 7  ? -0.974  1.689   0.610   1.00 10.44 ? 19  DT  B N3    1 
ATOM   388 C  C4    . DT  B 1 7  ? -2.230  1.434   1.152   1.00 10.81 ? 19  DT  B C4    1 
ATOM   389 O  O4    . DT  B 1 7  ? -2.964  0.555   0.770   1.00 13.37 ? 19  DT  B O4    1 
ATOM   390 C  C5    . DT  B 1 7  ? -2.561  2.394   2.252   1.00 12.45 ? 19  DT  B C5    1 
ATOM   391 C  C7    . DT  B 1 7  ? -3.959  2.284   2.874   1.00 14.69 ? 19  DT  B C7    1 
ATOM   392 C  C6    . DT  B 1 7  ? -1.686  3.347   2.607   1.00 11.85 ? 19  DT  B C6    1 
ATOM   393 P  P     . DT  B 1 8  ? 1.845   8.580   2.276   1.00 22.73 ? 20  DT  B P     1 
ATOM   394 O  OP1   . DT  B 1 8  ? 3.057   9.332   2.581   1.00 26.68 ? 20  DT  B OP1   1 
ATOM   395 O  OP2   . DT  B 1 8  ? 0.526   9.194   2.287   1.00 24.57 ? 20  DT  B OP2   1 
ATOM   396 O  "O5'" . DT  B 1 8  ? 1.974   7.941   0.751   1.00 19.94 ? 20  DT  B "O5'" 1 
ATOM   397 C  "C5'" . DT  B 1 8  ? 3.183   7.403   0.251   1.00 22.29 ? 20  DT  B "C5'" 1 
ATOM   398 C  "C4'" . DT  B 1 8  ? 2.845   6.814   -1.090  1.00 19.36 ? 20  DT  B "C4'" 1 
ATOM   399 O  "O4'" . DT  B 1 8  ? 1.793   5.824   -0.969  1.00 19.49 ? 20  DT  B "O4'" 1 
ATOM   400 C  "C3'" . DT  B 1 8  ? 2.377   7.847   -2.118  1.00 19.34 ? 20  DT  B "C3'" 1 
ATOM   401 O  "O3'" . DT  B 1 8  ? 3.530   7.963   -2.944  1.00 22.13 ? 20  DT  B "O3'" 1 
ATOM   402 C  "C2'" . DT  B 1 8  ? 1.143   7.244   -2.781  1.00 18.33 ? 20  DT  B "C2'" 1 
ATOM   403 C  "C1'" . DT  B 1 8  ? 1.137   5.840   -2.226  1.00 13.91 ? 20  DT  B "C1'" 1 
ATOM   404 N  N1    . DT  B 1 8  ? -0.144  5.206   -1.993  1.00 14.25 ? 20  DT  B N1    1 
ATOM   405 C  C2    . DT  B 1 8  ? -0.524  4.111   -2.757  1.00 13.74 ? 20  DT  B C2    1 
ATOM   406 O  O2    . DT  B 1 8  ? 0.200   3.582   -3.585  1.00 11.78 ? 20  DT  B O2    1 
ATOM   407 N  N3    . DT  B 1 8  ? -1.699  3.560   -2.422  1.00 10.95 ? 20  DT  B N3    1 
ATOM   408 C  C4    . DT  B 1 8  ? -2.673  3.978   -1.485  1.00 11.39 ? 20  DT  B C4    1 
ATOM   409 O  O4    . DT  B 1 8  ? -3.706  3.338   -1.262  1.00 14.35 ? 20  DT  B O4    1 
ATOM   410 C  C5    . DT  B 1 8  ? -2.228  5.125   -0.770  1.00 10.93 ? 20  DT  B C5    1 
ATOM   411 C  C7    . DT  B 1 8  ? -3.096  5.702   0.237   1.00 16.06 ? 20  DT  B C7    1 
ATOM   412 C  C6    . DT  B 1 8  ? -1.064  5.701   -1.047  1.00 13.84 ? 20  DT  B C6    1 
ATOM   413 P  P     . DC  B 1 9  ? 3.550   8.845   -4.286  1.00 23.50 ? 21  DC  B P     1 
ATOM   414 O  OP1   . DC  B 1 9  ? 4.974   9.016   -4.635  1.00 25.56 ? 21  DC  B OP1   1 
ATOM   415 O  OP2   . DC  B 1 9  ? 2.536   9.876   -4.117  1.00 22.51 ? 21  DC  B OP2   1 
ATOM   416 O  "O5'" . DC  B 1 9  ? 2.816   8.068   -5.455  1.00 16.72 ? 21  DC  B "O5'" 1 
ATOM   417 C  "C5'" . DC  B 1 9  ? 3.603   7.037   -6.005  1.00 16.64 ? 21  DC  B "C5'" 1 
ATOM   418 C  "C4'" . DC  B 1 9  ? 2.763   6.262   -7.023  1.00 12.74 ? 21  DC  B "C4'" 1 
ATOM   419 O  "O4'" . DC  B 1 9  ? 1.586   5.691   -6.402  1.00 15.02 ? 21  DC  B "O4'" 1 
ATOM   420 C  "C3'" . DC  B 1 9  ? 2.148   7.181   -8.089  1.00 12.13 ? 21  DC  B "C3'" 1 
ATOM   421 O  "O3'" . DC  B 1 9  ? 2.720   6.746   -9.364  1.00 13.62 ? 21  DC  B "O3'" 1 
ATOM   422 C  "C2'" . DC  B 1 9  ? 0.616   7.054   -8.032  1.00 14.44 ? 21  DC  B "C2'" 1 
ATOM   423 C  "C1'" . DC  B 1 9  ? 0.489   5.735   -7.294  1.00 13.24 ? 21  DC  B "C1'" 1 
ATOM   424 N  N1    . DC  B 1 9  ? -0.771  5.634   -6.510  1.00 12.33 ? 21  DC  B N1    1 
ATOM   425 C  C2    . DC  B 1 9  ? -1.612  4.557   -6.657  1.00 12.02 ? 21  DC  B C2    1 
ATOM   426 O  O2    . DC  B 1 9  ? -1.373  3.694   -7.472  1.00 13.12 ? 21  DC  B O2    1 
ATOM   427 N  N3    . DC  B 1 9  ? -2.701  4.505   -5.896  1.00 11.77 ? 21  DC  B N3    1 
ATOM   428 C  C4    . DC  B 1 9  ? -2.990  5.454   -4.966  1.00 13.92 ? 21  DC  B C4    1 
ATOM   429 N  N4    . DC  B 1 9  ? -4.105  5.325   -4.214  1.00 13.91 ? 21  DC  B N4    1 
ATOM   430 C  C5    . DC  B 1 9  ? -2.082  6.563   -4.736  1.00 13.62 ? 21  DC  B C5    1 
ATOM   431 C  C6    . DC  B 1 9  ? -0.989  6.578   -5.516  1.00 14.87 ? 21  DC  B C6    1 
ATOM   432 P  P     . DG  B 1 10 ? 2.449   7.526   -10.691 1.00 14.70 ? 22  DG  B P     1 
ATOM   433 O  OP1   . DG  B 1 10 ? 3.535   7.075   -11.614 1.00 15.80 ? 22  DG  B OP1   1 
ATOM   434 O  OP2   . DG  B 1 10 ? 2.165   8.990   -10.380 1.00 14.48 ? 22  DG  B OP2   1 
ATOM   435 O  "O5'" . DG  B 1 10 ? 1.007   6.935   -11.229 1.00 14.40 ? 22  DG  B "O5'" 1 
ATOM   436 C  "C5'" . DG  B 1 10 ? 1.003   5.533   -11.669 1.00 11.81 ? 22  DG  B "C5'" 1 
ATOM   437 C  "C4'" . DG  B 1 10 ? -0.398  5.147   -12.119 1.00 14.43 ? 22  DG  B "C4'" 1 
ATOM   438 O  "O4'" . DG  B 1 10 ? -1.174  5.209   -10.841 1.00 14.74 ? 22  DG  B "O4'" 1 
ATOM   439 C  "C3'" . DG  B 1 10 ? -1.081  6.209   -12.962 1.00 18.09 ? 22  DG  B "C3'" 1 
ATOM   440 O  "O3'" . DG  B 1 10 ? -1.818  5.420   -13.884 1.00 22.53 ? 22  DG  B "O3'" 1 
ATOM   441 C  "C2'" . DG  B 1 10 ? -1.898  6.979   -12.021 1.00 17.40 ? 22  DG  B "C2'" 1 
ATOM   442 C  "C1'" . DG  B 1 10 ? -2.422  5.863   -11.080 1.00 11.28 ? 22  DG  B "C1'" 1 
ATOM   443 N  N9    . DG  B 1 10 ? -3.007  6.396   -9.908  1.00 11.57 ? 22  DG  B N9    1 
ATOM   444 C  C8    . DG  B 1 10 ? -2.674  7.488   -9.151  1.00 10.58 ? 22  DG  B C8    1 
ATOM   445 N  N7    . DG  B 1 10 ? -3.409  7.800   -8.167  1.00 13.06 ? 22  DG  B N7    1 
ATOM   446 C  C5    . DG  B 1 10 ? -4.330  6.699   -8.197  1.00 9.34  ? 22  DG  B C5    1 
ATOM   447 C  C6    . DG  B 1 10 ? -5.395  6.470   -7.301  1.00 8.95  ? 22  DG  B C6    1 
ATOM   448 O  O6    . DG  B 1 10 ? -5.885  7.030   -6.308  1.00 13.62 ? 22  DG  B O6    1 
ATOM   449 N  N1    . DG  B 1 10 ? -6.073  5.257   -7.677  1.00 9.78  ? 22  DG  B N1    1 
ATOM   450 C  C2    . DG  B 1 10 ? -5.731  4.510   -8.776  1.00 9.13  ? 22  DG  B C2    1 
ATOM   451 N  N2    . DG  B 1 10 ? -6.478  3.408   -9.022  1.00 10.14 ? 22  DG  B N2    1 
ATOM   452 N  N3    . DG  B 1 10 ? -4.684  4.741   -9.645  1.00 8.10  ? 22  DG  B N3    1 
ATOM   453 C  C4    . DG  B 1 10 ? -4.058  5.833   -9.203  1.00 9.30  ? 22  DG  B C4    1 
ATOM   454 P  P     . DC  B 1 11 ? -1.617  5.436   -15.455 1.00 23.13 ? 23  DC  B P     1 
ATOM   455 O  OP1   . DC  B 1 11 ? -0.312  4.859   -15.875 1.00 22.34 ? 23  DC  B OP1   1 
ATOM   456 O  OP2   . DC  B 1 11 ? -2.045  6.781   -15.787 1.00 26.79 ? 23  DC  B OP2   1 
ATOM   457 O  "O5'" . DC  B 1 11 ? -2.892  4.441   -15.793 1.00 19.50 ? 23  DC  B "O5'" 1 
ATOM   458 C  "C5'" . DC  B 1 11 ? -2.715  3.003   -15.597 1.00 14.61 ? 23  DC  B "C5'" 1 
ATOM   459 C  "C4'" . DC  B 1 11 ? -4.096  2.447   -15.192 1.00 15.79 ? 23  DC  B "C4'" 1 
ATOM   460 O  "O4'" . DC  B 1 11 ? -4.333  2.809   -13.832 1.00 14.71 ? 23  DC  B "O4'" 1 
ATOM   461 C  "C3'" . DC  B 1 11 ? -5.318  2.877   -15.998 1.00 14.46 ? 23  DC  B "C3'" 1 
ATOM   462 O  "O3'" . DC  B 1 11 ? -5.425  2.078   -17.171 1.00 19.36 ? 23  DC  B "O3'" 1 
ATOM   463 C  "C2'" . DC  B 1 11 ? -6.444  2.616   -15.028 1.00 14.49 ? 23  DC  B "C2'" 1 
ATOM   464 C  "C1'" . DC  B 1 11 ? -5.788  2.939   -13.737 1.00 13.32 ? 23  DC  B "C1'" 1 
ATOM   465 N  N1    . DC  B 1 11 ? -5.974  4.249   -13.111 1.00 11.95 ? 23  DC  B N1    1 
ATOM   466 C  C2    . DC  B 1 11 ? -7.024  4.449   -12.196 1.00 8.20  ? 23  DC  B C2    1 
ATOM   467 O  O2    . DC  B 1 11 ? -7.781  3.392   -12.037 1.00 13.62 ? 23  DC  B O2    1 
ATOM   468 N  N3    . DC  B 1 11 ? -7.270  5.534   -11.489 1.00 9.60  ? 23  DC  B N3    1 
ATOM   469 C  C4    . DC  B 1 11 ? -6.436  6.550   -11.734 1.00 9.56  ? 23  DC  B C4    1 
ATOM   470 N  N4    . DC  B 1 11 ? -6.580  7.577   -10.956 1.00 8.64  ? 23  DC  B N4    1 
ATOM   471 C  C5    . DC  B 1 11 ? -5.434  6.427   -12.694 1.00 9.36  ? 23  DC  B C5    1 
ATOM   472 C  C6    . DC  B 1 11 ? -5.172  5.320   -13.399 1.00 13.41 ? 23  DC  B C6    1 
ATOM   473 P  P     . DG  B 1 12 ? -5.943  2.716   -18.533 1.00 21.40 ? 24  DG  B P     1 
ATOM   474 O  OP1   . DG  B 1 12 ? -5.613  1.635   -19.527 1.00 25.35 ? 24  DG  B OP1   1 
ATOM   475 O  OP2   . DG  B 1 12 ? -5.445  4.100   -18.688 1.00 22.23 ? 24  DG  B OP2   1 
ATOM   476 O  "O5'" . DG  B 1 12 ? -7.560  3.005   -18.417 1.00 16.89 ? 24  DG  B "O5'" 1 
ATOM   477 C  "C5'" . DG  B 1 12 ? -8.341  1.805   -18.383 1.00 18.08 ? 24  DG  B "C5'" 1 
ATOM   478 C  "C4'" . DG  B 1 12 ? -9.653  2.158   -17.677 1.00 18.48 ? 24  DG  B "C4'" 1 
ATOM   479 O  "O4'" . DG  B 1 12 ? -9.418  2.523   -16.313 1.00 15.11 ? 24  DG  B "O4'" 1 
ATOM   480 C  "C3'" . DG  B 1 12 ? -10.404 3.302   -18.315 1.00 17.46 ? 24  DG  B "C3'" 1 
ATOM   481 O  "O3'" . DG  B 1 12 ? -11.237 2.962   -19.472 1.00 16.78 ? 24  DG  B "O3'" 1 
ATOM   482 C  "C2'" . DG  B 1 12 ? -11.207 3.812   -17.160 1.00 13.99 ? 24  DG  B "C2'" 1 
ATOM   483 C  "C1'" . DG  B 1 12 ? -10.341 3.493   -15.937 1.00 13.74 ? 24  DG  B "C1'" 1 
ATOM   484 N  N9    . DG  B 1 12 ? -9.620  4.697   -15.479 1.00 9.03  ? 24  DG  B N9    1 
ATOM   485 C  C8    . DG  B 1 12 ? -8.573  5.265   -16.186 1.00 12.73 ? 24  DG  B C8    1 
ATOM   486 N  N7    . DG  B 1 12 ? -8.245  6.371   -15.598 1.00 12.13 ? 24  DG  B N7    1 
ATOM   487 C  C5    . DG  B 1 12 ? -9.023  6.548   -14.465 1.00 9.62  ? 24  DG  B C5    1 
ATOM   488 C  C6    . DG  B 1 12 ? -9.094  7.569   -13.453 1.00 10.13 ? 24  DG  B C6    1 
ATOM   489 O  O6    . DG  B 1 12 ? -8.415  8.636   -13.360 1.00 13.13 ? 24  DG  B O6    1 
ATOM   490 N  N1    . DG  B 1 12 ? -10.082 7.387   -12.499 1.00 9.93  ? 24  DG  B N1    1 
ATOM   491 C  C2    . DG  B 1 12 ? -10.918 6.243   -12.507 1.00 6.43  ? 24  DG  B C2    1 
ATOM   492 N  N2    . DG  B 1 12 ? -11.811 6.186   -11.628 1.00 7.64  ? 24  DG  B N2    1 
ATOM   493 N  N3    . DG  B 1 12 ? -10.883 5.265   -13.456 1.00 8.34  ? 24  DG  B N3    1 
ATOM   494 C  C4    . DG  B 1 12 ? -9.951  5.530   -14.414 1.00 7.72  ? 24  DG  B C4    1 
HETATM 495 SR SR    . SR  C 2 .  ? 2.120   -1.397  11.264  1.00 23.85 ? 101 SR  A SR    1 
HETATM 496 SR SR    . SR  D 2 .  ? -7.335  10.749  -5.010  1.00 25.52 ? 102 SR  A SR    1 
HETATM 497 SR SR    . SR  E 2 .  ? -14.312 -6.559  -8.367  1.00 32.01 ? 103 SR  A SR    1 
HETATM 498 O  O1    . HT  F 3 .  ? 4.365   3.968   6.129   1.00 23.69 ? 101 HT  B O1    1 
HETATM 499 C  C1    . HT  F 3 .  ? 4.483   3.965   4.791   1.00 24.03 ? 101 HT  B C1    1 
HETATM 500 C  C4    . HT  F 3 .  ? 4.639   3.999   2.068   1.00 15.46 ? 101 HT  B C4    1 
HETATM 501 C  C2    . HT  F 3 .  ? 5.499   4.728   4.189   1.00 20.60 ? 101 HT  B C2    1 
HETATM 502 C  C3    . HT  F 3 .  ? 5.568   4.754   2.792   1.00 21.38 ? 101 HT  B C3    1 
HETATM 503 C  C6    . HT  F 3 .  ? 3.589   3.161   4.035   1.00 19.98 ? 101 HT  B C6    1 
HETATM 504 C  C5    . HT  F 3 .  ? 3.663   3.202   2.669   1.00 22.54 ? 101 HT  B C5    1 
HETATM 505 C  C7    . HT  F 3 .  ? 4.716   4.015   0.605   1.00 16.32 ? 101 HT  B C7    1 
HETATM 506 N  N1    . HT  F 3 .  ? 3.801   3.346   -0.122  1.00 14.65 ? 101 HT  B N1    1 
HETATM 507 C  C8    . HT  F 3 .  ? 4.082   3.545   -1.416  1.00 15.86 ? 101 HT  B C8    1 
HETATM 508 C  C9    . HT  F 3 .  ? 5.341   4.345   -1.437  1.00 15.14 ? 101 HT  B C9    1 
HETATM 509 N  N2    . HT  F 3 .  ? 5.623   4.624   -0.188  1.00 17.63 ? 101 HT  B N2    1 
HETATM 510 C  C10   . HT  F 3 .  ? 5.941   4.698   -2.632  1.00 14.51 ? 101 HT  B C10   1 
HETATM 511 C  C11   . HT  F 3 .  ? 5.405   4.353   -3.859  1.00 17.72 ? 101 HT  B C11   1 
HETATM 512 C  C12   . HT  F 3 .  ? 4.234   3.532   -3.874  1.00 16.01 ? 101 HT  B C12   1 
HETATM 513 C  C13   . HT  F 3 .  ? 3.570   3.096   -2.669  1.00 14.52 ? 101 HT  B C13   1 
HETATM 514 C  C14   . HT  F 3 .  ? 3.763   3.134   -5.100  1.00 16.48 ? 101 HT  B C14   1 
HETATM 515 N  N3    . HT  F 3 .  ? 2.584   2.422   -5.292  1.00 13.25 ? 101 HT  B N3    1 
HETATM 516 C  C15   . HT  F 3 .  ? 2.363   2.191   -6.611  1.00 14.42 ? 101 HT  B C15   1 
HETATM 517 C  C16   . HT  F 3 .  ? 3.471   2.845   -7.291  1.00 16.11 ? 101 HT  B C16   1 
HETATM 518 N  N4    . HT  F 3 .  ? 4.311   3.309   -6.296  1.00 14.77 ? 101 HT  B N4    1 
HETATM 519 C  C17   . HT  F 3 .  ? 3.562   2.788   -8.672  1.00 13.95 ? 101 HT  B C17   1 
HETATM 520 C  C18   . HT  F 3 .  ? 2.584   2.205   -9.462  1.00 17.77 ? 101 HT  B C18   1 
HETATM 521 C  C19   . HT  F 3 .  ? 1.489   1.590   -8.821  1.00 13.24 ? 101 HT  B C19   1 
HETATM 522 C  C20   . HT  F 3 .  ? 1.380   1.595   -7.411  1.00 14.63 ? 101 HT  B C20   1 
HETATM 523 N  N5    . HT  F 3 .  ? 0.563   0.975   -9.654  1.00 11.75 ? 101 HT  B N5    1 
HETATM 524 C  C21   . HT  F 3 .  ? 0.132   1.955   -10.672 1.00 15.54 ? 101 HT  B C21   1 
HETATM 525 C  C22   . HT  F 3 .  ? -0.869  1.306   -11.579 1.00 15.07 ? 101 HT  B C22   1 
HETATM 526 N  N6    . HT  F 3 .  ? -1.925  0.737   -10.719 1.00 12.57 ? 101 HT  B N6    1 
HETATM 527 C  C23   . HT  F 3 .  ? -1.444  -0.272  -9.835  1.00 17.28 ? 101 HT  B C23   1 
HETATM 528 C  C24   . HT  F 3 .  ? -0.568  0.429   -8.814  1.00 13.02 ? 101 HT  B C24   1 
HETATM 529 C  C25   . HT  F 3 .  ? -2.998  0.178   -11.626 1.00 19.51 ? 101 HT  B C25   1 
HETATM 530 O  O     . HOH G 4 .  ? -13.072 12.666  -11.200 1.00 19.92 ? 501 HOH A O     1 
HETATM 531 O  O     . HOH G 4 .  ? -9.673  9.774   -5.316  1.00 19.10 ? 502 HOH A O     1 
HETATM 532 O  O     . HOH G 4 .  ? -5.490  -2.186  -1.416  1.00 25.79 ? 503 HOH A O     1 
HETATM 533 O  O     . HOH G 4 .  ? -4.849  -0.330  -7.804  1.00 11.01 ? 504 HOH A O     1 
HETATM 534 O  O     . HOH G 4 .  ? 2.936   -2.930  9.462   1.00 20.14 ? 505 HOH A O     1 
HETATM 535 O  O     . HOH G 4 .  ? 11.212  -4.978  7.163   1.00 11.16 ? 506 HOH A O     1 
HETATM 536 O  O     . HOH G 4 .  ? 9.618   -2.798  1.976   1.00 14.17 ? 507 HOH A O     1 
HETATM 537 O  O     . HOH G 4 .  ? -10.679 9.582   -2.077  1.00 27.42 ? 508 HOH A O     1 
HETATM 538 O  O     . HOH G 4 .  ? 4.255   -0.116  10.423  1.00 23.66 ? 509 HOH A O     1 
HETATM 539 O  O     . HOH G 4 .  ? 3.893   -6.865  0.379   1.00 24.80 ? 510 HOH A O     1 
HETATM 540 O  O     . HOH G 4 .  ? 2.709   0.189   13.294  1.00 24.18 ? 511 HOH A O     1 
HETATM 541 O  O     . HOH G 4 .  ? 5.067   -2.591  -10.736 1.00 29.51 ? 512 HOH A O     1 
HETATM 542 O  O     . HOH G 4 .  ? -11.582 11.037  -3.674  1.00 23.48 ? 513 HOH A O     1 
HETATM 543 O  O     . HOH G 4 .  ? -12.112 -7.288  -8.069  1.00 25.26 ? 514 HOH A O     1 
HETATM 544 O  O     . HOH G 4 .  ? -10.642 12.985  -12.540 1.00 26.12 ? 515 HOH A O     1 
HETATM 545 O  O     . HOH G 4 .  ? -21.373 1.808   -4.895  1.00 32.39 ? 516 HOH A O     1 
HETATM 546 O  O     . HOH G 4 .  ? 9.367   5.138   -1.553  1.00 35.95 ? 517 HOH A O     1 
HETATM 547 O  O     . HOH G 4 .  ? 10.748  -1.206  4.597   1.00 33.99 ? 518 HOH A O     1 
HETATM 548 O  O     . HOH G 4 .  ? -0.330  -3.079  15.359  1.00 29.13 ? 519 HOH A O     1 
HETATM 549 O  O     . HOH G 4 .  ? 4.167   -2.673  12.205  1.00 18.93 ? 520 HOH A O     1 
HETATM 550 O  O     . HOH G 4 .  ? 5.112   -5.423  20.350  1.00 17.81 ? 521 HOH A O     1 
HETATM 551 O  O     . HOH G 4 .  ? -19.127 3.171   -4.792  1.00 19.23 ? 522 HOH A O     1 
HETATM 552 O  O     . HOH G 4 .  ? 5.470   -5.228  -8.660  1.00 20.41 ? 523 HOH A O     1 
HETATM 553 O  O     . HOH G 4 .  ? 9.290   -4.891  18.760  1.00 23.31 ? 524 HOH A O     1 
HETATM 554 O  O     . HOH G 4 .  ? -0.072  -5.920  -0.630  1.00 31.12 ? 525 HOH A O     1 
HETATM 555 O  O     . HOH G 4 .  ? 2.984   -5.391  12.977  1.00 19.50 ? 526 HOH A O     1 
HETATM 556 O  O     . HOH G 4 .  ? -2.040  -4.975  -2.684  1.00 22.48 ? 527 HOH A O     1 
HETATM 557 O  O     . HOH G 4 .  ? 8.285   -5.120  3.346   1.00 23.49 ? 528 HOH A O     1 
HETATM 558 O  O     . HOH G 4 .  ? -9.722  -6.352  -2.995  1.00 35.21 ? 529 HOH A O     1 
HETATM 559 O  O     . HOH G 4 .  ? -4.899  7.698   -2.529  1.00 21.69 ? 530 HOH A O     1 
HETATM 560 O  O     . HOH G 4 .  ? -1.868  9.131   -1.683  1.00 21.57 ? 531 HOH A O     1 
HETATM 561 O  O     . HOH G 4 .  ? -17.890 0.728   -1.995  1.00 30.28 ? 532 HOH A O     1 
HETATM 562 O  O     . HOH G 4 .  ? 11.422  0.742   10.008  1.00 36.14 ? 533 HOH A O     1 
HETATM 563 O  O     . HOH G 4 .  ? 3.071   1.050   6.651   1.00 35.61 ? 534 HOH A O     1 
HETATM 564 O  O     . HOH G 4 .  ? -6.681  -6.821  -3.240  1.00 40.67 ? 535 HOH A O     1 
HETATM 565 O  O     . HOH G 4 .  ? -11.660 -6.371  -4.967  1.00 30.60 ? 536 HOH A O     1 
HETATM 566 O  O     . HOH G 4 .  ? -10.755 15.565  -8.620  1.00 16.97 ? 537 HOH A O     1 
HETATM 567 O  O     . HOH G 4 .  ? -12.799 15.372  -10.658 1.00 19.32 ? 538 HOH A O     1 
HETATM 568 O  O     . HOH G 4 .  ? 4.624   -6.034  -5.478  1.00 43.60 ? 539 HOH A O     1 
HETATM 569 O  O     . HOH G 4 .  ? -4.642  -8.268  -4.793  1.00 21.33 ? 540 HOH A O     1 
HETATM 570 O  O     . HOH G 4 .  ? -9.160  14.775  -10.791 1.00 30.69 ? 541 HOH A O     1 
HETATM 571 O  O     . HOH G 4 .  ? 8.525   3.450   15.749  1.00 37.89 ? 542 HOH A O     1 
HETATM 572 O  O     . HOH G 4 .  ? 11.001  5.535   14.878  1.00 34.52 ? 543 HOH A O     1 
HETATM 573 O  O     . HOH G 4 .  ? 8.075   -1.987  19.251  1.00 38.53 ? 544 HOH A O     1 
HETATM 574 O  O     . HOH G 4 .  ? -0.312  -6.180  20.963  1.00 37.58 ? 545 HOH A O     1 
HETATM 575 O  O     . HOH G 4 .  ? 0.800   -0.257  15.413  1.00 39.45 ? 546 HOH A O     1 
HETATM 576 O  O     . HOH G 4 .  ? -12.163 6.659   -2.003  1.00 34.60 ? 547 HOH A O     1 
HETATM 577 O  O     . HOH G 4 .  ? 8.996   1.038   -7.062  1.00 37.19 ? 548 HOH A O     1 
HETATM 578 O  O     . HOH G 4 .  ? 7.191   -3.803  20.291  1.00 28.28 ? 549 HOH A O     1 
HETATM 579 O  O     . HOH G 4 .  ? -19.176 3.312   0.116   1.00 28.20 ? 550 HOH A O     1 
HETATM 580 O  O     . HOH G 4 .  ? -7.301  12.976  -14.441 1.00 33.79 ? 551 HOH A O     1 
HETATM 581 O  O     . HOH G 4 .  ? -10.473 13.914  -14.718 1.00 30.49 ? 552 HOH A O     1 
HETATM 582 O  O     . HOH G 4 .  ? 13.045  4.220   9.759   1.00 29.45 ? 553 HOH A O     1 
HETATM 583 O  O     . HOH G 4 .  ? -8.739  2.011   -0.420  1.00 22.86 ? 554 HOH A O     1 
HETATM 584 O  O     . HOH G 4 .  ? -9.605  7.443   -2.596  1.00 28.64 ? 555 HOH A O     1 
HETATM 585 O  O     . HOH G 4 .  ? -7.968  9.095   -3.008  1.00 30.22 ? 556 HOH A O     1 
HETATM 586 O  O     . HOH G 4 .  ? 10.934  1.993   -6.199  1.00 29.88 ? 557 HOH A O     1 
HETATM 587 O  O     . HOH G 4 .  ? 7.735   1.904   -8.668  1.00 30.95 ? 558 HOH A O     1 
HETATM 588 O  O     . HOH G 4 .  ? 13.303  6.385   10.551  1.00 29.42 ? 559 HOH A O     1 
HETATM 589 O  O     . HOH G 4 .  ? -17.864 4.502   -1.614  1.00 33.54 ? 560 HOH A O     1 
HETATM 590 O  O     . HOH G 4 .  ? -18.784 11.124  -6.251  1.00 31.76 ? 561 HOH A O     1 
HETATM 591 O  O     . HOH G 4 .  ? 10.104  3.715   17.602  1.00 30.24 ? 562 HOH A O     1 
HETATM 592 O  O     . HOH G 4 .  ? 6.987   5.829   7.610   1.00 34.28 ? 563 HOH A O     1 
HETATM 593 O  O     . HOH G 4 .  ? -2.867  -4.642  -0.645  1.00 33.37 ? 564 HOH A O     1 
HETATM 594 O  O     . HOH G 4 .  ? 1.567   -6.017  -5.743  1.00 19.95 ? 565 HOH A O     1 
HETATM 595 O  O     . HOH G 4 .  ? -6.218  -7.784  -10.500 1.00 42.71 ? 566 HOH A O     1 
HETATM 596 O  O     . HOH G 4 .  ? -7.843  -2.745  -0.182  1.00 38.33 ? 567 HOH A O     1 
HETATM 597 O  O     . HOH G 4 .  ? -10.102 -3.399  -1.356  1.00 30.98 ? 568 HOH A O     1 
HETATM 598 O  O     . HOH G 4 .  ? -7.552  9.686   -7.238  1.00 22.28 ? 569 HOH A O     1 
HETATM 599 O  O     . HOH G 4 .  ? 1.435   -3.128  13.276  1.00 23.53 ? 570 HOH A O     1 
HETATM 600 O  O     . HOH G 4 .  ? 13.001  3.224   -5.729  1.00 20.25 ? 571 HOH A O     1 
HETATM 601 O  O     . HOH G 4 .  ? 8.756   3.744   -4.721  1.00 28.67 ? 572 HOH A O     1 
HETATM 602 O  O     . HOH G 4 .  ? 9.420   -2.578  -1.123  1.00 17.03 ? 573 HOH A O     1 
HETATM 603 O  O     . HOH G 4 .  ? 13.451  -4.633  11.330  1.00 22.34 ? 574 HOH A O     1 
HETATM 604 O  O     . HOH G 4 .  ? 12.270  -3.797  13.550  1.00 18.36 ? 575 HOH A O     1 
HETATM 605 O  O     . HOH H 4 .  ? 3.025   2.631   -13.051 1.00 22.05 ? 201 HOH B O     1 
HETATM 606 O  O     . HOH H 4 .  ? -3.146  2.469   -9.249  1.00 19.28 ? 202 HOH B O     1 
HETATM 607 O  O     . HOH H 4 .  ? 2.997   -9.291  1.536   1.00 16.66 ? 203 HOH B O     1 
HETATM 608 O  O     . HOH H 4 .  ? -9.749  1.867   -13.267 1.00 15.46 ? 204 HOH B O     1 
HETATM 609 O  O     . HOH H 4 .  ? -3.626  8.293   -15.269 1.00 33.16 ? 205 HOH B O     1 
HETATM 610 O  O     . HOH H 4 .  ? 0.001   -2.519  10.353  1.00 20.08 ? 206 HOH B O     1 
HETATM 611 O  O     . HOH H 4 .  ? 9.473   -8.466  0.756   1.00 17.11 ? 207 HOH B O     1 
HETATM 612 O  O     . HOH H 4 .  ? 7.997   5.819   0.440   1.00 25.52 ? 208 HOH B O     1 
HETATM 613 O  O     . HOH H 4 .  ? 0.406   0.293   11.613  1.00 28.37 ? 209 HOH B O     1 
HETATM 614 O  O     . HOH H 4 .  ? -1.939  -1.836  11.747  1.00 33.49 ? 210 HOH B O     1 
HETATM 615 O  O     . HOH H 4 .  ? 6.213   7.532   -11.682 1.00 29.77 ? 211 HOH B O     1 
HETATM 616 O  O     . HOH H 4 .  ? 11.093  -7.714  6.975   1.00 21.21 ? 212 HOH B O     1 
HETATM 617 O  O     . HOH H 4 .  ? 4.889   4.685   -11.727 1.00 22.07 ? 213 HOH B O     1 
HETATM 618 O  O     . HOH H 4 .  ? 11.788  -6.245  9.569   1.00 22.02 ? 214 HOH B O     1 
HETATM 619 O  O     . HOH H 4 .  ? 8.155   -11.850 3.263   1.00 28.22 ? 215 HOH B O     1 
HETATM 620 O  O     . HOH H 4 .  ? -1.345  -5.778  2.401   1.00 23.94 ? 216 HOH B O     1 
HETATM 621 O  O     . HOH H 4 .  ? -4.807  -2.362  3.252   1.00 30.43 ? 217 HOH B O     1 
HETATM 622 O  O     . HOH H 4 .  ? -0.318  9.841   -10.170 1.00 24.18 ? 218 HOH B O     1 
HETATM 623 O  O     . HOH H 4 .  ? 6.921   3.925   -7.229  1.00 27.79 ? 219 HOH B O     1 
HETATM 624 O  O     . HOH H 4 .  ? 13.466  -9.155  5.858   1.00 36.88 ? 220 HOH B O     1 
HETATM 625 O  O     . HOH H 4 .  ? 5.956   5.624   -9.397  1.00 36.97 ? 221 HOH B O     1 
HETATM 626 O  O     . HOH H 4 .  ? 16.221  -8.696  9.550   1.00 33.68 ? 222 HOH B O     1 
HETATM 627 O  O     . HOH H 4 .  ? 1.523   -0.380  8.710   1.00 25.11 ? 223 HOH B O     1 
HETATM 628 O  O     . HOH H 4 .  ? 9.286   -9.613  4.349   1.00 23.38 ? 224 HOH B O     1 
HETATM 629 O  O     . HOH H 4 .  ? 7.417   7.308   -5.413  1.00 28.76 ? 225 HOH B O     1 
HETATM 630 O  O     . HOH H 4 .  ? -6.718  -0.372  3.828   1.00 33.72 ? 226 HOH B O     1 
HETATM 631 O  O     . HOH H 4 .  ? -0.216  2.801   11.874  1.00 39.01 ? 227 HOH B O     1 
HETATM 632 O  O     . HOH H 4 .  ? -2.792  -8.386  1.712   1.00 34.52 ? 228 HOH B O     1 
HETATM 633 O  O     . HOH H 4 .  ? 13.932  -9.911  0.013   1.00 37.50 ? 229 HOH B O     1 
HETATM 634 O  O     . HOH H 4 .  ? 6.165   5.389   -14.379 1.00 36.20 ? 230 HOH B O     1 
HETATM 635 O  O     . HOH H 4 .  ? -3.253  5.919   4.104   1.00 29.54 ? 231 HOH B O     1 
HETATM 636 O  O     . HOH H 4 .  ? -5.857  3.517   0.564   1.00 26.10 ? 232 HOH B O     1 
HETATM 637 O  O     . HOH H 4 .  ? -4.679  8.613   -19.052 1.00 22.44 ? 233 HOH B O     1 
HETATM 638 O  O     . HOH H 4 .  ? -1.400  10.592  -12.486 1.00 31.26 ? 234 HOH B O     1 
HETATM 639 O  O     . HOH H 4 .  ? 5.844   -13.778 1.477   1.00 30.88 ? 235 HOH B O     1 
HETATM 640 O  O     . HOH H 4 .  ? 7.964   -11.228 0.305   1.00 44.98 ? 236 HOH B O     1 
HETATM 641 O  O     . HOH H 4 .  ? 10.927  -10.524 0.652   1.00 32.71 ? 237 HOH B O     1 
HETATM 642 O  O     . HOH H 4 .  ? 2.519   -0.535  -11.393 1.00 30.03 ? 238 HOH B O     1 
HETATM 643 O  O     . HOH H 4 .  ? -5.065  10.457  -9.132  1.00 31.25 ? 239 HOH B O     1 
HETATM 644 O  O     . HOH H 4 .  ? -4.460  9.969   -11.663 1.00 22.04 ? 240 HOH B O     1 
HETATM 645 O  O     . HOH H 4 .  ? -0.407  13.228  -14.418 1.00 32.94 ? 241 HOH B O     1 
HETATM 646 O  O     . HOH H 4 .  ? 10.039  -6.018  0.617   1.00 34.86 ? 242 HOH B O     1 
HETATM 647 O  O     . HOH H 4 .  ? 6.031   8.251   -9.038  1.00 34.34 ? 243 HOH B O     1 
HETATM 648 O  O     . HOH H 4 .  ? 3.611   10.668  -8.462  1.00 30.19 ? 244 HOH B O     1 
HETATM 649 O  O     . HOH H 4 .  ? -1.451  11.816  -7.820  1.00 16.75 ? 245 HOH B O     1 
HETATM 650 O  O     . HOH H 4 .  ? 1.115   8.883   8.423   1.00 40.17 ? 246 HOH B O     1 
HETATM 651 O  O     . HOH H 4 .  ? -2.854  6.921   -20.191 1.00 37.61 ? 247 HOH B O     1 
HETATM 652 O  O     . HOH H 4 .  ? -6.745  10.610  -20.823 1.00 45.28 ? 248 HOH B O     1 
HETATM 653 O  O     . HOH H 4 .  ? -4.728  9.669   -16.891 1.00 27.84 ? 249 HOH B O     1 
HETATM 654 O  O     . HOH H 4 .  ? 16.601  -12.632 6.116   1.00 31.46 ? 250 HOH B O     1 
HETATM 655 O  O     . HOH H 4 .  ? -5.659  12.016  -6.228  1.00 31.91 ? 251 HOH B O     1 
HETATM 656 O  O     . HOH H 4 .  ? -4.146  11.587  -4.587  1.00 30.50 ? 252 HOH B O     1 
HETATM 657 O  O     . HOH H 4 .  ? -3.964  -3.433  0.944   1.00 31.68 ? 253 HOH B O     1 
HETATM 658 O  O     . HOH H 4 .  ? -5.332  1.005   5.793   1.00 27.83 ? 254 HOH B O     1 
HETATM 659 O  O     . HOH H 4 .  ? -5.917  11.559  -3.176  1.00 26.85 ? 255 HOH B O     1 
HETATM 660 O  O     . HOH H 4 .  ? -3.098  10.181  -6.581  1.00 28.69 ? 256 HOH B O     1 
HETATM 661 O  O     . HOH H 4 .  ? -5.380  9.340   -4.977  1.00 17.86 ? 257 HOH B O     1 
HETATM 662 O  O     . HOH H 4 .  ? -1.888  12.754  -4.475  1.00 35.53 ? 258 HOH B O     1 
HETATM 663 O  O     . HOH H 4 .  ? -5.905  7.712   -16.401 1.00 26.36 ? 259 HOH B O     1 
HETATM 664 O  O     . HOH H 4 .  ? 4.101   -10.921 3.170   1.00 29.63 ? 260 HOH B O     1 
# 
